data_4W8Y
#
_entry.id   4W8Y
#
_cell.length_a   62.400
_cell.length_b   167.925
_cell.length_c   100.908
_cell.angle_alpha   90.00
_cell.angle_beta   98.91
_cell.angle_gamma   90.00
#
_symmetry.space_group_name_H-M   'P 1 21 1'
#
loop_
_entity.id
_entity.type
_entity.pdbx_description
1 polymer 'CRISPR system Cmr subunit Cmr2'
2 non-polymer 'ZINC ION'
3 non-polymer 'MANGANESE (II) ION'
4 water water
#
_entity_poly.entity_id   1
_entity_poly.type   'polypeptide(L)'
_entity_poly.pdbx_seq_one_letter_code
;MHHHHHHENLYFQGAASMVNIKEKLFVYLHDPPDKALKIENHEERSKKILSSGNIQYSRTDKVKQADALSSKTQRFIIRT
KENKEPVIDFLGRSSGKYFHVGYPVFIHPISTEIKRYETLEKYIDLGRSNRGERFVNEFLERVSKLEGDVLKEVFEDASN
KFKGEESKQWAYIWQFYPVKLKEGVKEFAKSELKLKEEEAEKFAEEFVNLPADTRFPDHAIWTHLDLTSALSVKDPTLLR
IKIVPVQPFIANSRKQLDLWASSHLLSMLMYKALEVIVDKFGPEHVIYPSLRDQPFFLKFYLGENIGDEILVANLPNKAL
AIVSGKEAEKIEEEIKKRIRDFLLQLYREAVDWAVENGVVKVDRSEKDSMLKEAYLKIVREYFTVSITWVSLSEKEDIYQ
VTENAGLSDEDVKKWLKFAEKKENSRVLERIAIYPLLVKILDSLGERKVTEERFEKSEQLKGWKCHVCGENLAIFGDMYD
HDNLKSLWLDEEPLCPMCLIKRYYPVWIRSKTGQKIRFESVVDVALLYKNWRKIFDEKYGKDLVSKAREVSEDFVKDNML
VDSDLYYSSTWESGLSKKLKNKKEIDEEKVKEVVDFLNAAYKEIGNPPKYYAILVMDGDDMGKVISGEVLGEISTRIHPN
IRDYVEIPEAKYYSTPQVHVAISQALANFSIREVRSVVKDEGLLIYAGGDDVLAILPVDKALEVAYKIRKEFGKSFENGS
LLPGWKLSAGILIVHYKHPLYDALEKARDLLNNKAKNVPGKDTLAIGLLKRSGSYYISLVGWELIRVFYNSELRKKLLEE
KGGVGKRFIYHVLREVDTWPKVGIDEMLKFEVIRHIRGRNKEETKELREKIYGEIKDLLEHVRGNNEVEKVRGLFTFLKI
ITDAEVFP
;
_entity_poly.pdbx_strand_id   A,B
#
# COMPACT_ATOMS: atom_id res chain seq x y z
N MET A 18 17.95 30.95 32.35
CA MET A 18 18.05 30.70 33.79
C MET A 18 17.59 29.29 34.13
N VAL A 19 17.97 28.34 33.29
CA VAL A 19 17.48 26.96 33.41
C VAL A 19 18.55 26.02 33.98
N ASN A 20 18.26 25.43 35.14
CA ASN A 20 19.09 24.38 35.70
C ASN A 20 18.42 23.02 35.53
N ILE A 21 19.05 22.16 34.74
CA ILE A 21 18.44 20.94 34.24
C ILE A 21 18.08 19.91 35.33
N LYS A 22 18.89 19.83 36.39
CA LYS A 22 18.67 18.85 37.45
C LYS A 22 17.39 19.15 38.23
N GLU A 23 17.31 20.37 38.74
CA GLU A 23 16.15 20.82 39.50
C GLU A 23 14.90 20.74 38.64
N LYS A 24 15.04 21.10 37.37
CA LYS A 24 13.91 21.03 36.45
C LYS A 24 13.44 19.59 36.29
N LEU A 25 14.38 18.66 36.18
CA LEU A 25 14.02 17.25 36.04
C LEU A 25 13.32 16.74 37.30
N PHE A 26 13.75 17.25 38.45
CA PHE A 26 13.12 16.85 39.72
C PHE A 26 11.69 17.37 39.85
N VAL A 27 11.52 18.69 39.70
CA VAL A 27 10.22 19.31 39.87
C VAL A 27 9.25 18.84 38.78
N TYR A 28 9.78 18.55 37.60
CA TYR A 28 8.96 18.01 36.52
C TYR A 28 8.51 16.60 36.84
N LEU A 29 9.45 15.74 37.21
CA LEU A 29 9.12 14.35 37.51
C LEU A 29 8.85 14.13 38.99
N HIS A 30 8.23 15.13 39.64
CA HIS A 30 7.75 14.97 41.01
C HIS A 30 6.78 13.79 41.09
N ASP A 31 6.00 13.61 40.04
CA ASP A 31 5.14 12.45 39.90
C ASP A 31 5.66 11.61 38.74
N PRO A 32 5.49 10.29 38.83
CA PRO A 32 5.99 9.42 37.76
C PRO A 32 4.99 9.34 36.60
N PRO A 33 5.48 9.01 35.39
CA PRO A 33 4.59 8.85 34.25
C PRO A 33 3.57 7.73 34.50
N ASP A 34 3.97 6.75 35.30
CA ASP A 34 3.13 5.59 35.56
C ASP A 34 2.38 5.74 36.88
N LYS A 35 2.01 6.98 37.21
CA LYS A 35 1.27 7.28 38.43
C LYS A 35 -0.07 6.56 38.41
N ALA A 36 -0.63 6.39 37.21
CA ALA A 36 -1.92 5.73 37.04
C ALA A 36 -1.79 4.26 37.40
N LEU A 37 -0.64 3.67 37.09
CA LEU A 37 -0.40 2.23 37.31
C LEU A 37 -0.46 1.88 38.78
N LYS A 38 0.17 2.71 39.61
CA LYS A 38 0.04 2.59 41.06
C LYS A 38 0.09 3.95 41.75
N ILE A 39 -0.88 4.20 42.61
CA ILE A 39 -0.96 5.47 43.32
C ILE A 39 -0.19 5.31 44.63
N GLU A 40 -0.05 4.06 45.08
CA GLU A 40 0.61 3.80 46.35
C GLU A 40 2.13 3.96 46.21
N ASN A 41 2.69 4.89 46.98
CA ASN A 41 4.14 5.10 47.05
C ASN A 41 4.75 5.50 45.71
N HIS A 42 3.99 6.29 44.94
CA HIS A 42 4.43 6.74 43.62
C HIS A 42 5.69 7.61 43.70
N GLU A 43 5.83 8.34 44.80
CA GLU A 43 7.01 9.17 45.03
C GLU A 43 8.28 8.32 44.97
N GLU A 44 8.16 7.08 45.45
CA GLU A 44 9.30 6.16 45.47
C GLU A 44 9.78 5.82 44.06
N ARG A 45 8.81 5.56 43.17
CA ARG A 45 9.14 5.28 41.79
C ARG A 45 9.75 6.51 41.14
N SER A 46 9.24 7.69 41.50
CA SER A 46 9.82 8.92 40.98
C SER A 46 11.27 9.04 41.45
N LYS A 47 11.51 8.61 42.69
CA LYS A 47 12.85 8.61 43.27
C LYS A 47 13.77 7.67 42.50
N LYS A 48 13.23 6.54 42.06
CA LYS A 48 14.02 5.61 41.25
C LYS A 48 14.33 6.17 39.86
N ILE A 49 13.34 6.79 39.21
CA ILE A 49 13.56 7.36 37.89
C ILE A 49 14.61 8.46 37.96
N LEU A 50 14.47 9.31 38.96
CA LEU A 50 15.40 10.42 39.17
C LEU A 50 16.76 9.95 39.66
N SER A 51 16.81 8.74 40.23
CA SER A 51 18.05 8.18 40.79
C SER A 51 19.17 8.09 39.76
N SER A 52 18.80 7.80 38.52
CA SER A 52 19.78 7.81 37.43
C SER A 52 20.35 9.22 37.26
N GLY A 53 19.50 10.23 37.40
CA GLY A 53 19.91 11.61 37.27
C GLY A 53 20.46 12.24 38.55
N ASN A 54 19.55 12.56 39.47
CA ASN A 54 19.93 13.19 40.73
C ASN A 54 19.07 12.74 41.91
N ILE A 55 19.15 13.46 43.02
CA ILE A 55 18.44 13.06 44.23
C ILE A 55 17.19 13.90 44.47
N GLN A 56 16.08 13.20 44.72
CA GLN A 56 14.80 13.84 44.97
C GLN A 56 14.67 14.26 46.42
N ASP A 61 9.52 22.14 49.41
CA ASP A 61 10.21 22.83 48.31
C ASP A 61 9.22 23.57 47.41
N LYS A 62 9.67 23.90 46.21
CA LYS A 62 8.87 24.63 45.23
C LYS A 62 7.68 23.77 44.78
N VAL A 63 7.92 22.47 44.67
CA VAL A 63 6.91 21.52 44.23
C VAL A 63 5.70 21.53 45.16
N LYS A 64 5.93 21.80 46.44
CA LYS A 64 4.85 21.90 47.41
C LYS A 64 3.93 23.07 47.08
N GLN A 65 4.55 24.22 46.77
CA GLN A 65 3.81 25.42 46.42
C GLN A 65 3.04 25.22 45.11
N ALA A 66 3.70 24.58 44.15
CA ALA A 66 3.07 24.27 42.87
C ALA A 66 1.87 23.36 43.06
N ASP A 67 2.02 22.36 43.92
CA ASP A 67 0.96 21.40 44.20
C ASP A 67 -0.21 22.08 44.89
N ALA A 68 0.10 23.04 45.75
CA ALA A 68 -0.95 23.79 46.44
C ALA A 68 -1.72 24.66 45.44
N LEU A 69 -0.98 25.30 44.55
CA LEU A 69 -1.57 26.17 43.53
C LEU A 69 -2.45 25.38 42.57
N SER A 70 -2.01 24.15 42.26
CA SER A 70 -2.81 23.25 41.44
C SER A 70 -4.06 22.82 42.21
N SER A 71 -3.88 22.57 43.51
CA SER A 71 -4.98 22.17 44.39
C SER A 71 -6.04 23.26 44.53
N LYS A 72 -5.65 24.51 44.34
CA LYS A 72 -6.59 25.62 44.41
C LYS A 72 -7.57 25.64 43.24
N THR A 73 -7.16 25.03 42.13
CA THR A 73 -8.00 24.99 40.94
C THR A 73 -9.05 23.88 41.05
N GLN A 74 -8.82 22.94 41.95
CA GLN A 74 -9.72 21.81 42.14
C GLN A 74 -11.08 22.25 42.65
N ARG A 75 -12.13 21.66 42.08
CA ARG A 75 -13.50 21.99 42.47
C ARG A 75 -14.24 20.77 42.99
N PHE A 76 -13.65 20.12 43.99
CA PHE A 76 -14.25 18.91 44.55
C PHE A 76 -13.81 18.67 45.99
N ILE A 77 -14.67 18.00 46.75
CA ILE A 77 -14.34 17.55 48.09
C ILE A 77 -14.70 16.07 48.22
N ILE A 78 -13.69 15.21 48.27
CA ILE A 78 -13.93 13.78 48.33
C ILE A 78 -14.50 13.40 49.69
N ARG A 79 -15.66 12.76 49.68
CA ARG A 79 -16.35 12.38 50.92
C ARG A 79 -15.82 11.05 51.47
N GLU A 85 -11.34 6.71 52.14
CA GLU A 85 -11.05 7.45 50.92
C GLU A 85 -10.94 6.51 49.73
N PRO A 86 -11.73 6.77 48.68
CA PRO A 86 -11.72 5.91 47.50
C PRO A 86 -10.44 6.07 46.69
N VAL A 87 -10.04 4.99 46.01
CA VAL A 87 -8.85 5.01 45.17
C VAL A 87 -9.16 4.28 43.87
N ILE A 88 -8.63 4.79 42.77
CA ILE A 88 -8.76 4.12 41.49
C ILE A 88 -7.37 3.87 40.94
N ASP A 89 -7.09 2.60 40.64
CA ASP A 89 -5.74 2.18 40.34
C ASP A 89 -5.71 0.82 39.65
N PHE A 90 -4.71 0.61 38.78
CA PHE A 90 -4.53 -0.68 38.11
C PHE A 90 -4.06 -1.72 39.12
N LEU A 91 -3.19 -1.30 40.04
CA LEU A 91 -2.56 -2.21 40.99
C LEU A 91 -2.89 -1.88 42.45
N GLY A 92 -4.10 -1.41 42.70
CA GLY A 92 -4.50 -0.95 44.02
C GLY A 92 -5.07 -1.96 44.98
N ARG A 93 -5.01 -1.62 46.26
CA ARG A 93 -5.58 -2.41 47.33
C ARG A 93 -6.28 -1.48 48.33
N PHE A 99 -10.37 2.70 49.73
CA PHE A 99 -11.05 1.55 49.16
C PHE A 99 -11.01 1.58 47.63
N HIS A 100 -10.46 0.53 47.04
CA HIS A 100 -10.30 0.44 45.58
C HIS A 100 -11.64 0.44 44.86
N VAL A 101 -11.76 1.27 43.82
CA VAL A 101 -13.03 1.43 43.11
C VAL A 101 -12.93 1.02 41.64
N GLY A 102 -11.95 0.19 41.31
CA GLY A 102 -11.86 -0.37 39.97
C GLY A 102 -10.82 0.28 39.08
N TYR A 103 -10.61 -0.30 37.90
CA TYR A 103 -9.64 0.21 36.93
C TYR A 103 -9.97 1.63 36.46
N PRO A 104 -8.93 2.40 36.11
CA PRO A 104 -9.14 3.77 35.60
C PRO A 104 -9.28 3.82 34.09
N VAL A 105 -10.11 4.76 33.62
CA VAL A 105 -10.33 4.94 32.20
C VAL A 105 -9.94 6.37 31.85
N PHE A 106 -10.12 6.76 30.60
CA PHE A 106 -9.85 8.12 30.18
C PHE A 106 -11.10 8.76 29.61
N ILE A 107 -11.36 10.00 30.00
CA ILE A 107 -12.53 10.72 29.51
C ILE A 107 -12.11 11.97 28.74
N HIS A 108 -12.58 12.09 27.51
CA HIS A 108 -12.25 13.24 26.68
C HIS A 108 -12.87 14.50 27.25
N PRO A 109 -12.07 15.58 27.37
CA PRO A 109 -12.51 16.84 27.98
C PRO A 109 -13.72 17.43 27.28
N ILE A 110 -13.68 17.47 25.96
CA ILE A 110 -14.74 18.06 25.16
C ILE A 110 -15.84 17.05 24.85
N SER A 111 -15.43 15.89 24.35
CA SER A 111 -16.35 14.83 23.93
C SER A 111 -17.14 14.22 25.08
N THR A 112 -16.46 14.04 26.21
CA THR A 112 -16.93 13.24 27.35
C THR A 112 -17.02 11.79 26.91
N GLU A 113 -16.28 11.45 25.86
CA GLU A 113 -16.21 10.09 25.35
C GLU A 113 -15.22 9.27 26.16
N ILE A 114 -15.61 8.06 26.54
CA ILE A 114 -14.77 7.25 27.41
C ILE A 114 -13.86 6.34 26.60
N LYS A 115 -12.57 6.39 26.90
CA LYS A 115 -11.57 5.55 26.26
C LYS A 115 -10.98 4.61 27.30
N ARG A 116 -11.06 3.31 27.04
CA ARG A 116 -10.59 2.32 28.00
C ARG A 116 -9.23 1.76 27.54
N TYR A 117 -8.36 1.51 28.50
CA TYR A 117 -7.04 0.94 28.20
C TYR A 117 -7.15 -0.57 28.08
N GLU A 118 -7.68 -1.03 26.95
CA GLU A 118 -8.01 -2.44 26.73
C GLU A 118 -6.84 -3.40 26.93
N THR A 119 -5.75 -3.17 26.20
CA THR A 119 -4.60 -4.07 26.24
C THR A 119 -3.95 -4.10 27.62
N LEU A 120 -3.75 -2.91 28.19
CA LEU A 120 -3.20 -2.75 29.54
C LEU A 120 -4.08 -3.49 30.55
N GLU A 121 -5.38 -3.29 30.43
CA GLU A 121 -6.36 -3.94 31.28
C GLU A 121 -6.25 -5.46 31.21
N LYS A 122 -6.18 -5.99 30.00
CA LYS A 122 -6.08 -7.43 29.77
C LYS A 122 -4.81 -8.02 30.38
N TYR A 123 -3.67 -7.41 30.06
CA TYR A 123 -2.38 -7.90 30.55
C TYR A 123 -2.31 -7.84 32.08
N ILE A 124 -2.80 -6.73 32.63
CA ILE A 124 -2.80 -6.56 34.09
C ILE A 124 -3.69 -7.60 34.75
N ASP A 125 -4.86 -7.83 34.18
CA ASP A 125 -5.78 -8.83 34.69
C ASP A 125 -5.20 -10.23 34.70
N LEU A 126 -4.62 -10.64 33.56
CA LEU A 126 -4.00 -11.96 33.46
C LEU A 126 -2.82 -12.12 34.42
N GLY A 127 -2.01 -11.08 34.54
CA GLY A 127 -0.87 -11.12 35.45
C GLY A 127 -1.31 -11.25 36.90
N ARG A 128 -2.34 -10.48 37.26
CA ARG A 128 -2.88 -10.52 38.61
C ARG A 128 -3.48 -11.88 38.91
N SER A 129 -4.12 -12.47 37.90
CA SER A 129 -4.70 -13.80 38.05
C SER A 129 -3.62 -14.85 38.27
N ASN A 130 -2.52 -14.75 37.53
CA ASN A 130 -1.45 -15.75 37.62
C ASN A 130 -0.55 -15.64 38.85
N ARG A 131 -0.02 -14.45 39.13
CA ARG A 131 0.98 -14.34 40.20
C ARG A 131 0.62 -13.32 41.28
N GLY A 132 -0.48 -12.59 41.08
CA GLY A 132 -0.93 -11.60 42.04
C GLY A 132 0.06 -10.50 42.42
N GLU A 133 0.17 -10.26 43.73
CA GLU A 133 0.96 -9.15 44.27
C GLU A 133 2.43 -9.19 43.88
N ARG A 134 3.00 -10.40 43.81
CA ARG A 134 4.40 -10.56 43.42
C ARG A 134 4.62 -10.02 42.03
N PHE A 135 3.70 -10.36 41.13
CA PHE A 135 3.70 -9.84 39.77
C PHE A 135 3.63 -8.32 39.79
N VAL A 136 2.81 -7.78 40.69
CA VAL A 136 2.64 -6.35 40.80
C VAL A 136 3.96 -5.66 41.12
N ASN A 137 4.60 -6.07 42.22
CA ASN A 137 5.86 -5.46 42.62
C ASN A 137 6.98 -5.65 41.59
N GLU A 138 7.09 -6.86 41.06
CA GLU A 138 8.12 -7.14 40.05
C GLU A 138 7.92 -6.30 38.79
N PHE A 139 6.68 -6.22 38.33
CA PHE A 139 6.35 -5.45 37.13
C PHE A 139 6.63 -3.97 37.34
N LEU A 140 6.22 -3.45 38.50
CA LEU A 140 6.47 -2.05 38.82
C LEU A 140 7.97 -1.76 38.83
N GLU A 141 8.74 -2.66 39.43
CA GLU A 141 10.19 -2.48 39.49
C GLU A 141 10.79 -2.48 38.09
N ARG A 142 10.25 -3.32 37.22
CA ARG A 142 10.73 -3.40 35.84
C ARG A 142 10.39 -2.13 35.05
N VAL A 143 9.13 -1.71 35.12
CA VAL A 143 8.66 -0.52 34.41
C VAL A 143 9.44 0.71 34.85
N SER A 144 9.60 0.87 36.16
CA SER A 144 10.37 1.98 36.69
C SER A 144 11.83 1.91 36.22
N LYS A 145 12.35 0.69 36.13
CA LYS A 145 13.72 0.51 35.62
C LYS A 145 13.83 0.98 34.17
N LEU A 146 12.81 0.66 33.37
CA LEU A 146 12.79 1.07 31.96
C LEU A 146 12.67 2.57 31.80
N GLU A 147 11.76 3.18 32.55
CA GLU A 147 11.57 4.63 32.50
C GLU A 147 12.86 5.33 32.91
N GLY A 148 13.52 4.80 33.95
CA GLY A 148 14.79 5.34 34.38
C GLY A 148 15.86 5.24 33.29
N ASP A 149 15.92 4.08 32.64
CA ASP A 149 16.86 3.86 31.55
C ASP A 149 16.66 4.88 30.42
N VAL A 150 15.45 4.94 29.90
CA VAL A 150 15.12 5.87 28.83
C VAL A 150 15.43 7.32 29.22
N LEU A 151 15.06 7.70 30.44
CA LEU A 151 15.34 9.04 30.95
C LEU A 151 16.85 9.31 30.90
N LYS A 152 17.63 8.36 31.37
CA LYS A 152 19.10 8.46 31.34
C LYS A 152 19.64 8.65 29.92
N GLU A 153 19.20 7.78 29.01
CA GLU A 153 19.66 7.85 27.62
C GLU A 153 19.33 9.19 26.97
N VAL A 154 18.10 9.65 27.15
CA VAL A 154 17.65 10.93 26.61
C VAL A 154 18.48 12.07 27.18
N PHE A 155 18.70 12.02 28.50
CA PHE A 155 19.53 13.02 29.17
C PHE A 155 20.93 13.07 28.56
N GLU A 156 21.49 11.89 28.30
CA GLU A 156 22.81 11.77 27.69
C GLU A 156 22.83 12.41 26.30
N ASP A 157 21.82 12.11 25.49
CA ASP A 157 21.69 12.70 24.16
C ASP A 157 21.62 14.22 24.23
N ALA A 158 20.87 14.73 25.20
CA ALA A 158 20.74 16.17 25.41
C ALA A 158 22.07 16.81 25.74
N SER A 159 22.79 16.23 26.71
CA SER A 159 24.08 16.75 27.11
C SER A 159 25.13 16.67 26.00
N ASN A 160 24.99 15.67 25.13
CA ASN A 160 25.90 15.50 24.01
C ASN A 160 25.64 16.49 22.87
N LYS A 161 24.36 16.71 22.57
CA LYS A 161 23.97 17.55 21.44
C LYS A 161 24.07 19.04 21.77
N PHE A 162 23.69 19.40 22.99
CA PHE A 162 23.69 20.80 23.42
C PHE A 162 24.54 20.98 24.68
N LYS A 163 25.86 20.88 24.52
CA LYS A 163 26.79 20.95 25.64
C LYS A 163 26.75 22.30 26.36
N GLY A 164 26.78 23.38 25.59
CA GLY A 164 26.82 24.72 26.15
C GLY A 164 25.53 25.20 26.81
N GLU A 165 24.41 24.95 26.15
CA GLU A 165 23.13 25.56 26.55
C GLU A 165 22.17 24.57 27.21
N GLU A 166 21.83 24.86 28.47
CA GLU A 166 20.91 24.02 29.24
C GLU A 166 19.47 24.12 28.72
N SER A 167 19.11 25.30 28.19
CA SER A 167 17.75 25.53 27.70
C SER A 167 17.38 24.58 26.56
N LYS A 168 18.28 24.46 25.59
CA LYS A 168 18.08 23.55 24.47
C LYS A 168 18.08 22.09 24.95
N GLN A 169 18.89 21.81 25.97
CA GLN A 169 18.93 20.49 26.57
C GLN A 169 17.56 20.09 27.12
N TRP A 170 17.03 20.95 27.98
CA TRP A 170 15.74 20.72 28.60
C TRP A 170 14.63 20.65 27.56
N ALA A 171 14.72 21.51 26.55
CA ALA A 171 13.76 21.48 25.46
C ALA A 171 13.77 20.11 24.78
N TYR A 172 14.96 19.61 24.49
CA TYR A 172 15.14 18.32 23.84
C TYR A 172 14.56 17.20 24.68
N ILE A 173 14.87 17.22 25.98
CA ILE A 173 14.40 16.18 26.89
C ILE A 173 12.87 16.20 27.00
N TRP A 174 12.31 17.36 27.30
CA TRP A 174 10.87 17.54 27.41
C TRP A 174 10.14 17.12 26.14
N GLN A 175 10.75 17.40 24.99
CA GLN A 175 10.16 17.05 23.71
C GLN A 175 10.19 15.55 23.43
N PHE A 176 11.37 14.93 23.57
CA PHE A 176 11.55 13.56 23.09
C PHE A 176 11.38 12.48 24.15
N TYR A 177 11.19 12.87 25.41
CA TYR A 177 11.07 11.87 26.47
C TYR A 177 9.87 10.93 26.27
N PRO A 178 8.65 11.46 26.05
CA PRO A 178 7.53 10.51 25.88
C PRO A 178 7.68 9.66 24.62
N VAL A 179 8.38 10.18 23.62
CA VAL A 179 8.60 9.47 22.37
C VAL A 179 9.54 8.28 22.57
N LYS A 180 10.72 8.56 23.11
CA LYS A 180 11.70 7.53 23.39
C LYS A 180 11.14 6.51 24.38
N LEU A 181 10.33 7.00 25.31
CA LEU A 181 9.64 6.13 26.26
C LEU A 181 8.67 5.23 25.54
N LYS A 182 7.97 5.77 24.55
CA LYS A 182 7.02 4.97 23.76
C LYS A 182 7.74 3.88 22.97
N GLU A 183 8.89 4.23 22.39
CA GLU A 183 9.68 3.26 21.64
C GLU A 183 10.23 2.17 22.56
N GLY A 184 10.70 2.57 23.74
CA GLY A 184 11.27 1.65 24.70
C GLY A 184 10.23 0.69 25.28
N VAL A 185 9.03 1.21 25.53
CA VAL A 185 7.94 0.40 26.05
C VAL A 185 7.43 -0.53 24.96
N LYS A 186 7.43 -0.06 23.72
CA LYS A 186 7.05 -0.91 22.59
C LYS A 186 8.04 -2.06 22.45
N GLU A 187 9.33 -1.77 22.63
CA GLU A 187 10.37 -2.80 22.57
C GLU A 187 10.22 -3.79 23.73
N PHE A 188 9.94 -3.26 24.91
CA PHE A 188 9.72 -4.08 26.10
C PHE A 188 8.55 -5.05 25.92
N ALA A 189 7.45 -4.54 25.34
CA ALA A 189 6.27 -5.34 25.11
C ALA A 189 6.48 -6.38 24.00
N LYS A 190 7.16 -5.97 22.93
CA LYS A 190 7.40 -6.85 21.79
C LYS A 190 8.39 -7.97 22.12
N SER A 191 9.40 -7.66 22.92
CA SER A 191 10.46 -8.62 23.20
C SER A 191 10.23 -9.39 24.49
N GLU A 192 10.24 -8.68 25.62
CA GLU A 192 10.15 -9.31 26.92
C GLU A 192 8.77 -9.90 27.20
N LEU A 193 7.72 -9.22 26.76
CA LEU A 193 6.35 -9.68 27.02
C LEU A 193 5.81 -10.46 25.83
N LYS A 194 6.62 -10.57 24.79
CA LYS A 194 6.30 -11.34 23.59
C LYS A 194 4.92 -11.04 23.02
N LEU A 195 4.60 -9.76 22.85
CA LEU A 195 3.32 -9.36 22.28
C LEU A 195 3.45 -9.07 20.78
N LYS A 196 2.35 -9.26 20.05
CA LYS A 196 2.32 -8.97 18.62
C LYS A 196 2.59 -7.49 18.37
N GLU A 197 2.90 -7.14 17.12
CA GLU A 197 3.23 -5.77 16.75
C GLU A 197 2.10 -4.79 17.10
N GLU A 198 0.88 -5.14 16.70
CA GLU A 198 -0.28 -4.30 16.98
C GLU A 198 -0.53 -4.16 18.47
N GLU A 199 -0.48 -5.28 19.18
CA GLU A 199 -0.70 -5.30 20.61
C GLU A 199 0.37 -4.51 21.35
N ALA A 200 1.60 -4.55 20.83
CA ALA A 200 2.70 -3.82 21.43
C ALA A 200 2.52 -2.32 21.22
N GLU A 201 2.18 -1.94 19.99
CA GLU A 201 1.91 -0.54 19.69
C GLU A 201 0.80 0.01 20.57
N LYS A 202 -0.27 -0.76 20.72
CA LYS A 202 -1.37 -0.36 21.59
C LYS A 202 -0.91 -0.26 23.04
N PHE A 203 -0.07 -1.20 23.46
CA PHE A 203 0.42 -1.23 24.82
C PHE A 203 1.21 0.03 25.15
N ALA A 204 2.09 0.41 24.22
CA ALA A 204 2.92 1.60 24.42
C ALA A 204 2.08 2.87 24.37
N GLU A 205 1.23 2.98 23.36
CA GLU A 205 0.40 4.18 23.20
C GLU A 205 -0.53 4.38 24.40
N GLU A 206 -0.96 3.28 25.00
CA GLU A 206 -1.82 3.35 26.18
C GLU A 206 -1.00 3.63 27.44
N PHE A 207 0.25 3.16 27.44
CA PHE A 207 1.15 3.38 28.56
C PHE A 207 1.54 4.86 28.69
N VAL A 208 1.87 5.48 27.56
CA VAL A 208 2.34 6.87 27.56
C VAL A 208 1.19 7.84 27.88
N ASN A 209 -0.02 7.48 27.49
CA ASN A 209 -1.17 8.37 27.65
C ASN A 209 -2.02 8.04 28.88
N LEU A 210 -1.38 7.64 29.97
CA LEU A 210 -2.09 7.39 31.23
C LEU A 210 -2.58 8.70 31.84
N PRO A 211 -3.68 8.64 32.61
CA PRO A 211 -4.21 9.87 33.22
C PRO A 211 -3.32 10.39 34.35
N ALA A 212 -3.58 11.60 34.80
CA ALA A 212 -2.83 12.18 35.90
C ALA A 212 -3.60 11.99 37.20
N ASP A 213 -4.90 12.23 37.12
CA ASP A 213 -5.80 11.99 38.24
C ASP A 213 -6.85 10.98 37.82
N THR A 214 -6.77 9.78 38.37
CA THR A 214 -7.67 8.70 37.98
C THR A 214 -9.12 9.04 38.26
N ARG A 215 -9.33 9.91 39.24
CA ARG A 215 -10.67 10.35 39.61
C ARG A 215 -11.27 11.24 38.52
N PHE A 216 -10.46 12.16 37.99
CA PHE A 216 -10.89 13.05 36.92
C PHE A 216 -9.93 12.97 35.74
N PRO A 217 -10.07 11.93 34.91
CA PRO A 217 -9.15 11.67 33.80
C PRO A 217 -9.36 12.60 32.60
N ASP A 218 -9.49 13.89 32.86
CA ASP A 218 -9.65 14.88 31.81
C ASP A 218 -8.38 15.00 31.00
N HIS A 219 -7.24 14.97 31.70
CA HIS A 219 -5.95 15.25 31.11
C HIS A 219 -4.95 14.12 31.33
N ALA A 220 -3.96 14.02 30.45
CA ALA A 220 -2.89 13.05 30.61
C ALA A 220 -1.90 13.50 31.68
N ILE A 221 -0.99 12.61 32.06
CA ILE A 221 -0.03 12.89 33.12
C ILE A 221 0.95 13.99 32.72
N TRP A 222 1.30 14.02 31.44
CA TRP A 222 2.30 14.94 30.92
C TRP A 222 1.88 16.39 31.12
N THR A 223 0.59 16.68 30.92
CA THR A 223 0.10 18.05 31.09
C THR A 223 0.18 18.47 32.56
N HIS A 224 -0.04 17.50 33.45
CA HIS A 224 0.11 17.74 34.88
C HIS A 224 1.55 18.04 35.27
N LEU A 225 2.47 17.27 34.69
CA LEU A 225 3.90 17.49 34.92
C LEU A 225 4.30 18.88 34.42
N ASP A 226 3.77 19.24 33.25
CA ASP A 226 4.01 20.54 32.64
C ASP A 226 3.53 21.66 33.57
N LEU A 227 2.34 21.48 34.13
CA LEU A 227 1.79 22.48 35.05
C LEU A 227 2.53 22.59 36.37
N THR A 228 2.98 21.47 36.91
CA THR A 228 3.75 21.50 38.15
C THR A 228 5.06 22.26 37.92
N SER A 229 5.74 21.90 36.83
CA SER A 229 6.99 22.55 36.47
C SER A 229 6.80 24.04 36.20
N ALA A 230 5.69 24.39 35.57
CA ALA A 230 5.38 25.78 35.28
C ALA A 230 5.13 26.57 36.55
N LEU A 231 4.38 25.98 37.48
CA LEU A 231 3.98 26.69 38.68
C LEU A 231 4.99 26.55 39.81
N SER A 232 6.12 25.90 39.55
CA SER A 232 7.14 25.72 40.57
C SER A 232 8.02 26.96 40.72
N VAL A 233 7.73 28.00 39.94
CA VAL A 233 8.55 29.20 39.96
C VAL A 233 7.97 30.26 40.90
N LYS A 234 8.81 31.16 41.37
CA LYS A 234 8.37 32.21 42.30
C LYS A 234 7.40 33.18 41.64
N ASP A 235 6.25 33.37 42.28
CA ASP A 235 5.17 34.22 41.76
C ASP A 235 4.85 33.93 40.30
N PRO A 236 4.31 32.74 40.01
CA PRO A 236 3.95 32.42 38.63
C PRO A 236 2.81 33.30 38.14
N THR A 237 2.93 33.84 36.94
CA THR A 237 1.90 34.69 36.36
C THR A 237 1.51 34.23 34.97
N LEU A 238 0.31 34.64 34.56
CA LEU A 238 -0.23 34.31 33.26
C LEU A 238 0.08 35.42 32.26
N LEU A 239 0.70 35.04 31.15
CA LEU A 239 1.15 35.96 30.11
C LEU A 239 0.40 35.72 28.78
N ARG A 240 -0.17 36.77 28.23
CA ARG A 240 -0.93 36.69 26.98
C ARG A 240 -0.28 37.59 25.91
N ILE A 241 0.01 36.98 24.76
CA ILE A 241 0.65 37.69 23.66
C ILE A 241 -0.24 37.74 22.43
N LYS A 242 -0.38 38.92 21.82
CA LYS A 242 -1.11 39.03 20.57
C LYS A 242 -0.36 39.89 19.57
N ILE A 243 -0.24 39.39 18.35
CA ILE A 243 0.43 40.14 17.29
C ILE A 243 -0.60 40.52 16.23
N VAL A 244 -0.71 41.81 15.94
CA VAL A 244 -1.65 42.31 14.96
C VAL A 244 -0.87 43.18 13.97
N PRO A 245 -1.43 43.43 12.77
CA PRO A 245 -2.68 42.95 12.20
C PRO A 245 -2.51 41.66 11.41
N VAL A 246 -3.47 40.76 11.50
CA VAL A 246 -3.43 39.53 10.72
C VAL A 246 -4.01 39.76 9.33
N GLN A 247 -5.28 40.17 9.28
CA GLN A 247 -5.99 40.26 8.01
C GLN A 247 -5.46 41.33 7.05
N PRO A 248 -5.20 42.57 7.53
CA PRO A 248 -4.65 43.56 6.60
C PRO A 248 -3.33 43.14 5.96
N PHE A 249 -2.54 42.34 6.69
CA PHE A 249 -1.26 41.84 6.18
C PHE A 249 -1.43 40.64 5.27
N ILE A 250 -2.31 39.72 5.68
CA ILE A 250 -2.49 38.45 4.98
C ILE A 250 -3.43 38.56 3.77
N ALA A 251 -4.62 39.09 4.00
CA ALA A 251 -5.67 39.09 2.99
C ALA A 251 -5.38 40.07 1.84
N ASN A 252 -4.39 40.93 2.03
CA ASN A 252 -4.03 41.91 1.01
C ASN A 252 -2.97 41.36 0.05
N SER A 253 -3.11 40.10 -0.32
CA SER A 253 -2.14 39.45 -1.21
C SER A 253 -2.60 39.40 -2.65
N ARG A 254 -1.67 39.59 -3.58
CA ARG A 254 -2.01 39.54 -5.00
C ARG A 254 -1.60 38.21 -5.64
N LYS A 255 -0.66 37.54 -4.98
CA LYS A 255 -0.15 36.25 -5.45
C LYS A 255 -0.26 35.21 -4.35
N GLN A 256 -0.29 33.94 -4.74
CA GLN A 256 -0.37 32.84 -3.78
C GLN A 256 0.90 32.79 -2.94
N LEU A 257 2.02 33.03 -3.60
CA LEU A 257 3.31 33.06 -2.94
C LEU A 257 3.35 34.15 -1.88
N ASP A 258 2.77 35.31 -2.17
CA ASP A 258 2.72 36.41 -1.21
C ASP A 258 1.82 36.09 -0.02
N LEU A 259 0.74 35.38 -0.30
CA LEU A 259 -0.19 34.95 0.74
C LEU A 259 0.50 34.00 1.71
N TRP A 260 1.08 32.95 1.15
CA TRP A 260 1.83 31.97 1.93
C TRP A 260 2.93 32.67 2.72
N ALA A 261 3.65 33.56 2.06
CA ALA A 261 4.75 34.29 2.71
C ALA A 261 4.24 35.08 3.90
N SER A 262 3.09 35.73 3.75
CA SER A 262 2.52 36.53 4.82
C SER A 262 2.16 35.67 6.03
N SER A 263 1.45 34.57 5.77
CA SER A 263 1.03 33.69 6.85
C SER A 263 2.23 33.12 7.59
N HIS A 264 3.18 32.62 6.81
CA HIS A 264 4.38 31.99 7.36
C HIS A 264 5.22 32.98 8.16
N LEU A 265 5.34 34.21 7.66
CA LEU A 265 6.09 35.26 8.36
C LEU A 265 5.43 35.61 9.68
N LEU A 266 4.10 35.67 9.68
CA LEU A 266 3.37 35.88 10.93
C LEU A 266 3.67 34.77 11.94
N SER A 267 3.58 33.52 11.46
CA SER A 267 3.90 32.38 12.31
C SER A 267 5.32 32.47 12.87
N MET A 268 6.25 32.90 12.04
CA MET A 268 7.66 33.04 12.44
C MET A 268 7.82 34.14 13.48
N LEU A 269 7.01 35.18 13.37
CA LEU A 269 7.04 36.23 14.38
C LEU A 269 6.57 35.67 15.71
N MET A 270 5.51 34.87 15.67
CA MET A 270 5.04 34.25 16.92
C MET A 270 6.09 33.30 17.49
N TYR A 271 6.77 32.58 16.62
CA TYR A 271 7.84 31.69 17.07
C TYR A 271 8.97 32.47 17.74
N LYS A 272 9.32 33.62 17.17
CA LYS A 272 10.36 34.47 17.74
C LYS A 272 9.92 34.98 19.11
N ALA A 273 8.62 35.24 19.25
CA ALA A 273 8.08 35.64 20.55
C ALA A 273 8.23 34.52 21.57
N LEU A 274 7.79 33.32 21.21
CA LEU A 274 7.79 32.17 22.11
C LEU A 274 9.20 31.67 22.44
N GLU A 275 10.15 31.97 21.56
CA GLU A 275 11.54 31.56 21.73
C GLU A 275 12.10 32.10 23.03
N VAL A 276 11.69 33.30 23.39
CA VAL A 276 12.08 33.93 24.64
C VAL A 276 11.63 33.10 25.83
N ILE A 277 10.36 32.70 25.81
CA ILE A 277 9.77 31.90 26.87
C ILE A 277 10.46 30.54 26.99
N VAL A 278 10.73 29.92 25.85
CA VAL A 278 11.41 28.63 25.85
C VAL A 278 12.83 28.75 26.40
N ASP A 279 13.50 29.84 26.05
CA ASP A 279 14.86 30.10 26.52
C ASP A 279 14.92 30.32 28.03
N LYS A 280 14.11 31.25 28.53
CA LYS A 280 14.13 31.61 29.94
C LYS A 280 13.56 30.52 30.87
N PHE A 281 12.52 29.83 30.41
CA PHE A 281 11.83 28.87 31.27
C PHE A 281 11.78 27.46 30.68
N GLY A 282 11.28 27.32 29.47
CA GLY A 282 11.10 26.02 28.86
C GLY A 282 9.79 25.90 28.11
N PRO A 283 9.69 24.88 27.24
CA PRO A 283 8.53 24.71 26.35
C PRO A 283 7.23 24.40 27.09
N GLU A 284 7.33 23.78 28.27
CA GLU A 284 6.14 23.40 29.02
C GLU A 284 5.47 24.61 29.67
N HIS A 285 6.12 25.77 29.57
CA HIS A 285 5.57 27.00 30.15
C HIS A 285 4.58 27.67 29.21
N VAL A 286 4.56 27.22 27.96
CA VAL A 286 3.64 27.75 26.97
C VAL A 286 2.36 26.93 26.93
N ILE A 287 1.27 27.48 27.46
CA ILE A 287 -0.01 26.79 27.48
C ILE A 287 -0.61 26.70 26.08
N TYR A 288 -0.60 27.82 25.36
CA TYR A 288 -1.12 27.88 24.00
C TYR A 288 -0.25 28.80 23.15
N PRO A 289 0.14 28.34 21.96
CA PRO A 289 -0.13 26.99 21.44
C PRO A 289 0.82 25.95 22.01
N SER A 290 0.41 24.69 21.98
CA SER A 290 1.28 23.60 22.41
C SER A 290 2.49 23.52 21.48
N LEU A 291 3.68 23.43 22.06
CA LEU A 291 4.91 23.44 21.27
C LEU A 291 5.39 22.03 20.94
N ARG A 292 4.72 21.03 21.49
CA ARG A 292 5.13 19.65 21.25
C ARG A 292 4.93 19.29 19.79
N ASP A 293 5.97 18.72 19.18
CA ASP A 293 5.96 18.31 17.78
C ASP A 293 5.73 19.47 16.80
N GLN A 294 6.00 20.69 17.25
CA GLN A 294 5.89 21.85 16.37
C GLN A 294 7.10 21.97 15.46
N PRO A 295 6.89 21.94 14.14
CA PRO A 295 7.97 22.00 13.16
C PRO A 295 8.95 23.16 13.39
N PHE A 296 8.45 24.32 13.82
CA PHE A 296 9.33 25.45 14.10
C PHE A 296 10.19 25.18 15.33
N PHE A 297 9.57 24.63 16.36
CA PHE A 297 10.26 24.32 17.60
C PHE A 297 11.31 23.25 17.37
N LEU A 298 10.97 22.25 16.56
CA LEU A 298 11.88 21.17 16.26
C LEU A 298 13.05 21.62 15.39
N LYS A 299 12.76 22.39 14.35
CA LYS A 299 13.78 22.80 13.39
C LYS A 299 14.69 23.91 13.91
N PHE A 300 14.11 25.02 14.36
CA PHE A 300 14.89 26.20 14.66
C PHE A 300 15.36 26.27 16.11
N TYR A 301 15.06 25.24 16.90
CA TYR A 301 15.49 25.24 18.29
C TYR A 301 16.20 23.94 18.66
N LEU A 302 15.57 22.81 18.32
CA LEU A 302 16.17 21.51 18.59
C LEU A 302 17.08 21.06 17.45
N GLY A 303 17.05 21.82 16.36
CA GLY A 303 17.94 21.58 15.24
C GLY A 303 17.62 20.32 14.44
N GLU A 304 16.47 19.72 14.73
CA GLU A 304 16.04 18.52 14.04
C GLU A 304 15.83 18.81 12.55
N ASN A 305 16.20 17.85 11.70
CA ASN A 305 16.01 18.00 10.27
C ASN A 305 14.55 17.76 9.89
N ILE A 306 13.95 18.73 9.22
CA ILE A 306 12.51 18.71 8.96
C ILE A 306 12.23 18.81 7.46
N GLY A 307 11.17 18.16 7.01
CA GLY A 307 10.82 18.14 5.60
C GLY A 307 9.96 19.32 5.20
N ASP A 308 9.04 19.09 4.28
CA ASP A 308 8.22 20.18 3.73
C ASP A 308 7.08 20.56 4.68
N GLU A 309 6.99 19.87 5.81
CA GLU A 309 5.96 20.18 6.79
C GLU A 309 6.26 21.51 7.46
N ILE A 310 7.50 21.97 7.32
CA ILE A 310 7.91 23.27 7.82
C ILE A 310 7.28 24.38 6.99
N LEU A 311 6.85 24.04 5.78
CA LEU A 311 6.27 25.04 4.89
C LEU A 311 4.89 25.49 5.36
N VAL A 312 4.21 24.64 6.12
CA VAL A 312 2.90 25.00 6.67
C VAL A 312 3.04 25.87 7.92
N ALA A 313 2.17 26.88 8.04
CA ALA A 313 2.20 27.78 9.18
C ALA A 313 1.29 27.24 10.28
N ASN A 314 1.89 26.82 11.39
CA ASN A 314 1.12 26.15 12.43
C ASN A 314 0.98 26.96 13.71
N LEU A 315 1.62 28.12 13.77
CA LEU A 315 1.56 28.97 14.95
C LEU A 315 0.59 30.14 14.80
N PRO A 316 -0.38 30.24 15.72
CA PRO A 316 -1.36 31.33 15.68
C PRO A 316 -0.74 32.66 16.09
N ASN A 317 -1.52 33.74 16.04
CA ASN A 317 -1.02 35.06 16.40
C ASN A 317 -1.34 35.40 17.85
N LYS A 318 -1.83 34.42 18.59
CA LYS A 318 -2.19 34.59 19.99
C LYS A 318 -1.51 33.49 20.81
N ALA A 319 -0.98 33.85 21.98
CA ALA A 319 -0.26 32.89 22.81
C ALA A 319 -0.51 33.07 24.30
N LEU A 320 -0.35 31.98 25.04
CA LEU A 320 -0.57 31.94 26.49
C LEU A 320 0.57 31.19 27.18
N ALA A 321 1.21 31.83 28.15
CA ALA A 321 2.35 31.23 28.83
C ALA A 321 2.37 31.49 30.33
N ILE A 322 3.18 30.74 31.05
CA ILE A 322 3.39 30.97 32.48
C ILE A 322 4.79 31.50 32.69
N VAL A 323 4.90 32.66 33.34
CA VAL A 323 6.19 33.32 33.49
C VAL A 323 6.34 33.84 34.93
N SER A 324 7.57 33.82 35.44
CA SER A 324 7.83 34.33 36.79
C SER A 324 7.48 35.82 36.88
N GLY A 325 6.85 36.22 37.97
CA GLY A 325 6.31 37.56 38.13
C GLY A 325 7.31 38.69 38.10
N LYS A 326 8.51 38.44 38.61
CA LYS A 326 9.54 39.47 38.68
C LYS A 326 10.05 39.82 37.29
N GLU A 327 10.14 38.82 36.42
CA GLU A 327 10.75 39.00 35.10
C GLU A 327 9.75 39.31 33.98
N ALA A 328 8.51 39.63 34.32
CA ALA A 328 7.45 39.86 33.32
C ALA A 328 7.77 41.00 32.34
N GLU A 329 8.01 42.20 32.88
CA GLU A 329 8.28 43.37 32.05
C GLU A 329 9.50 43.20 31.17
N LYS A 330 10.57 42.67 31.76
CA LYS A 330 11.81 42.43 31.04
C LYS A 330 11.56 41.53 29.83
N ILE A 331 10.75 40.49 30.04
CA ILE A 331 10.39 39.58 28.95
C ILE A 331 9.49 40.23 27.91
N GLU A 332 8.60 41.12 28.34
CA GLU A 332 7.82 41.88 27.37
C GLU A 332 8.76 42.65 26.43
N GLU A 333 9.64 43.44 27.03
CA GLU A 333 10.60 44.23 26.26
C GLU A 333 11.47 43.34 25.38
N GLU A 334 11.80 42.15 25.89
CA GLU A 334 12.66 41.23 25.16
C GLU A 334 11.93 40.67 23.93
N ILE A 335 10.65 40.33 24.08
CA ILE A 335 9.85 39.84 22.97
C ILE A 335 9.74 40.90 21.88
N LYS A 336 9.31 42.09 22.28
CA LYS A 336 9.20 43.21 21.34
C LYS A 336 10.53 43.46 20.63
N LYS A 337 11.61 43.44 21.40
CA LYS A 337 12.96 43.64 20.88
C LYS A 337 13.33 42.60 19.83
N ARG A 338 13.09 41.33 20.16
CA ARG A 338 13.42 40.23 19.26
C ARG A 338 12.62 40.30 17.96
N ILE A 339 11.36 40.69 18.07
CA ILE A 339 10.50 40.79 16.89
C ILE A 339 10.94 41.94 15.99
N ARG A 340 11.14 43.11 16.59
CA ARG A 340 11.64 44.29 15.87
C ARG A 340 12.96 43.99 15.17
N ASP A 341 13.91 43.43 15.93
CA ASP A 341 15.24 43.13 15.41
C ASP A 341 15.16 42.13 14.27
N PHE A 342 14.37 41.07 14.46
CA PHE A 342 14.21 40.06 13.42
C PHE A 342 13.68 40.68 12.14
N LEU A 343 12.65 41.53 12.28
CA LEU A 343 12.07 42.20 11.12
C LEU A 343 13.10 43.09 10.43
N LEU A 344 13.90 43.79 11.21
CA LEU A 344 14.90 44.69 10.64
C LEU A 344 16.02 43.94 9.91
N GLN A 345 16.52 42.86 10.49
CA GLN A 345 17.50 42.01 9.82
C GLN A 345 16.92 41.47 8.53
N LEU A 346 15.67 41.05 8.60
CA LEU A 346 14.96 40.52 7.44
C LEU A 346 14.88 41.56 6.34
N TYR A 347 14.59 42.80 6.73
CA TYR A 347 14.52 43.90 5.79
C TYR A 347 15.88 44.19 5.16
N ARG A 348 16.92 44.13 5.98
CA ARG A 348 18.28 44.40 5.50
C ARG A 348 18.73 43.36 4.48
N GLU A 349 18.59 42.09 4.86
CA GLU A 349 18.88 41.00 3.95
C GLU A 349 18.05 41.13 2.68
N ALA A 350 16.80 41.57 2.84
CA ALA A 350 15.91 41.79 1.71
C ALA A 350 16.46 42.83 0.75
N VAL A 351 16.94 43.94 1.31
CA VAL A 351 17.54 45.01 0.52
C VAL A 351 18.75 44.50 -0.25
N ASP A 352 19.65 43.81 0.45
CA ASP A 352 20.83 43.24 -0.18
C ASP A 352 20.46 42.31 -1.33
N TRP A 353 19.51 41.43 -1.07
CA TRP A 353 19.02 40.48 -2.08
C TRP A 353 18.45 41.20 -3.30
N ALA A 354 17.65 42.22 -3.05
CA ALA A 354 17.02 43.00 -4.10
C ALA A 354 18.06 43.70 -4.97
N VAL A 355 19.11 44.21 -4.34
CA VAL A 355 20.16 44.90 -5.07
C VAL A 355 20.99 43.89 -5.87
N GLU A 356 21.19 42.71 -5.32
CA GLU A 356 22.03 41.70 -5.97
C GLU A 356 21.36 41.06 -7.17
N ASN A 357 20.09 40.69 -7.01
CA ASN A 357 19.39 39.94 -8.05
C ASN A 357 18.69 40.82 -9.07
N GLY A 358 18.80 42.13 -8.90
CA GLY A 358 18.26 43.06 -9.88
C GLY A 358 16.80 43.42 -9.67
N VAL A 359 16.28 43.13 -8.49
CA VAL A 359 14.91 43.53 -8.15
C VAL A 359 14.84 45.06 -8.12
N VAL A 360 15.93 45.68 -7.70
CA VAL A 360 16.04 47.14 -7.79
C VAL A 360 17.34 47.52 -8.52
N LYS A 361 17.20 48.36 -9.55
CA LYS A 361 18.34 48.82 -10.33
C LYS A 361 18.91 50.08 -9.70
N VAL A 362 19.85 49.90 -8.78
CA VAL A 362 20.25 50.99 -7.89
C VAL A 362 21.75 51.02 -7.65
N ASP A 363 22.27 52.22 -7.38
CA ASP A 363 23.67 52.41 -7.01
C ASP A 363 23.86 52.41 -5.48
N ARG A 364 25.12 52.40 -5.05
CA ARG A 364 25.46 52.25 -3.63
C ARG A 364 24.91 53.38 -2.75
N SER A 365 24.88 54.60 -3.27
CA SER A 365 24.33 55.73 -2.53
C SER A 365 22.84 55.52 -2.24
N GLU A 366 22.11 55.13 -3.27
CA GLU A 366 20.68 54.88 -3.13
C GLU A 366 20.43 53.64 -2.28
N LYS A 367 21.30 52.64 -2.41
CA LYS A 367 21.20 51.45 -1.57
C LYS A 367 21.35 51.84 -0.10
N ASP A 368 22.25 52.78 0.17
CA ASP A 368 22.39 53.33 1.50
C ASP A 368 21.13 54.09 1.90
N SER A 369 20.49 54.74 0.94
CA SER A 369 19.28 55.50 1.21
C SER A 369 18.07 54.59 1.48
N MET A 370 18.17 53.34 1.04
CA MET A 370 17.10 52.37 1.23
C MET A 370 16.90 52.02 2.69
N LEU A 371 17.94 52.28 3.48
CA LEU A 371 17.93 51.94 4.90
C LEU A 371 17.70 53.18 5.76
N LYS A 372 17.16 54.25 5.15
CA LYS A 372 16.88 55.49 5.87
C LYS A 372 15.91 55.25 7.02
N GLU A 373 15.83 56.21 7.92
CA GLU A 373 15.06 56.04 9.14
C GLU A 373 13.57 55.84 8.86
N ALA A 374 13.07 56.43 7.78
CA ALA A 374 11.66 56.34 7.44
C ALA A 374 11.21 54.92 7.12
N TYR A 375 11.95 54.25 6.25
CA TYR A 375 11.63 52.89 5.84
C TYR A 375 11.80 51.90 6.99
N LEU A 376 12.92 52.04 7.71
CA LEU A 376 13.18 51.24 8.90
C LEU A 376 12.05 51.43 9.91
N LYS A 377 11.49 52.63 9.91
CA LYS A 377 10.41 52.99 10.81
C LYS A 377 9.11 52.32 10.39
N ILE A 378 8.86 52.26 9.08
CA ILE A 378 7.72 51.54 8.55
C ILE A 378 7.77 50.07 8.99
N VAL A 379 8.94 49.46 8.76
CA VAL A 379 9.18 48.08 9.14
C VAL A 379 9.00 47.92 10.65
N ARG A 380 9.47 48.91 11.39
CA ARG A 380 9.47 48.86 12.86
C ARG A 380 8.07 48.91 13.45
N GLU A 381 7.22 49.74 12.85
CA GLU A 381 5.91 50.00 13.44
C GLU A 381 4.76 49.32 12.72
N TYR A 382 5.04 48.47 11.73
CA TYR A 382 3.94 47.80 11.03
C TYR A 382 3.20 46.82 11.95
N PHE A 383 3.94 45.97 12.65
CA PHE A 383 3.33 44.97 13.51
C PHE A 383 3.26 45.45 14.97
N THR A 384 2.07 45.42 15.53
CA THR A 384 1.88 45.77 16.92
C THR A 384 1.82 44.50 17.77
N VAL A 385 2.61 44.46 18.84
CA VAL A 385 2.66 43.31 19.73
C VAL A 385 2.18 43.68 21.13
N SER A 386 1.00 43.20 21.50
CA SER A 386 0.43 43.46 22.80
C SER A 386 0.67 42.30 23.77
N ILE A 387 1.48 42.55 24.78
CA ILE A 387 1.74 41.57 25.83
C ILE A 387 1.14 42.04 27.14
N THR A 388 0.34 41.18 27.78
CA THR A 388 -0.30 41.55 29.05
C THR A 388 -0.18 40.40 30.03
N TRP A 389 -0.15 40.70 31.33
CA TRP A 389 0.02 39.64 32.32
C TRP A 389 -0.74 39.88 33.62
N VAL A 390 -1.06 38.79 34.30
CA VAL A 390 -1.72 38.83 35.60
C VAL A 390 -1.16 37.75 36.52
N SER A 391 -0.80 38.13 37.74
CA SER A 391 -0.24 37.17 38.70
C SER A 391 -1.22 36.05 38.98
N LEU A 392 -0.72 34.82 39.09
CA LEU A 392 -1.59 33.67 39.33
C LEU A 392 -1.71 33.34 40.81
N SER A 393 -0.71 33.75 41.59
CA SER A 393 -0.67 33.41 43.01
C SER A 393 -0.61 34.65 43.88
N GLU A 394 -1.49 35.61 43.61
CA GLU A 394 -1.65 36.76 44.47
C GLU A 394 -3.10 36.78 44.94
N LYS A 395 -3.31 36.62 46.24
CA LYS A 395 -4.66 36.47 46.77
C LYS A 395 -5.50 37.73 46.59
N GLU A 396 -6.78 37.53 46.30
CA GLU A 396 -7.72 38.61 46.07
C GLU A 396 -9.14 38.07 46.15
N ASP A 397 -10.10 38.96 46.38
CA ASP A 397 -11.51 38.56 46.45
C ASP A 397 -12.00 38.07 45.10
N ILE A 398 -12.52 36.85 45.08
CA ILE A 398 -13.05 36.23 43.88
C ILE A 398 -14.14 37.09 43.25
N TYR A 399 -15.11 37.45 44.09
CA TYR A 399 -16.27 38.21 43.66
C TYR A 399 -15.89 39.62 43.19
N GLN A 400 -14.89 40.22 43.84
CA GLN A 400 -14.42 41.52 43.41
C GLN A 400 -13.85 41.42 41.99
N VAL A 401 -13.03 40.41 41.76
CA VAL A 401 -12.43 40.17 40.45
C VAL A 401 -13.47 39.96 39.37
N THR A 402 -14.38 39.00 39.59
CA THR A 402 -15.38 38.68 38.57
C THR A 402 -16.40 39.80 38.34
N GLU A 403 -16.78 40.51 39.41
CA GLU A 403 -17.74 41.60 39.27
C GLU A 403 -17.12 42.80 38.56
N ASN A 404 -15.90 43.16 38.93
CA ASN A 404 -15.18 44.21 38.23
C ASN A 404 -14.95 43.82 36.76
N ALA A 405 -14.73 42.54 36.51
CA ALA A 405 -14.59 42.03 35.15
C ALA A 405 -15.91 42.04 34.39
N GLY A 406 -17.01 41.86 35.09
CA GLY A 406 -18.32 41.80 34.45
C GLY A 406 -18.70 40.39 34.04
N LEU A 407 -17.88 39.43 34.44
CA LEU A 407 -18.11 38.02 34.14
C LEU A 407 -18.99 37.36 35.20
N SER A 408 -20.25 37.78 35.25
CA SER A 408 -21.18 37.32 36.28
C SER A 408 -22.42 36.65 35.70
N ASP A 409 -22.43 35.32 35.70
CA ASP A 409 -23.62 34.57 35.34
C ASP A 409 -24.19 33.90 36.59
N GLU A 410 -25.38 33.32 36.45
CA GLU A 410 -25.99 32.59 37.56
C GLU A 410 -25.11 31.41 37.93
N ASP A 411 -24.58 30.75 36.90
CA ASP A 411 -23.69 29.60 37.05
C ASP A 411 -22.38 29.95 37.74
N VAL A 412 -21.81 31.08 37.32
CA VAL A 412 -20.53 31.54 37.85
C VAL A 412 -20.61 31.75 39.36
N LYS A 413 -21.71 32.35 39.82
CA LYS A 413 -21.88 32.64 41.25
C LYS A 413 -21.80 31.37 42.09
N LYS A 414 -22.45 30.31 41.62
CA LYS A 414 -22.39 29.01 42.27
C LYS A 414 -20.97 28.47 42.23
N TRP A 415 -20.33 28.58 41.06
CA TRP A 415 -18.98 28.09 40.87
C TRP A 415 -18.00 28.73 41.83
N LEU A 416 -18.22 30.01 42.14
CA LEU A 416 -17.39 30.73 43.11
C LEU A 416 -17.74 30.31 44.53
N LYS A 417 -19.03 30.19 44.79
CA LYS A 417 -19.53 29.84 46.12
C LYS A 417 -18.94 28.52 46.61
N PHE A 418 -18.84 27.55 45.69
CA PHE A 418 -18.25 26.27 46.06
C PHE A 418 -16.80 26.43 46.49
N ALA A 419 -16.04 27.22 45.75
CA ALA A 419 -14.63 27.46 46.09
C ALA A 419 -14.50 28.14 47.43
N GLU A 420 -15.32 29.16 47.66
CA GLU A 420 -15.34 29.88 48.93
C GLU A 420 -15.62 28.94 50.10
N LYS A 421 -16.60 28.06 49.93
CA LYS A 421 -16.96 27.11 50.99
C LYS A 421 -15.87 26.08 51.22
N LYS A 422 -15.25 25.61 50.13
CA LYS A 422 -14.18 24.62 50.19
C LYS A 422 -12.93 25.14 50.89
N GLU A 423 -12.55 26.36 50.56
CA GLU A 423 -11.31 26.94 51.10
C GLU A 423 -11.54 27.73 52.38
N ASN A 424 -12.82 27.93 52.72
CA ASN A 424 -13.23 28.67 53.93
C ASN A 424 -12.78 30.14 53.89
N SER A 425 -12.13 30.53 52.82
CA SER A 425 -11.63 31.89 52.65
C SER A 425 -12.33 32.58 51.48
N ARG A 426 -12.82 33.79 51.72
CA ARG A 426 -13.49 34.56 50.67
C ARG A 426 -12.49 35.01 49.61
N VAL A 427 -11.30 35.43 50.04
CA VAL A 427 -10.24 35.80 49.13
C VAL A 427 -9.31 34.62 48.87
N LEU A 428 -8.96 34.43 47.60
CA LEU A 428 -8.09 33.31 47.21
C LEU A 428 -7.12 33.71 46.11
N GLU A 429 -6.14 32.86 45.84
CA GLU A 429 -5.27 33.07 44.69
C GLU A 429 -6.15 33.07 43.45
N ARG A 430 -5.93 34.03 42.57
CA ARG A 430 -6.83 34.21 41.42
C ARG A 430 -6.74 33.05 40.43
N ILE A 431 -5.76 32.17 40.61
CA ILE A 431 -5.63 30.99 39.77
C ILE A 431 -6.86 30.09 39.94
N ALA A 432 -7.51 30.17 41.10
CA ALA A 432 -8.73 29.43 41.36
C ALA A 432 -9.83 29.84 40.37
N ILE A 433 -9.70 31.05 39.84
CA ILE A 433 -10.64 31.58 38.85
C ILE A 433 -9.97 31.60 37.48
N TYR A 434 -9.15 30.57 37.21
CA TYR A 434 -8.34 30.53 35.99
C TYR A 434 -9.08 30.81 34.67
N PRO A 435 -10.23 30.16 34.43
CA PRO A 435 -10.84 30.41 33.11
C PRO A 435 -11.23 31.87 32.92
N LEU A 436 -11.94 32.41 33.89
CA LEU A 436 -12.41 33.79 33.83
C LEU A 436 -11.21 34.71 33.67
N LEU A 437 -10.15 34.38 34.39
CA LEU A 437 -8.91 35.15 34.35
C LEU A 437 -8.45 35.31 32.91
N VAL A 438 -8.42 34.19 32.18
CA VAL A 438 -7.99 34.23 30.79
C VAL A 438 -8.84 35.22 30.03
N LYS A 439 -10.16 35.10 30.19
CA LYS A 439 -11.09 36.03 29.55
C LYS A 439 -10.67 37.45 29.88
N ILE A 440 -10.50 37.71 31.18
CA ILE A 440 -10.10 39.03 31.65
C ILE A 440 -8.88 39.48 30.88
N LEU A 441 -7.87 38.62 30.86
CA LEU A 441 -6.61 38.94 30.21
C LEU A 441 -6.86 39.35 28.77
N ASP A 442 -7.65 38.52 28.07
CA ASP A 442 -7.95 38.77 26.67
C ASP A 442 -8.50 40.17 26.51
N SER A 443 -9.45 40.51 27.37
CA SER A 443 -10.11 41.80 27.31
C SER A 443 -9.05 42.89 27.38
N LEU A 444 -8.21 42.81 28.41
CA LEU A 444 -7.21 43.83 28.64
C LEU A 444 -6.32 43.92 27.42
N GLY A 445 -5.92 42.75 26.92
CA GLY A 445 -5.05 42.69 25.76
C GLY A 445 -5.67 43.45 24.62
N GLU A 446 -6.96 43.19 24.38
CA GLU A 446 -7.64 43.78 23.24
C GLU A 446 -7.54 45.29 23.31
N ARG A 447 -7.75 45.83 24.51
CA ARG A 447 -7.75 47.29 24.66
C ARG A 447 -6.39 47.83 24.29
N LYS A 448 -5.35 47.13 24.75
CA LYS A 448 -3.99 47.60 24.54
C LYS A 448 -3.74 47.70 23.05
N VAL A 449 -4.27 46.73 22.30
CA VAL A 449 -4.05 46.67 20.86
C VAL A 449 -4.52 47.96 20.22
N THR A 450 -5.66 48.45 20.68
CA THR A 450 -6.21 49.69 20.14
C THR A 450 -5.31 50.87 20.50
N GLU A 451 -4.90 50.94 21.76
CA GLU A 451 -4.20 52.13 22.26
C GLU A 451 -2.91 52.36 21.51
N GLU A 452 -2.10 51.31 21.41
CA GLU A 452 -0.82 51.38 20.73
C GLU A 452 -1.02 51.73 19.26
N ARG A 453 -2.16 51.34 18.71
CA ARG A 453 -2.45 51.63 17.32
C ARG A 453 -2.78 53.12 17.14
N PHE A 454 -3.42 53.71 18.14
CA PHE A 454 -3.75 55.12 18.09
C PHE A 454 -2.47 55.95 18.04
N GLU A 455 -1.54 55.63 18.93
CA GLU A 455 -0.23 56.27 18.96
C GLU A 455 0.71 55.58 17.98
N LYS A 456 0.37 55.67 16.70
CA LYS A 456 1.24 55.16 15.65
C LYS A 456 1.54 56.31 14.71
N SER A 457 2.83 56.60 14.55
CA SER A 457 3.29 57.73 13.76
C SER A 457 2.79 57.67 12.33
N GLU A 458 2.40 58.83 11.80
CA GLU A 458 1.95 58.92 10.43
C GLU A 458 3.10 58.57 9.49
N GLN A 459 2.76 58.06 8.31
CA GLN A 459 3.78 57.67 7.33
C GLN A 459 3.98 58.78 6.32
N LEU A 460 5.19 58.85 5.77
CA LEU A 460 5.55 59.88 4.80
C LEU A 460 4.54 59.93 3.66
N LYS A 461 4.43 61.09 3.03
CA LYS A 461 3.55 61.25 1.88
C LYS A 461 4.35 60.93 0.61
N GLY A 462 3.85 59.99 -0.18
CA GLY A 462 4.58 59.52 -1.34
C GLY A 462 3.79 58.53 -2.17
N TRP A 463 4.40 58.11 -3.27
CA TRP A 463 3.82 57.09 -4.11
C TRP A 463 3.73 55.78 -3.35
N LYS A 464 2.59 55.11 -3.50
CA LYS A 464 2.31 53.89 -2.74
C LYS A 464 2.79 52.62 -3.46
N CYS A 465 3.00 51.56 -2.68
CA CYS A 465 3.43 50.28 -3.20
C CYS A 465 2.46 49.72 -4.25
N HIS A 466 3.02 49.22 -5.34
CA HIS A 466 2.20 48.68 -6.43
C HIS A 466 1.58 47.34 -6.08
N VAL A 467 2.08 46.69 -5.03
CA VAL A 467 1.56 45.38 -4.63
C VAL A 467 0.42 45.50 -3.61
N CYS A 468 0.61 46.31 -2.58
CA CYS A 468 -0.44 46.47 -1.56
C CYS A 468 -1.29 47.71 -1.81
N GLY A 469 -0.62 48.85 -1.98
CA GLY A 469 -1.33 50.10 -2.25
C GLY A 469 -1.74 50.82 -0.99
N GLU A 470 -1.22 50.40 0.15
CA GLU A 470 -1.54 51.04 1.43
C GLU A 470 -0.29 51.57 2.14
N ASN A 471 0.88 51.21 1.63
CA ASN A 471 2.13 51.62 2.25
C ASN A 471 3.04 52.37 1.29
N LEU A 472 3.81 53.31 1.83
CA LEU A 472 4.75 54.09 1.04
C LEU A 472 5.80 53.20 0.38
N ALA A 473 5.96 53.36 -0.94
CA ALA A 473 6.97 52.59 -1.65
C ALA A 473 8.35 53.18 -1.42
N ILE A 474 9.36 52.32 -1.44
CA ILE A 474 10.75 52.76 -1.32
C ILE A 474 11.10 53.66 -2.49
N PHE A 475 11.66 54.83 -2.19
CA PHE A 475 11.99 55.90 -3.13
C PHE A 475 10.76 56.70 -3.55
N GLY A 476 9.60 56.31 -3.02
CA GLY A 476 8.34 56.94 -3.39
C GLY A 476 8.23 58.40 -3.01
N ASP A 477 8.76 58.76 -1.85
CA ASP A 477 8.77 60.14 -1.39
C ASP A 477 9.78 61.00 -2.15
N MET A 478 10.84 60.38 -2.67
CA MET A 478 11.93 61.13 -3.28
C MET A 478 11.86 61.26 -4.81
N TYR A 479 10.92 60.58 -5.45
CA TYR A 479 10.91 60.54 -6.91
C TYR A 479 9.54 60.76 -7.54
N ASP A 480 9.56 61.18 -8.81
CA ASP A 480 8.37 61.19 -9.64
C ASP A 480 8.00 59.74 -9.96
N HIS A 481 6.75 59.50 -10.33
CA HIS A 481 6.26 58.14 -10.52
C HIS A 481 6.96 57.40 -11.65
N ASP A 482 7.34 58.11 -12.71
CA ASP A 482 8.00 57.48 -13.84
C ASP A 482 9.41 57.02 -13.47
N ASN A 483 10.14 57.90 -12.79
CA ASN A 483 11.50 57.59 -12.34
C ASN A 483 11.46 56.47 -11.31
N LEU A 484 10.49 56.52 -10.41
CA LEU A 484 10.27 55.49 -9.41
C LEU A 484 10.03 54.13 -10.08
N LYS A 485 9.22 54.15 -11.14
CA LYS A 485 8.94 52.93 -11.89
C LYS A 485 10.20 52.40 -12.56
N SER A 486 11.04 53.30 -13.07
CA SER A 486 12.26 52.90 -13.76
C SER A 486 13.24 52.20 -12.83
N LEU A 487 13.25 52.58 -11.55
CA LEU A 487 14.21 52.03 -10.59
C LEU A 487 13.88 50.59 -10.18
N TRP A 488 12.66 50.16 -10.42
CA TRP A 488 12.21 48.85 -9.95
C TRP A 488 12.02 47.86 -11.07
N LEU A 489 12.24 46.58 -10.76
CA LEU A 489 12.08 45.52 -11.74
C LEU A 489 10.62 45.40 -12.14
N ASP A 490 10.38 45.22 -13.44
CA ASP A 490 9.04 45.10 -13.99
C ASP A 490 8.18 46.31 -13.68
N GLU A 491 8.84 47.44 -13.43
CA GLU A 491 8.16 48.71 -13.16
C GLU A 491 7.18 48.59 -12.00
N GLU A 492 7.58 47.85 -10.97
CA GLU A 492 6.72 47.60 -9.81
C GLU A 492 7.40 48.02 -8.51
N PRO A 493 7.21 49.28 -8.10
CA PRO A 493 7.72 49.79 -6.82
C PRO A 493 7.18 49.04 -5.61
N LEU A 494 8.04 48.79 -4.64
CA LEU A 494 7.68 48.01 -3.45
C LEU A 494 7.86 48.81 -2.17
N CYS A 495 6.93 48.62 -1.23
CA CYS A 495 7.08 49.17 0.11
C CYS A 495 8.01 48.23 0.89
N PRO A 496 8.55 48.69 2.03
CA PRO A 496 9.44 47.83 2.80
C PRO A 496 8.81 46.46 3.16
N MET A 497 7.58 46.48 3.65
CA MET A 497 6.92 45.26 4.09
C MET A 497 6.71 44.27 2.94
N CYS A 498 6.37 44.80 1.77
CA CYS A 498 6.16 43.97 0.59
C CYS A 498 7.49 43.46 0.03
N LEU A 499 8.55 44.23 0.22
CA LEU A 499 9.87 43.78 -0.20
C LEU A 499 10.33 42.61 0.66
N ILE A 500 10.12 42.76 1.98
CA ILE A 500 10.37 41.70 2.93
C ILE A 500 9.54 40.47 2.54
N LYS A 501 8.30 40.74 2.16
CA LYS A 501 7.35 39.69 1.81
C LYS A 501 7.79 38.95 0.55
N ARG A 502 8.48 39.66 -0.34
CA ARG A 502 9.00 39.06 -1.56
C ARG A 502 10.29 38.29 -1.32
N TYR A 503 11.08 38.74 -0.35
CA TYR A 503 12.34 38.09 -0.03
C TYR A 503 12.16 36.84 0.82
N TYR A 504 11.06 36.80 1.58
CA TYR A 504 10.81 35.72 2.54
C TYR A 504 10.89 34.28 1.98
N PRO A 505 10.36 34.04 0.76
CA PRO A 505 10.48 32.66 0.26
C PRO A 505 11.92 32.22 0.04
N VAL A 506 12.76 33.15 -0.40
CA VAL A 506 14.17 32.87 -0.60
C VAL A 506 14.82 32.55 0.74
N TRP A 507 14.44 33.32 1.76
CA TRP A 507 14.95 33.15 3.12
C TRP A 507 14.56 31.79 3.70
N ILE A 508 13.31 31.39 3.50
CA ILE A 508 12.85 30.09 3.96
C ILE A 508 13.57 28.98 3.21
N ARG A 509 13.80 29.19 1.92
CA ARG A 509 14.53 28.24 1.10
C ARG A 509 15.97 28.06 1.60
N SER A 510 16.57 29.16 2.05
CA SER A 510 17.94 29.10 2.54
C SER A 510 18.03 28.46 3.93
N LYS A 511 17.03 28.72 4.77
CA LYS A 511 17.08 28.23 6.15
C LYS A 511 16.55 26.80 6.31
N THR A 512 15.72 26.35 5.38
CA THR A 512 15.09 25.03 5.51
C THR A 512 15.33 24.13 4.31
N GLY A 513 15.77 24.70 3.19
CA GLY A 513 15.95 23.93 1.97
C GLY A 513 14.60 23.54 1.40
N GLN A 514 13.58 24.32 1.70
CA GLN A 514 12.22 24.00 1.31
C GLN A 514 11.51 25.14 0.58
N LYS A 515 10.74 24.78 -0.44
CA LYS A 515 9.88 25.71 -1.16
C LYS A 515 8.54 25.04 -1.43
N ILE A 516 7.48 25.83 -1.55
CA ILE A 516 6.15 25.28 -1.75
C ILE A 516 6.06 24.59 -3.11
N ARG A 517 5.29 23.51 -3.19
CA ARG A 517 5.16 22.75 -4.43
C ARG A 517 4.44 23.55 -5.51
N PHE A 518 3.47 24.35 -5.10
CA PHE A 518 2.70 25.15 -6.04
C PHE A 518 2.87 26.64 -5.79
N GLU A 519 3.55 27.32 -6.70
CA GLU A 519 3.85 28.74 -6.51
C GLU A 519 2.68 29.59 -6.97
N SER A 520 2.10 29.24 -8.11
CA SER A 520 0.97 29.99 -8.65
C SER A 520 -0.36 29.38 -8.25
N VAL A 521 -1.42 30.16 -8.40
CA VAL A 521 -2.77 29.70 -8.13
C VAL A 521 -3.24 28.80 -9.28
N VAL A 522 -2.68 29.05 -10.46
CA VAL A 522 -2.95 28.24 -11.62
C VAL A 522 -2.35 26.84 -11.44
N ASP A 523 -1.23 26.78 -10.73
CA ASP A 523 -0.59 25.51 -10.40
C ASP A 523 -1.57 24.61 -9.67
N VAL A 524 -2.30 25.18 -8.72
CA VAL A 524 -3.29 24.44 -7.95
C VAL A 524 -4.53 24.17 -8.80
N ALA A 525 -4.91 25.13 -9.63
CA ALA A 525 -6.11 24.98 -10.45
C ALA A 525 -5.96 23.82 -11.46
N LEU A 526 -4.74 23.64 -11.96
CA LEU A 526 -4.48 22.64 -13.01
C LEU A 526 -4.33 21.23 -12.47
N LEU A 527 -4.55 21.06 -11.17
CA LEU A 527 -4.46 19.74 -10.56
C LEU A 527 -5.75 18.97 -10.82
N TYR A 528 -6.78 19.68 -11.29
CA TYR A 528 -8.09 19.10 -11.56
C TYR A 528 -8.02 17.99 -12.60
N LYS A 529 -8.35 16.77 -12.17
CA LYS A 529 -8.32 15.59 -13.03
C LYS A 529 -6.96 15.37 -13.69
N ASN A 530 -5.90 15.73 -12.98
CA ASN A 530 -4.52 15.53 -13.42
C ASN A 530 -4.22 16.12 -14.80
N TRP A 531 -4.92 17.21 -15.14
CA TRP A 531 -4.83 17.82 -16.46
C TRP A 531 -3.40 18.23 -16.80
N ARG A 532 -2.71 18.85 -15.85
CA ARG A 532 -1.34 19.31 -16.09
C ARG A 532 -0.40 18.14 -16.35
N LYS A 533 -0.56 17.05 -15.60
CA LYS A 533 0.31 15.89 -15.74
C LYS A 533 0.09 15.22 -17.09
N ILE A 534 -1.18 14.99 -17.41
CA ILE A 534 -1.55 14.36 -18.66
C ILE A 534 -1.07 15.19 -19.86
N PHE A 535 -1.32 16.49 -19.79
CA PHE A 535 -0.93 17.39 -20.85
C PHE A 535 0.58 17.49 -20.97
N ASP A 536 1.30 17.53 -19.86
CA ASP A 536 2.75 17.60 -19.94
C ASP A 536 3.29 16.36 -20.61
N GLU A 537 2.74 15.21 -20.22
CA GLU A 537 3.16 13.93 -20.78
C GLU A 537 2.92 13.83 -22.28
N LYS A 538 1.73 14.23 -22.72
CA LYS A 538 1.39 14.14 -24.15
C LYS A 538 1.98 15.27 -25.00
N TYR A 539 1.64 16.51 -24.67
CA TYR A 539 1.95 17.68 -25.50
C TYR A 539 2.93 18.68 -24.88
N GLY A 540 3.56 18.31 -23.76
CA GLY A 540 4.38 19.25 -23.03
C GLY A 540 5.51 19.83 -23.85
N LYS A 541 6.37 18.96 -24.36
CA LYS A 541 7.54 19.38 -25.13
C LYS A 541 7.17 20.19 -26.37
N ASP A 542 6.07 19.83 -27.01
CA ASP A 542 5.61 20.55 -28.19
C ASP A 542 5.16 21.96 -27.84
N LEU A 543 4.43 22.09 -26.73
CA LEU A 543 4.01 23.42 -26.28
C LEU A 543 5.23 24.27 -25.94
N VAL A 544 6.23 23.63 -25.32
CA VAL A 544 7.47 24.32 -25.00
C VAL A 544 8.19 24.81 -26.26
N SER A 545 8.27 23.96 -27.28
CA SER A 545 8.95 24.28 -28.52
C SER A 545 8.27 25.41 -29.28
N LYS A 546 6.95 25.34 -29.41
CA LYS A 546 6.22 26.40 -30.09
C LYS A 546 6.32 27.70 -29.30
N ALA A 547 6.32 27.59 -27.97
CA ALA A 547 6.57 28.74 -27.12
C ALA A 547 7.93 29.37 -27.43
N ARG A 548 8.93 28.51 -27.66
CA ARG A 548 10.25 28.96 -28.07
C ARG A 548 10.17 29.67 -29.43
N GLU A 549 9.31 29.16 -30.30
CA GLU A 549 9.12 29.73 -31.62
C GLU A 549 8.63 31.16 -31.51
N VAL A 550 7.67 31.39 -30.62
CA VAL A 550 7.20 32.75 -30.39
C VAL A 550 8.28 33.64 -29.76
N SER A 551 8.92 33.14 -28.71
CA SER A 551 9.97 33.87 -28.02
C SER A 551 10.79 32.97 -27.10
N GLU A 552 11.99 33.43 -26.74
CA GLU A 552 12.86 32.66 -25.85
C GLU A 552 12.65 33.09 -24.39
N ASP A 553 11.83 34.11 -24.20
CA ASP A 553 11.53 34.61 -22.87
C ASP A 553 10.50 33.75 -22.16
N PHE A 554 9.58 33.19 -22.93
CA PHE A 554 8.49 32.38 -22.39
C PHE A 554 8.99 31.04 -21.82
N VAL A 555 10.09 30.54 -22.36
CA VAL A 555 10.64 29.27 -21.91
C VAL A 555 11.89 29.46 -21.06
N LYS A 556 11.83 28.99 -19.83
CA LYS A 556 12.98 29.00 -18.92
C LYS A 556 13.13 27.63 -18.28
N ASP A 557 14.35 27.08 -18.34
CA ASP A 557 14.65 25.78 -17.77
C ASP A 557 13.79 24.69 -18.41
N ASN A 558 13.55 24.83 -19.71
CA ASN A 558 12.74 23.91 -20.51
C ASN A 558 11.28 23.83 -20.03
N MET A 559 10.87 24.80 -19.22
CA MET A 559 9.50 24.89 -18.75
C MET A 559 8.92 26.27 -19.02
N LEU A 560 7.60 26.39 -19.03
CA LEU A 560 6.97 27.69 -19.18
C LEU A 560 7.24 28.54 -17.94
N VAL A 561 7.61 29.80 -18.16
CA VAL A 561 7.93 30.71 -17.07
C VAL A 561 6.71 30.96 -16.18
N ASP A 562 5.54 30.92 -16.79
CA ASP A 562 4.29 31.10 -16.05
C ASP A 562 3.28 30.02 -16.45
N SER A 563 2.48 29.58 -15.49
CA SER A 563 1.53 28.49 -15.74
C SER A 563 0.37 28.91 -16.64
N ASP A 564 0.02 30.20 -16.63
CA ASP A 564 -1.08 30.70 -17.45
C ASP A 564 -0.83 30.44 -18.94
N LEU A 565 0.42 30.23 -19.31
CA LEU A 565 0.80 29.92 -20.68
C LEU A 565 0.24 28.57 -21.14
N TYR A 566 -0.37 27.83 -20.22
CA TYR A 566 -1.06 26.59 -20.57
C TYR A 566 -2.42 26.90 -21.17
N TYR A 567 -2.93 28.09 -20.91
CA TYR A 567 -4.22 28.52 -21.48
C TYR A 567 -3.99 29.14 -22.85
N SER A 568 -4.86 28.79 -23.79
CA SER A 568 -4.76 29.34 -25.14
C SER A 568 -5.18 30.81 -25.13
N SER A 569 -6.02 31.16 -24.16
CA SER A 569 -6.55 32.52 -24.03
C SER A 569 -5.45 33.55 -23.81
N THR A 570 -4.47 33.19 -22.99
CA THR A 570 -3.38 34.09 -22.66
C THR A 570 -2.62 34.44 -23.94
N TRP A 571 -2.36 33.44 -24.77
CA TRP A 571 -1.70 33.66 -26.05
C TRP A 571 -2.57 34.43 -27.03
N GLU A 572 -3.88 34.15 -27.02
CA GLU A 572 -4.81 34.78 -27.95
C GLU A 572 -4.86 36.29 -27.81
N SER A 573 -4.98 36.76 -26.57
CA SER A 573 -5.08 38.18 -26.30
C SER A 573 -3.85 38.79 -25.63
N GLY A 574 -3.98 39.05 -24.33
CA GLY A 574 -3.00 39.82 -23.59
C GLY A 574 -1.68 39.10 -23.34
N LEU A 575 -0.59 39.83 -23.55
CA LEU A 575 0.74 39.24 -23.47
C LEU A 575 1.77 40.26 -22.98
N SER A 576 2.79 39.78 -22.30
CA SER A 576 3.92 40.61 -21.85
C SER A 576 5.00 39.74 -21.22
N ILE A 585 6.02 43.64 -30.27
CA ILE A 585 5.16 42.48 -30.44
C ILE A 585 5.96 41.27 -30.94
N ASP A 586 5.25 40.33 -31.57
CA ASP A 586 5.88 39.14 -32.13
C ASP A 586 5.09 38.67 -33.34
N GLU A 587 5.66 37.73 -34.09
CA GLU A 587 5.01 37.22 -35.29
C GLU A 587 3.75 36.45 -34.94
N GLU A 588 2.89 36.20 -35.93
CA GLU A 588 1.60 35.58 -35.69
C GLU A 588 1.74 34.06 -35.46
N LYS A 589 2.96 33.61 -35.22
CA LYS A 589 3.24 32.21 -34.90
C LYS A 589 2.54 31.85 -33.60
N VAL A 590 2.24 32.88 -32.81
CA VAL A 590 1.51 32.75 -31.56
C VAL A 590 0.20 32.04 -31.83
N LYS A 591 -0.46 32.44 -32.93
CA LYS A 591 -1.72 31.82 -33.32
C LYS A 591 -1.55 30.32 -33.51
N GLU A 592 -0.40 29.91 -34.05
CA GLU A 592 -0.18 28.49 -34.28
C GLU A 592 -0.22 27.79 -32.94
N VAL A 593 0.46 28.39 -31.95
CA VAL A 593 0.50 27.82 -30.62
C VAL A 593 -0.93 27.66 -30.16
N VAL A 594 -1.72 28.70 -30.39
CA VAL A 594 -3.09 28.74 -29.90
C VAL A 594 -3.86 27.58 -30.49
N ASP A 595 -3.73 27.37 -31.79
CA ASP A 595 -4.51 26.35 -32.43
C ASP A 595 -4.04 25.01 -31.90
N PHE A 596 -2.74 24.88 -31.72
CA PHE A 596 -2.18 23.66 -31.18
C PHE A 596 -2.86 23.38 -29.85
N LEU A 597 -2.92 24.40 -29.00
CA LEU A 597 -3.52 24.24 -27.69
C LEU A 597 -4.98 23.85 -27.82
N ASN A 598 -5.68 24.50 -28.75
CA ASN A 598 -7.10 24.20 -28.92
C ASN A 598 -7.26 22.76 -29.37
N ALA A 599 -6.35 22.31 -30.23
CA ALA A 599 -6.38 20.93 -30.69
C ALA A 599 -6.23 20.01 -29.50
N ALA A 600 -5.26 20.33 -28.64
CA ALA A 600 -5.04 19.55 -27.44
C ALA A 600 -6.30 19.53 -26.60
N TYR A 601 -6.97 20.68 -26.52
CA TYR A 601 -8.18 20.79 -25.71
C TYR A 601 -9.26 19.87 -26.27
N LYS A 602 -9.29 19.72 -27.59
CA LYS A 602 -10.21 18.78 -28.21
C LYS A 602 -9.88 17.35 -27.80
N GLU A 603 -8.59 17.02 -27.77
CA GLU A 603 -8.16 15.66 -27.49
C GLU A 603 -8.32 15.23 -26.03
N ILE A 604 -7.82 16.04 -25.10
CA ILE A 604 -7.79 15.64 -23.69
C ILE A 604 -8.72 16.46 -22.80
N GLY A 605 -9.48 17.38 -23.39
CA GLY A 605 -10.43 18.19 -22.65
C GLY A 605 -9.93 19.59 -22.34
N ASN A 606 -10.86 20.49 -22.04
CA ASN A 606 -10.50 21.87 -21.71
C ASN A 606 -9.81 21.99 -20.35
N PRO A 607 -8.85 22.90 -20.24
CA PRO A 607 -8.12 23.09 -18.99
C PRO A 607 -8.96 23.79 -17.93
N PRO A 608 -8.76 23.43 -16.65
CA PRO A 608 -9.52 24.04 -15.56
C PRO A 608 -9.06 25.48 -15.28
N LYS A 609 -10.01 26.41 -15.29
CA LYS A 609 -9.70 27.82 -15.07
C LYS A 609 -10.15 28.26 -13.69
N TYR A 610 -10.68 27.32 -12.92
CA TYR A 610 -11.22 27.61 -11.60
C TYR A 610 -10.44 26.89 -10.51
N TYR A 611 -10.38 27.50 -9.34
CA TYR A 611 -9.75 26.87 -8.18
C TYR A 611 -10.59 27.18 -6.94
N ALA A 612 -10.29 26.52 -5.83
CA ALA A 612 -11.09 26.66 -4.63
C ALA A 612 -10.28 27.15 -3.43
N ILE A 613 -10.84 28.11 -2.70
CA ILE A 613 -10.23 28.57 -1.47
C ILE A 613 -11.02 28.03 -0.30
N LEU A 614 -10.33 27.27 0.56
CA LEU A 614 -10.94 26.66 1.73
C LEU A 614 -10.47 27.38 2.99
N VAL A 615 -11.42 27.97 3.71
CA VAL A 615 -11.14 28.65 4.97
C VAL A 615 -12.02 28.09 6.08
N MET A 616 -11.41 27.41 7.05
CA MET A 616 -12.18 26.79 8.12
C MET A 616 -11.89 27.43 9.47
N ASP A 617 -12.87 27.39 10.36
CA ASP A 617 -12.70 27.93 11.71
C ASP A 617 -13.60 27.19 12.69
N GLY A 618 -13.10 27.00 13.91
CA GLY A 618 -13.84 26.28 14.94
C GLY A 618 -15.00 27.07 15.52
N ASP A 619 -16.03 26.36 15.95
CA ASP A 619 -17.23 27.01 16.48
C ASP A 619 -17.11 27.37 17.95
N ASP A 620 -17.26 28.67 18.24
CA ASP A 620 -17.21 29.18 19.62
C ASP A 620 -16.04 28.61 20.41
N MET A 621 -14.84 28.74 19.84
CA MET A 621 -13.65 28.12 20.42
C MET A 621 -13.29 28.69 21.78
N GLY A 622 -13.47 30.00 21.95
CA GLY A 622 -13.19 30.65 23.21
C GLY A 622 -14.08 30.13 24.32
N LYS A 623 -15.35 29.95 23.99
CA LYS A 623 -16.33 29.41 24.93
C LYS A 623 -16.04 27.94 25.24
N VAL A 624 -15.45 27.23 24.29
CA VAL A 624 -15.04 25.86 24.51
C VAL A 624 -13.90 25.83 25.51
N ILE A 625 -12.91 26.70 25.29
CA ILE A 625 -11.74 26.77 26.15
C ILE A 625 -12.12 27.19 27.57
N SER A 626 -13.01 28.17 27.70
CA SER A 626 -13.49 28.59 29.01
C SER A 626 -14.32 27.48 29.64
N GLY A 627 -14.92 26.65 28.80
CA GLY A 627 -15.66 25.49 29.26
C GLY A 627 -17.15 25.70 29.48
N GLU A 628 -17.65 26.89 29.16
CA GLU A 628 -19.06 27.20 29.39
C GLU A 628 -19.99 26.37 28.49
N VAL A 629 -19.55 26.13 27.27
CA VAL A 629 -20.31 25.30 26.33
C VAL A 629 -20.16 23.80 26.61
N LEU A 630 -18.99 23.40 27.12
CA LEU A 630 -18.64 21.99 27.27
C LEU A 630 -19.63 21.19 28.11
N GLY A 631 -20.34 21.86 29.02
CA GLY A 631 -21.42 21.22 29.74
C GLY A 631 -21.13 20.80 31.16
N GLU A 632 -21.76 19.70 31.56
CA GLU A 632 -21.78 19.27 32.96
C GLU A 632 -20.44 18.74 33.46
N ILE A 633 -20.14 19.05 34.72
CA ILE A 633 -18.91 18.63 35.37
C ILE A 633 -18.91 17.14 35.73
N SER A 634 -20.10 16.60 36.02
CA SER A 634 -20.24 15.21 36.45
C SER A 634 -19.68 14.21 35.43
N THR A 635 -19.80 14.53 34.15
CA THR A 635 -19.34 13.64 33.08
C THR A 635 -17.82 13.50 33.05
N ARG A 636 -17.12 14.42 33.72
CA ARG A 636 -15.66 14.43 33.73
C ARG A 636 -15.09 13.48 34.77
N ILE A 637 -15.94 13.05 35.69
CA ILE A 637 -15.50 12.14 36.76
C ILE A 637 -15.58 10.69 36.32
N HIS A 638 -14.68 9.86 36.86
CA HIS A 638 -14.78 8.43 36.68
C HIS A 638 -16.12 7.99 37.26
N PRO A 639 -16.91 7.23 36.48
CA PRO A 639 -18.28 6.86 36.82
C PRO A 639 -18.44 6.22 38.21
N ASN A 640 -17.44 5.45 38.63
CA ASN A 640 -17.49 4.74 39.90
C ASN A 640 -17.40 5.63 41.15
N ILE A 641 -16.70 6.76 41.06
CA ILE A 641 -16.50 7.60 42.24
C ILE A 641 -17.49 8.77 42.29
N ARG A 642 -18.52 8.74 41.46
CA ARG A 642 -19.48 9.84 41.37
C ARG A 642 -20.11 10.16 42.73
N ASP A 643 -20.36 9.13 43.52
CA ASP A 643 -20.99 9.28 44.83
C ASP A 643 -20.03 9.76 45.92
N TYR A 644 -18.75 9.38 45.84
CA TYR A 644 -17.79 9.71 46.88
C TYR A 644 -17.21 11.11 46.79
N VAL A 645 -17.58 11.84 45.73
CA VAL A 645 -17.04 13.18 45.53
C VAL A 645 -18.15 14.24 45.45
N GLU A 646 -17.91 15.36 46.12
CA GLU A 646 -18.91 16.43 46.21
C GLU A 646 -18.62 17.52 45.17
N ILE A 647 -19.66 17.93 44.45
CA ILE A 647 -19.51 18.83 43.31
C ILE A 647 -20.58 19.92 43.30
N PRO A 648 -20.18 21.16 42.96
CA PRO A 648 -21.14 22.27 42.88
C PRO A 648 -22.13 22.10 41.73
N GLU A 649 -23.31 22.67 41.88
CA GLU A 649 -24.30 22.63 40.82
C GLU A 649 -24.03 23.79 39.87
N ALA A 650 -23.04 23.61 39.00
CA ALA A 650 -22.61 24.68 38.11
C ALA A 650 -21.89 24.12 36.88
N LYS A 651 -21.61 25.00 35.92
CA LYS A 651 -20.95 24.62 34.68
C LYS A 651 -19.53 24.16 34.96
N TYR A 652 -18.98 23.31 34.10
CA TYR A 652 -17.60 22.89 34.26
C TYR A 652 -16.68 23.90 33.58
N TYR A 653 -16.04 24.73 34.40
CA TYR A 653 -15.08 25.69 33.88
C TYR A 653 -13.69 25.06 33.89
N SER A 654 -12.99 25.22 32.78
CA SER A 654 -11.77 24.45 32.52
C SER A 654 -10.64 24.73 33.51
N THR A 655 -10.05 23.65 34.02
CA THR A 655 -8.84 23.77 34.81
C THR A 655 -7.69 23.96 33.82
N PRO A 656 -6.57 24.54 34.29
CA PRO A 656 -5.46 24.80 33.36
C PRO A 656 -4.93 23.53 32.66
N GLN A 657 -5.04 22.38 33.32
CA GLN A 657 -4.60 21.12 32.73
C GLN A 657 -5.48 20.75 31.55
N VAL A 658 -6.76 21.11 31.66
CA VAL A 658 -7.71 20.89 30.58
C VAL A 658 -7.36 21.80 29.41
N HIS A 659 -6.99 23.04 29.71
CA HIS A 659 -6.57 24.00 28.70
C HIS A 659 -5.36 23.47 27.94
N VAL A 660 -4.39 22.96 28.68
CA VAL A 660 -3.18 22.40 28.08
C VAL A 660 -3.53 21.19 27.22
N ALA A 661 -4.47 20.39 27.70
CA ALA A 661 -4.93 19.20 26.98
C ALA A 661 -5.53 19.57 25.64
N ILE A 662 -6.46 20.53 25.66
CA ILE A 662 -7.12 21.02 24.46
C ILE A 662 -6.12 21.64 23.49
N SER A 663 -5.14 22.36 24.04
CA SER A 663 -4.09 22.96 23.21
C SER A 663 -3.32 21.86 22.48
N GLN A 664 -3.00 20.80 23.21
CA GLN A 664 -2.30 19.64 22.65
C GLN A 664 -3.16 18.98 21.57
N ALA A 665 -4.47 18.95 21.78
CA ALA A 665 -5.40 18.39 20.82
C ALA A 665 -5.41 19.18 19.51
N LEU A 666 -5.47 20.51 19.64
CA LEU A 666 -5.46 21.39 18.49
C LEU A 666 -4.12 21.30 17.76
N ALA A 667 -3.05 21.08 18.51
CA ALA A 667 -1.74 20.95 17.91
C ALA A 667 -1.65 19.65 17.12
N ASN A 668 -2.16 18.57 17.69
CA ASN A 668 -2.19 17.28 16.99
C ASN A 668 -2.98 17.40 15.69
N PHE A 669 -4.17 17.98 15.80
CA PHE A 669 -5.04 18.17 14.66
C PHE A 669 -4.33 18.95 13.55
N SER A 670 -3.88 20.16 13.87
CA SER A 670 -3.30 21.06 12.87
C SER A 670 -2.01 20.54 12.28
N ILE A 671 -1.10 20.08 13.14
CA ILE A 671 0.22 19.62 12.71
C ILE A 671 0.14 18.31 11.91
N ARG A 672 -0.71 17.38 12.35
CA ARG A 672 -0.68 16.06 11.75
C ARG A 672 -1.85 15.78 10.80
N GLU A 673 -3.07 15.95 11.30
CA GLU A 673 -4.25 15.45 10.61
C GLU A 673 -4.61 16.23 9.34
N VAL A 674 -4.64 17.56 9.46
CA VAL A 674 -4.99 18.41 8.33
C VAL A 674 -4.01 18.22 7.19
N ARG A 675 -2.72 18.23 7.53
CA ARG A 675 -1.66 18.06 6.55
C ARG A 675 -1.76 16.66 5.94
N SER A 676 -2.20 15.69 6.72
CA SER A 676 -2.36 14.33 6.20
C SER A 676 -3.50 14.26 5.19
N VAL A 677 -4.57 15.01 5.45
CA VAL A 677 -5.71 15.06 4.55
C VAL A 677 -5.37 15.77 3.24
N VAL A 678 -4.75 16.95 3.33
CA VAL A 678 -4.45 17.72 2.13
C VAL A 678 -3.38 17.03 1.29
N LYS A 679 -2.35 16.52 1.94
CA LYS A 679 -1.23 15.88 1.25
C LYS A 679 -0.66 16.77 0.15
N ASP A 680 -0.51 16.22 -1.04
CA ASP A 680 0.00 16.98 -2.18
C ASP A 680 -1.12 17.27 -3.16
N GLU A 681 -2.37 17.19 -2.68
CA GLU A 681 -3.54 17.46 -3.50
C GLU A 681 -3.73 18.95 -3.72
N GLY A 682 -3.08 19.76 -2.89
CA GLY A 682 -3.23 21.20 -2.95
C GLY A 682 -2.15 21.89 -2.12
N LEU A 683 -2.36 23.15 -1.81
CA LEU A 683 -1.44 23.88 -0.94
C LEU A 683 -2.09 24.23 0.39
N LEU A 684 -1.59 23.62 1.47
CA LEU A 684 -2.02 23.97 2.82
C LEU A 684 -1.18 25.13 3.35
N ILE A 685 -1.69 26.36 3.24
CA ILE A 685 -0.93 27.53 3.64
C ILE A 685 -0.82 27.64 5.17
N TYR A 686 -1.95 27.51 5.86
CA TYR A 686 -2.00 27.77 7.28
C TYR A 686 -2.87 26.77 8.02
N ALA A 687 -2.41 26.39 9.20
CA ALA A 687 -3.14 25.46 10.05
C ALA A 687 -2.63 25.58 11.47
N GLY A 688 -3.22 26.50 12.22
CA GLY A 688 -2.81 26.71 13.60
C GLY A 688 -4.01 26.61 14.52
N GLY A 689 -4.08 25.51 15.26
CA GLY A 689 -5.25 25.22 16.06
C GLY A 689 -6.47 24.96 15.19
N ASP A 690 -7.58 25.62 15.53
CA ASP A 690 -8.86 25.38 14.87
C ASP A 690 -8.92 25.88 13.42
N ASP A 691 -8.36 27.06 13.14
CA ASP A 691 -8.50 27.66 11.81
C ASP A 691 -7.56 27.05 10.76
N VAL A 692 -8.08 26.90 9.55
CA VAL A 692 -7.33 26.31 8.44
C VAL A 692 -7.45 27.16 7.16
N LEU A 693 -6.34 27.34 6.45
CA LEU A 693 -6.37 28.02 5.15
C LEU A 693 -5.64 27.21 4.08
N ALA A 694 -6.38 26.82 3.03
CA ALA A 694 -5.79 26.01 1.98
C ALA A 694 -6.34 26.35 0.59
N ILE A 695 -5.51 26.16 -0.43
CA ILE A 695 -5.93 26.33 -1.82
C ILE A 695 -5.98 24.96 -2.49
N LEU A 696 -7.13 24.61 -3.03
CA LEU A 696 -7.37 23.28 -3.58
C LEU A 696 -7.92 23.31 -5.00
N PRO A 697 -7.71 22.23 -5.76
CA PRO A 697 -8.38 22.08 -7.06
C PRO A 697 -9.86 21.81 -6.84
N VAL A 698 -10.69 22.12 -7.83
CA VAL A 698 -12.14 22.11 -7.65
C VAL A 698 -12.71 20.73 -7.32
N ASP A 699 -12.09 19.67 -7.83
CA ASP A 699 -12.57 18.33 -7.56
C ASP A 699 -12.26 17.87 -6.13
N LYS A 700 -11.09 18.25 -5.63
CA LYS A 700 -10.64 17.80 -4.31
C LYS A 700 -11.21 18.61 -3.14
N ALA A 701 -11.75 19.79 -3.43
CA ALA A 701 -12.11 20.76 -2.39
C ALA A 701 -13.10 20.23 -1.35
N LEU A 702 -14.24 19.71 -1.82
CA LEU A 702 -15.28 19.24 -0.92
C LEU A 702 -14.82 18.04 -0.11
N GLU A 703 -14.09 17.13 -0.74
CA GLU A 703 -13.61 15.93 -0.07
C GLU A 703 -12.70 16.31 1.07
N VAL A 704 -11.76 17.19 0.74
CA VAL A 704 -10.75 17.64 1.68
C VAL A 704 -11.39 18.34 2.85
N ALA A 705 -12.30 19.28 2.56
CA ALA A 705 -12.98 20.00 3.63
C ALA A 705 -13.73 19.04 4.55
N TYR A 706 -14.48 18.12 3.94
CA TYR A 706 -15.27 17.16 4.71
C TYR A 706 -14.39 16.26 5.59
N LYS A 707 -13.26 15.82 5.06
CA LYS A 707 -12.37 14.92 5.79
C LYS A 707 -11.63 15.64 6.90
N ILE A 708 -11.29 16.90 6.68
CA ILE A 708 -10.68 17.71 7.72
C ILE A 708 -11.68 17.91 8.85
N ARG A 709 -12.94 18.14 8.49
CA ARG A 709 -14.02 18.26 9.49
C ARG A 709 -14.22 16.95 10.25
N LYS A 710 -14.13 15.85 9.52
CA LYS A 710 -14.31 14.51 10.09
C LYS A 710 -13.22 14.21 11.10
N GLU A 711 -11.99 14.55 10.74
CA GLU A 711 -10.83 14.30 11.59
C GLU A 711 -10.83 15.25 12.78
N PHE A 712 -11.41 16.43 12.58
CA PHE A 712 -11.60 17.38 13.67
C PHE A 712 -12.73 16.94 14.57
N GLY A 713 -13.52 15.98 14.08
CA GLY A 713 -14.61 15.42 14.87
C GLY A 713 -14.14 14.33 15.81
N LYS A 714 -13.15 13.56 15.36
CA LYS A 714 -12.63 12.44 16.13
C LYS A 714 -12.14 12.87 17.50
N SER A 715 -12.23 11.97 18.46
CA SER A 715 -11.80 12.26 19.83
C SER A 715 -10.43 11.65 20.11
N PHE A 716 -10.13 10.55 19.43
CA PHE A 716 -8.85 9.88 19.64
C PHE A 716 -8.26 9.34 18.34
N GLU A 717 -6.95 9.55 18.17
CA GLU A 717 -6.18 8.88 17.14
C GLU A 717 -4.99 8.24 17.83
N ASN A 718 -4.96 6.90 17.85
CA ASN A 718 -4.01 6.17 18.66
C ASN A 718 -4.09 6.60 20.11
N GLY A 719 -2.94 6.80 20.74
CA GLY A 719 -2.90 7.24 22.12
C GLY A 719 -3.26 8.71 22.30
N SER A 720 -2.93 9.52 21.30
CA SER A 720 -3.08 10.96 21.39
C SER A 720 -4.53 11.43 21.33
N LEU A 721 -4.77 12.66 21.80
CA LEU A 721 -6.10 13.25 21.77
C LEU A 721 -6.33 14.06 20.51
N LEU A 722 -7.60 14.18 20.14
CA LEU A 722 -8.02 15.07 19.06
C LEU A 722 -9.14 15.94 19.59
N PRO A 723 -9.44 17.05 18.89
CA PRO A 723 -10.56 17.88 19.35
C PRO A 723 -11.86 17.12 19.15
N GLY A 724 -12.68 17.01 20.18
CA GLY A 724 -13.93 16.30 20.04
C GLY A 724 -15.05 17.27 19.71
N TRP A 725 -14.78 18.17 18.77
CA TRP A 725 -15.66 19.31 18.54
C TRP A 725 -16.06 19.46 17.08
N LYS A 726 -16.57 20.63 16.73
CA LYS A 726 -17.11 20.89 15.41
C LYS A 726 -16.63 22.24 14.87
N LEU A 727 -16.47 22.33 13.55
CA LEU A 727 -16.06 23.58 12.92
C LEU A 727 -16.89 23.94 11.70
N SER A 728 -16.98 25.24 11.42
CA SER A 728 -17.65 25.72 10.22
C SER A 728 -16.62 26.11 9.16
N ALA A 729 -17.03 26.15 7.89
CA ALA A 729 -16.09 26.45 6.82
C ALA A 729 -16.69 27.23 5.66
N GLY A 730 -15.81 27.78 4.84
CA GLY A 730 -16.21 28.48 3.63
C GLY A 730 -15.36 28.01 2.45
N ILE A 731 -16.03 27.55 1.41
CA ILE A 731 -15.37 27.15 0.18
C ILE A 731 -15.76 28.11 -0.92
N LEU A 732 -14.79 28.78 -1.52
CA LEU A 732 -15.10 29.71 -2.59
C LEU A 732 -14.40 29.31 -3.88
N ILE A 733 -15.19 29.02 -4.91
CA ILE A 733 -14.67 28.65 -6.21
C ILE A 733 -14.56 29.88 -7.09
N VAL A 734 -13.34 30.16 -7.52
CA VAL A 734 -13.05 31.41 -8.22
C VAL A 734 -12.32 31.13 -9.53
N HIS A 735 -12.55 31.99 -10.53
CA HIS A 735 -11.77 31.95 -11.76
C HIS A 735 -10.36 32.46 -11.46
N TYR A 736 -9.36 31.89 -12.12
CA TYR A 736 -7.97 32.19 -11.80
C TYR A 736 -7.61 33.66 -12.05
N LYS A 737 -8.29 34.30 -13.01
CA LYS A 737 -8.01 35.68 -13.37
C LYS A 737 -8.45 36.68 -12.29
N HIS A 738 -9.49 36.33 -11.55
CA HIS A 738 -10.03 37.16 -10.48
C HIS A 738 -8.98 37.53 -9.43
N PRO A 739 -8.94 38.80 -9.02
CA PRO A 739 -7.99 39.30 -8.02
C PRO A 739 -8.07 38.54 -6.70
N LEU A 740 -6.93 38.13 -6.19
CA LEU A 740 -6.85 37.22 -5.04
C LEU A 740 -7.37 37.85 -3.74
N TYR A 741 -7.08 39.13 -3.53
CA TYR A 741 -7.48 39.80 -2.30
C TYR A 741 -9.00 39.81 -2.16
N ASP A 742 -9.68 40.06 -3.28
CA ASP A 742 -11.13 40.04 -3.28
C ASP A 742 -11.65 38.64 -3.00
N ALA A 743 -11.00 37.64 -3.57
CA ALA A 743 -11.39 36.24 -3.37
C ALA A 743 -11.28 35.87 -1.89
N LEU A 744 -10.18 36.25 -1.26
CA LEU A 744 -9.98 36.00 0.16
C LEU A 744 -11.04 36.73 0.97
N GLU A 745 -11.37 37.95 0.53
CA GLU A 745 -12.41 38.73 1.20
C GLU A 745 -13.74 38.01 1.17
N LYS A 746 -14.12 37.51 0.00
CA LYS A 746 -15.40 36.82 -0.16
C LYS A 746 -15.41 35.46 0.53
N ALA A 747 -14.24 34.84 0.65
CA ALA A 747 -14.13 33.58 1.37
C ALA A 747 -14.35 33.79 2.86
N ARG A 748 -13.64 34.79 3.40
CA ARG A 748 -13.79 35.13 4.81
C ARG A 748 -15.22 35.58 5.08
N ASP A 749 -15.83 36.21 4.08
CA ASP A 749 -17.22 36.63 4.14
C ASP A 749 -18.13 35.40 4.24
N LEU A 750 -17.87 34.41 3.40
CA LEU A 750 -18.64 33.17 3.40
C LEU A 750 -18.56 32.45 4.74
N LEU A 751 -17.37 32.46 5.34
CA LEU A 751 -17.18 31.77 6.62
C LEU A 751 -17.79 32.53 7.79
N ASN A 752 -17.54 33.83 7.86
CA ASN A 752 -17.89 34.63 9.03
C ASN A 752 -19.32 35.15 9.02
N ASN A 753 -19.82 35.51 7.84
CA ASN A 753 -21.14 36.12 7.75
C ASN A 753 -22.24 35.14 7.33
N LYS A 754 -21.86 34.05 6.69
CA LYS A 754 -22.84 33.06 6.27
C LYS A 754 -22.83 31.84 7.16
N ALA A 755 -21.70 31.15 7.21
CA ALA A 755 -21.60 29.87 7.93
C ALA A 755 -21.76 30.02 9.44
N LYS A 756 -21.19 31.07 10.02
CA LYS A 756 -21.19 31.22 11.47
C LYS A 756 -22.43 31.95 11.96
N ASN A 757 -23.26 32.41 11.04
CA ASN A 757 -24.49 33.10 11.38
C ASN A 757 -25.69 32.16 11.47
N VAL A 758 -25.46 30.90 11.12
CA VAL A 758 -26.47 29.86 11.24
C VAL A 758 -26.49 29.33 12.68
N PRO A 759 -27.68 29.23 13.27
CA PRO A 759 -27.82 28.74 14.65
C PRO A 759 -27.22 27.35 14.84
N GLY A 760 -26.37 27.20 15.85
CA GLY A 760 -25.70 25.94 16.11
C GLY A 760 -24.46 25.79 15.24
N LYS A 761 -24.32 26.69 14.27
CA LYS A 761 -23.19 26.71 13.35
C LYS A 761 -22.95 25.33 12.73
N ASP A 762 -21.68 24.93 12.67
CA ASP A 762 -21.29 23.67 12.06
C ASP A 762 -21.83 23.56 10.63
N THR A 763 -21.60 24.60 9.83
CA THR A 763 -22.04 24.59 8.45
C THR A 763 -20.91 24.86 7.47
N LEU A 764 -21.11 24.40 6.24
CA LEU A 764 -20.23 24.70 5.13
C LEU A 764 -20.93 25.67 4.19
N ALA A 765 -20.28 26.79 3.92
CA ALA A 765 -20.81 27.78 3.00
C ALA A 765 -20.07 27.73 1.68
N ILE A 766 -20.74 27.28 0.63
CA ILE A 766 -20.09 27.15 -0.68
C ILE A 766 -20.53 28.27 -1.62
N GLY A 767 -19.57 29.00 -2.14
CA GLY A 767 -19.87 30.07 -3.08
C GLY A 767 -19.13 29.85 -4.37
N LEU A 768 -19.83 30.05 -5.48
CA LEU A 768 -19.22 30.00 -6.80
C LEU A 768 -19.29 31.39 -7.40
N LEU A 769 -18.13 31.93 -7.74
CA LEU A 769 -18.05 33.25 -8.35
C LEU A 769 -17.54 33.14 -9.78
N LYS A 770 -18.47 33.06 -10.72
CA LYS A 770 -18.11 32.87 -12.13
C LYS A 770 -17.52 34.15 -12.69
N ARG A 771 -16.83 34.04 -13.82
CA ARG A 771 -16.28 35.21 -14.51
C ARG A 771 -17.41 36.12 -14.96
N SER A 772 -18.59 35.51 -15.18
CA SER A 772 -19.80 36.22 -15.57
C SER A 772 -20.17 37.32 -14.58
N GLY A 773 -19.80 37.13 -13.32
CA GLY A 773 -20.08 38.09 -12.27
C GLY A 773 -21.14 37.55 -11.32
N SER A 774 -21.83 36.51 -11.77
CA SER A 774 -22.89 35.89 -10.98
C SER A 774 -22.30 35.10 -9.81
N TYR A 775 -22.88 35.31 -8.63
CA TYR A 775 -22.36 34.75 -7.40
C TYR A 775 -23.39 33.85 -6.73
N TYR A 776 -23.15 32.55 -6.76
CA TYR A 776 -24.10 31.60 -6.19
C TYR A 776 -23.63 31.11 -4.83
N ILE A 777 -24.47 31.28 -3.81
CA ILE A 777 -24.11 30.86 -2.47
C ILE A 777 -25.09 29.80 -1.94
N SER A 778 -24.53 28.73 -1.38
CA SER A 778 -25.31 27.65 -0.80
C SER A 778 -24.81 27.31 0.60
N LEU A 779 -25.71 27.36 1.57
CA LEU A 779 -25.38 27.02 2.95
C LEU A 779 -25.80 25.58 3.22
N VAL A 780 -24.86 24.74 3.60
CA VAL A 780 -25.09 23.29 3.61
C VAL A 780 -24.41 22.61 4.80
N GLY A 781 -25.13 21.68 5.44
CA GLY A 781 -24.56 20.91 6.52
C GLY A 781 -23.59 19.87 6.03
N TRP A 782 -22.62 19.51 6.86
CA TRP A 782 -21.52 18.65 6.44
C TRP A 782 -21.96 17.29 5.92
N GLU A 783 -23.01 16.73 6.50
CA GLU A 783 -23.47 15.40 6.14
C GLU A 783 -23.92 15.34 4.69
N LEU A 784 -24.39 16.47 4.17
CA LEU A 784 -24.89 16.53 2.81
C LEU A 784 -23.82 16.13 1.80
N ILE A 785 -22.56 16.43 2.11
CA ILE A 785 -21.46 16.07 1.22
C ILE A 785 -21.36 14.56 1.10
N ARG A 786 -21.42 13.87 2.24
CA ARG A 786 -21.30 12.43 2.27
C ARG A 786 -22.51 11.78 1.60
N VAL A 787 -23.70 12.21 1.99
CA VAL A 787 -24.94 11.68 1.45
C VAL A 787 -24.98 11.83 -0.07
N PHE A 788 -24.67 13.03 -0.54
CA PHE A 788 -24.68 13.31 -1.97
C PHE A 788 -23.63 12.49 -2.71
N TYR A 789 -22.48 12.29 -2.09
CA TYR A 789 -21.45 11.47 -2.70
C TYR A 789 -21.94 10.03 -2.82
N ASN A 790 -22.72 9.60 -1.83
CA ASN A 790 -23.33 8.28 -1.86
C ASN A 790 -24.56 8.21 -2.76
N SER A 791 -25.22 9.34 -2.95
CA SER A 791 -26.47 9.41 -3.68
C SER A 791 -26.37 8.91 -5.11
N GLU A 792 -27.43 8.24 -5.58
CA GLU A 792 -27.53 7.83 -6.98
C GLU A 792 -27.76 9.05 -7.85
N LEU A 793 -28.33 10.10 -7.25
CA LEU A 793 -28.57 11.36 -7.94
C LEU A 793 -27.28 11.90 -8.52
N ARG A 794 -26.19 11.78 -7.77
CA ARG A 794 -24.88 12.23 -8.25
C ARG A 794 -24.43 11.38 -9.43
N LYS A 795 -24.62 10.07 -9.32
CA LYS A 795 -24.21 9.15 -10.38
C LYS A 795 -24.92 9.45 -11.69
N LYS A 796 -26.23 9.71 -11.59
CA LYS A 796 -27.02 10.07 -12.77
C LYS A 796 -26.64 11.43 -13.32
N LEU A 797 -26.37 12.37 -12.41
CA LEU A 797 -26.02 13.74 -12.79
C LEU A 797 -24.71 13.79 -13.56
N LEU A 798 -23.72 13.05 -13.09
CA LEU A 798 -22.41 13.02 -13.73
C LEU A 798 -22.45 12.29 -15.06
N GLU A 799 -23.20 11.19 -15.12
CA GLU A 799 -23.33 10.40 -16.33
C GLU A 799 -24.60 10.75 -17.10
N ARG A 807 -30.77 21.24 -16.93
CA ARG A 807 -32.17 21.13 -17.30
C ARG A 807 -33.06 21.12 -16.07
N PHE A 808 -32.88 20.10 -15.24
CA PHE A 808 -33.62 19.88 -14.01
C PHE A 808 -33.45 21.05 -13.00
N ILE A 809 -32.20 21.32 -12.67
CA ILE A 809 -31.84 22.28 -11.63
C ILE A 809 -32.36 23.70 -11.93
N TYR A 810 -32.20 24.12 -13.19
CA TYR A 810 -32.64 25.43 -13.65
C TYR A 810 -34.14 25.60 -13.43
N HIS A 811 -34.89 24.57 -13.80
CA HIS A 811 -36.33 24.63 -13.69
C HIS A 811 -36.74 24.67 -12.23
N VAL A 812 -36.03 23.92 -11.38
CA VAL A 812 -36.36 23.96 -9.96
C VAL A 812 -36.13 25.36 -9.37
N LEU A 813 -34.99 25.98 -9.66
CA LEU A 813 -34.74 27.33 -9.14
C LEU A 813 -35.76 28.32 -9.68
N ARG A 814 -36.20 28.11 -10.92
CA ARG A 814 -37.20 28.99 -11.51
C ARG A 814 -38.53 28.86 -10.78
N GLU A 815 -38.92 27.62 -10.49
CA GLU A 815 -40.21 27.36 -9.86
C GLU A 815 -40.29 27.73 -8.38
N VAL A 816 -39.19 27.60 -7.65
CA VAL A 816 -39.23 27.76 -6.19
C VAL A 816 -39.74 29.17 -5.80
N ASP A 817 -39.16 30.18 -6.43
CA ASP A 817 -39.47 31.57 -6.14
C ASP A 817 -40.97 31.85 -6.24
N THR A 818 -41.58 31.42 -7.35
CA THR A 818 -43.00 31.66 -7.61
C THR A 818 -43.95 30.64 -6.98
N TRP A 819 -43.45 29.43 -6.72
CA TRP A 819 -44.29 28.33 -6.21
C TRP A 819 -44.83 28.61 -4.83
N PRO A 820 -46.00 28.04 -4.48
CA PRO A 820 -46.58 28.29 -3.17
C PRO A 820 -46.10 27.29 -2.12
N ILE A 824 -45.40 21.87 -1.81
CA ILE A 824 -43.99 22.03 -2.14
C ILE A 824 -43.37 20.66 -2.38
N ASP A 825 -43.64 19.72 -1.47
CA ASP A 825 -43.25 18.34 -1.65
C ASP A 825 -43.92 17.83 -2.92
N GLU A 826 -45.14 18.31 -3.13
CA GLU A 826 -45.88 18.07 -4.35
C GLU A 826 -45.21 18.79 -5.52
N MET A 827 -44.79 20.02 -5.26
CA MET A 827 -44.12 20.83 -6.27
C MET A 827 -42.82 20.17 -6.67
N LEU A 828 -42.12 19.62 -5.69
CA LEU A 828 -40.88 18.89 -5.94
C LEU A 828 -41.17 17.63 -6.76
N LYS A 829 -42.09 16.82 -6.25
CA LYS A 829 -42.47 15.56 -6.89
C LYS A 829 -42.81 15.75 -8.35
N PHE A 830 -43.51 16.85 -8.66
CA PHE A 830 -43.90 17.17 -10.03
C PHE A 830 -42.68 17.29 -10.94
N GLU A 831 -41.66 18.00 -10.47
CA GLU A 831 -40.45 18.23 -11.24
C GLU A 831 -39.57 16.99 -11.33
N VAL A 832 -39.48 16.26 -10.23
CA VAL A 832 -38.71 15.02 -10.21
C VAL A 832 -39.28 14.05 -11.23
N ILE A 833 -40.60 13.85 -11.18
CA ILE A 833 -41.30 13.04 -12.17
C ILE A 833 -41.08 13.61 -13.57
N ARG A 834 -41.09 14.94 -13.67
CA ARG A 834 -40.94 15.60 -14.95
C ARG A 834 -39.62 15.30 -15.67
N HIS A 835 -38.51 15.28 -14.95
CA HIS A 835 -37.20 15.12 -15.61
C HIS A 835 -36.57 13.73 -15.49
N ILE A 836 -37.22 12.84 -14.75
CA ILE A 836 -36.66 11.52 -14.55
C ILE A 836 -37.65 10.42 -14.94
N LYS A 841 -38.53 0.42 -18.49
CA LYS A 841 -39.75 1.11 -18.07
C LYS A 841 -40.13 0.69 -16.66
N GLU A 842 -39.65 -0.47 -16.23
CA GLU A 842 -39.80 -0.88 -14.84
C GLU A 842 -38.90 -0.03 -13.95
N GLU A 843 -37.75 0.33 -14.50
CA GLU A 843 -36.71 1.07 -13.78
C GLU A 843 -37.12 2.49 -13.38
N THR A 844 -37.92 3.15 -14.22
CA THR A 844 -38.21 4.57 -14.04
C THR A 844 -38.98 4.91 -12.76
N LYS A 845 -39.95 4.08 -12.36
CA LYS A 845 -40.67 4.34 -11.12
C LYS A 845 -39.73 4.23 -9.92
N GLU A 846 -38.89 3.19 -9.91
CA GLU A 846 -37.88 3.05 -8.87
C GLU A 846 -36.95 4.26 -8.82
N LEU A 847 -36.51 4.71 -10.00
CA LEU A 847 -35.56 5.82 -10.06
C LEU A 847 -36.20 7.13 -9.59
N ARG A 848 -37.45 7.36 -9.96
CA ARG A 848 -38.15 8.56 -9.52
C ARG A 848 -38.33 8.54 -8.00
N GLU A 849 -38.78 7.41 -7.48
CA GLU A 849 -39.01 7.28 -6.05
C GLU A 849 -37.71 7.44 -5.27
N LYS A 850 -36.64 6.84 -5.80
CA LYS A 850 -35.33 6.84 -5.15
C LYS A 850 -34.69 8.23 -5.15
N ILE A 851 -34.74 8.90 -6.29
CA ILE A 851 -34.16 10.23 -6.39
C ILE A 851 -35.00 11.26 -5.62
N TYR A 852 -36.32 11.10 -5.61
CA TYR A 852 -37.14 11.97 -4.78
C TYR A 852 -36.82 11.75 -3.30
N GLY A 853 -36.60 10.49 -2.93
CA GLY A 853 -36.22 10.15 -1.57
C GLY A 853 -34.89 10.77 -1.20
N GLU A 854 -33.94 10.70 -2.13
CA GLU A 854 -32.61 11.25 -1.94
C GLU A 854 -32.67 12.77 -1.79
N ILE A 855 -33.48 13.41 -2.62
CA ILE A 855 -33.64 14.86 -2.55
C ILE A 855 -34.25 15.22 -1.19
N LYS A 856 -35.22 14.42 -0.75
CA LYS A 856 -35.84 14.63 0.56
C LYS A 856 -34.82 14.52 1.69
N ASP A 857 -33.90 13.57 1.55
CA ASP A 857 -32.85 13.39 2.53
C ASP A 857 -31.86 14.57 2.54
N LEU A 858 -31.48 14.98 1.34
CA LEU A 858 -30.53 16.08 1.18
C LEU A 858 -31.09 17.40 1.69
N LEU A 859 -32.39 17.60 1.50
CA LEU A 859 -33.05 18.84 1.92
C LEU A 859 -32.95 19.02 3.42
N GLU A 860 -32.92 17.91 4.15
CA GLU A 860 -32.79 17.95 5.60
C GLU A 860 -31.48 18.60 6.02
N HIS A 861 -30.42 18.28 5.30
CA HIS A 861 -29.07 18.75 5.64
C HIS A 861 -28.74 20.12 5.06
N VAL A 862 -29.70 20.72 4.36
CA VAL A 862 -29.50 22.05 3.79
C VAL A 862 -29.84 23.12 4.80
N ARG A 863 -29.00 24.14 4.90
CA ARG A 863 -29.24 25.21 5.85
C ARG A 863 -30.28 26.18 5.31
N GLY A 864 -31.54 25.88 5.60
CA GLY A 864 -32.63 26.75 5.24
C GLY A 864 -33.65 26.68 6.36
N ASN A 865 -34.31 27.79 6.66
CA ASN A 865 -35.29 27.80 7.73
C ASN A 865 -36.69 27.35 7.29
N ASN A 866 -36.97 27.37 6.00
CA ASN A 866 -38.20 26.78 5.47
C ASN A 866 -37.92 26.07 4.15
N GLU A 867 -38.86 25.22 3.72
CA GLU A 867 -38.61 24.33 2.58
C GLU A 867 -38.28 25.06 1.28
N VAL A 868 -38.81 26.26 1.10
CA VAL A 868 -38.51 27.04 -0.08
C VAL A 868 -37.00 27.31 -0.10
N GLU A 869 -36.49 27.69 1.07
CA GLU A 869 -35.07 27.98 1.26
C GLU A 869 -34.25 26.72 1.01
N LYS A 870 -34.69 25.62 1.61
CA LYS A 870 -33.96 24.37 1.54
C LYS A 870 -33.80 23.90 0.10
N VAL A 871 -34.87 24.01 -0.68
CA VAL A 871 -34.79 23.62 -2.09
C VAL A 871 -33.89 24.59 -2.85
N ARG A 872 -34.01 25.88 -2.54
CA ARG A 872 -33.18 26.86 -3.23
C ARG A 872 -31.70 26.60 -3.02
N GLY A 873 -31.34 26.30 -1.78
CA GLY A 873 -29.96 26.04 -1.39
C GLY A 873 -29.44 24.76 -1.97
N LEU A 874 -30.24 23.70 -1.86
CA LEU A 874 -29.84 22.39 -2.35
C LEU A 874 -29.59 22.44 -3.86
N PHE A 875 -30.49 23.10 -4.58
CA PHE A 875 -30.34 23.14 -6.02
C PHE A 875 -29.35 24.21 -6.46
N THR A 876 -29.03 25.15 -5.59
CA THR A 876 -27.92 26.07 -5.86
C THR A 876 -26.61 25.30 -5.78
N PHE A 877 -26.50 24.46 -4.76
CA PHE A 877 -25.39 23.55 -4.59
C PHE A 877 -25.25 22.64 -5.81
N LEU A 878 -26.39 22.13 -6.26
CA LEU A 878 -26.43 21.25 -7.42
C LEU A 878 -26.02 22.00 -8.68
N LYS A 879 -26.37 23.28 -8.76
CA LYS A 879 -25.94 24.12 -9.87
C LYS A 879 -24.43 24.32 -9.85
N ILE A 880 -23.89 24.52 -8.65
CA ILE A 880 -22.47 24.73 -8.46
C ILE A 880 -21.67 23.51 -8.93
N ILE A 881 -22.09 22.32 -8.53
CA ILE A 881 -21.34 21.13 -8.94
C ILE A 881 -21.49 20.83 -10.43
N THR A 882 -22.70 20.97 -10.95
CA THR A 882 -22.99 20.65 -12.34
C THR A 882 -22.75 21.84 -13.27
N ASP A 883 -21.54 22.38 -13.23
CA ASP A 883 -21.17 23.48 -14.12
C ASP A 883 -20.08 23.01 -15.06
N ALA A 884 -20.34 23.09 -16.36
CA ALA A 884 -19.40 22.60 -17.37
C ALA A 884 -18.16 23.46 -17.43
N GLU A 885 -18.28 24.72 -17.01
CA GLU A 885 -17.16 25.65 -17.01
C GLU A 885 -16.26 25.39 -15.82
N VAL A 886 -16.87 25.13 -14.67
CA VAL A 886 -16.14 24.92 -13.42
C VAL A 886 -15.64 23.48 -13.31
N PHE A 887 -16.45 22.53 -13.80
CA PHE A 887 -16.08 21.12 -13.76
C PHE A 887 -16.07 20.49 -15.15
N PRO A 888 -15.00 20.71 -15.93
CA PRO A 888 -14.87 20.11 -17.26
C PRO A 888 -14.83 18.58 -17.20
N MET B 18 19.29 -2.02 -24.10
CA MET B 18 19.42 -1.53 -25.47
C MET B 18 18.06 -1.49 -26.17
N VAL B 19 17.03 -1.07 -25.45
CA VAL B 19 15.67 -1.14 -25.96
C VAL B 19 15.12 0.22 -26.40
N ASN B 20 14.83 0.35 -27.68
CA ASN B 20 14.11 1.52 -28.21
C ASN B 20 12.68 1.13 -28.57
N ILE B 21 11.72 1.70 -27.84
CA ILE B 21 10.34 1.23 -27.85
C ILE B 21 9.64 1.37 -29.20
N LYS B 22 9.98 2.39 -29.98
CA LYS B 22 9.31 2.63 -31.26
C LYS B 22 9.61 1.51 -32.26
N GLU B 23 10.89 1.24 -32.48
CA GLU B 23 11.31 0.21 -33.41
C GLU B 23 10.77 -1.15 -32.99
N LYS B 24 10.79 -1.41 -31.69
CA LYS B 24 10.28 -2.65 -31.15
C LYS B 24 8.79 -2.79 -31.43
N LEU B 25 8.05 -1.70 -31.26
CA LEU B 25 6.62 -1.70 -31.52
C LEU B 25 6.33 -1.93 -33.00
N PHE B 26 7.22 -1.41 -33.85
CA PHE B 26 7.09 -1.56 -35.28
C PHE B 26 7.31 -3.02 -35.73
N VAL B 27 8.46 -3.58 -35.35
CA VAL B 27 8.79 -4.96 -35.73
C VAL B 27 7.85 -5.96 -35.07
N TYR B 28 7.37 -5.63 -33.88
CA TYR B 28 6.41 -6.48 -33.19
C TYR B 28 5.08 -6.46 -33.93
N LEU B 29 4.57 -5.27 -34.21
CA LEU B 29 3.29 -5.16 -34.89
C LEU B 29 3.45 -5.06 -36.41
N HIS B 30 4.45 -5.74 -36.95
CA HIS B 30 4.57 -5.88 -38.40
C HIS B 30 3.30 -6.52 -38.96
N ASP B 31 2.74 -7.46 -38.21
CA ASP B 31 1.44 -8.04 -38.52
C ASP B 31 0.43 -7.67 -37.42
N PRO B 32 -0.85 -7.52 -37.81
CA PRO B 32 -1.90 -7.14 -36.86
C PRO B 32 -2.45 -8.34 -36.11
N PRO B 33 -3.05 -8.10 -34.92
CA PRO B 33 -3.71 -9.16 -34.15
C PRO B 33 -4.85 -9.81 -34.93
N ASP B 34 -5.48 -9.02 -35.80
CA ASP B 34 -6.62 -9.50 -36.58
C ASP B 34 -6.21 -9.93 -37.98
N LYS B 35 -5.01 -10.51 -38.10
CA LYS B 35 -4.52 -10.97 -39.40
C LYS B 35 -5.46 -12.04 -39.96
N ALA B 36 -6.09 -12.78 -39.05
CA ALA B 36 -7.00 -13.87 -39.40
C ALA B 36 -8.29 -13.42 -40.09
N LEU B 37 -8.83 -12.27 -39.71
CA LEU B 37 -10.13 -11.83 -40.20
C LEU B 37 -10.14 -11.64 -41.73
N LYS B 38 -9.14 -10.93 -42.24
CA LYS B 38 -8.91 -10.82 -43.67
C LYS B 38 -7.42 -10.68 -43.91
N ILE B 39 -6.86 -11.48 -44.81
CA ILE B 39 -5.42 -11.45 -45.02
C ILE B 39 -5.04 -10.42 -46.09
N GLU B 40 -5.98 -10.14 -46.98
CA GLU B 40 -5.70 -9.24 -48.08
C GLU B 40 -5.65 -7.84 -47.48
N ASN B 41 -4.50 -7.18 -47.62
CA ASN B 41 -4.25 -5.84 -47.11
C ASN B 41 -4.17 -5.70 -45.59
N HIS B 42 -3.62 -6.71 -44.93
CA HIS B 42 -3.46 -6.64 -43.48
C HIS B 42 -2.42 -5.57 -43.10
N GLU B 43 -1.40 -5.43 -43.95
CA GLU B 43 -0.31 -4.48 -43.71
C GLU B 43 -0.87 -3.08 -43.52
N GLU B 44 -1.94 -2.76 -44.22
CA GLU B 44 -2.55 -1.44 -44.12
C GLU B 44 -3.08 -1.22 -42.71
N ARG B 45 -3.68 -2.27 -42.16
CA ARG B 45 -4.21 -2.22 -40.80
C ARG B 45 -3.07 -2.05 -39.81
N SER B 46 -1.94 -2.73 -40.08
CA SER B 46 -0.77 -2.57 -39.26
C SER B 46 -0.24 -1.13 -39.34
N LYS B 47 -0.31 -0.56 -40.53
CA LYS B 47 0.11 0.82 -40.76
C LYS B 47 -0.77 1.78 -39.98
N LYS B 48 -2.05 1.46 -39.85
CA LYS B 48 -2.96 2.29 -39.07
C LYS B 48 -2.63 2.20 -37.58
N ILE B 49 -2.42 0.99 -37.11
CA ILE B 49 -2.10 0.79 -35.69
C ILE B 49 -0.81 1.52 -35.32
N LEU B 50 0.20 1.39 -36.17
CA LEU B 50 1.48 2.05 -35.92
C LEU B 50 1.36 3.55 -36.14
N SER B 51 0.39 3.96 -36.96
CA SER B 51 0.15 5.39 -37.19
C SER B 51 -0.32 6.01 -35.88
N SER B 52 -1.15 5.25 -35.17
CA SER B 52 -1.58 5.67 -33.84
C SER B 52 -0.39 5.75 -32.88
N GLY B 53 0.54 4.81 -33.02
CA GLY B 53 1.73 4.77 -32.18
C GLY B 53 2.87 5.64 -32.70
N ASN B 54 2.54 6.55 -33.62
CA ASN B 54 3.50 7.49 -34.21
C ASN B 54 4.65 6.84 -34.97
N ILE B 55 4.49 5.58 -35.33
CA ILE B 55 5.53 4.86 -36.06
C ILE B 55 5.12 4.64 -37.52
N THR B 60 11.16 -3.11 -44.16
CA THR B 60 12.48 -2.90 -43.57
C THR B 60 13.30 -4.19 -43.62
N ASP B 61 14.48 -4.16 -42.98
CA ASP B 61 15.42 -5.27 -43.08
C ASP B 61 15.25 -6.31 -41.96
N LYS B 62 14.97 -5.85 -40.74
CA LYS B 62 14.87 -6.77 -39.61
C LYS B 62 13.69 -7.73 -39.76
N VAL B 63 12.54 -7.19 -40.16
CA VAL B 63 11.36 -8.02 -40.36
C VAL B 63 11.60 -8.98 -41.50
N LYS B 64 12.41 -8.55 -42.47
CA LYS B 64 12.78 -9.39 -43.60
C LYS B 64 13.61 -10.58 -43.15
N GLN B 65 14.60 -10.33 -42.31
CA GLN B 65 15.47 -11.39 -41.80
C GLN B 65 14.67 -12.36 -40.93
N ALA B 66 13.80 -11.80 -40.08
CA ALA B 66 12.94 -12.60 -39.23
C ALA B 66 12.03 -13.50 -40.06
N ASP B 67 11.44 -12.93 -41.11
CA ASP B 67 10.53 -13.66 -41.99
C ASP B 67 11.24 -14.74 -42.79
N ALA B 68 12.48 -14.47 -43.22
CA ALA B 68 13.25 -15.46 -43.96
C ALA B 68 13.65 -16.62 -43.05
N LEU B 69 14.10 -16.27 -41.84
CA LEU B 69 14.53 -17.28 -40.88
C LEU B 69 13.33 -18.14 -40.47
N SER B 70 12.17 -17.50 -40.38
CA SER B 70 10.92 -18.21 -40.12
C SER B 70 10.58 -19.11 -41.30
N SER B 71 10.82 -18.61 -42.51
CA SER B 71 10.57 -19.36 -43.73
C SER B 71 11.43 -20.63 -43.77
N LYS B 72 12.58 -20.59 -43.11
CA LYS B 72 13.43 -21.76 -43.04
C LYS B 72 12.82 -22.85 -42.15
N THR B 73 11.94 -22.45 -41.23
CA THR B 73 11.29 -23.41 -40.34
C THR B 73 10.10 -24.10 -40.99
N GLN B 74 9.59 -23.51 -42.07
CA GLN B 74 8.43 -24.06 -42.77
C GLN B 74 8.70 -25.42 -43.39
N ARG B 75 7.76 -26.35 -43.22
CA ARG B 75 7.89 -27.68 -43.78
C ARG B 75 6.72 -28.00 -44.70
N PHE B 76 6.48 -27.13 -45.68
CA PHE B 76 5.35 -27.32 -46.59
C PHE B 76 5.55 -26.63 -47.93
N ILE B 77 4.88 -27.14 -48.96
CA ILE B 77 4.83 -26.49 -50.26
C ILE B 77 3.37 -26.36 -50.70
N ILE B 78 2.86 -25.14 -50.64
CA ILE B 78 1.45 -24.87 -50.96
C ILE B 78 1.19 -24.98 -52.45
N ARG B 79 0.21 -25.81 -52.79
CA ARG B 79 -0.15 -26.05 -54.19
C ARG B 79 -1.10 -24.98 -54.70
N GLU B 85 -3.13 -20.52 -55.00
CA GLU B 85 -2.91 -20.67 -53.57
C GLU B 85 -4.18 -20.36 -52.77
N PRO B 86 -4.64 -21.33 -51.96
CA PRO B 86 -5.86 -21.20 -51.16
C PRO B 86 -5.69 -20.20 -50.02
N VAL B 87 -6.79 -19.60 -49.58
CA VAL B 87 -6.75 -18.63 -48.49
C VAL B 87 -7.88 -18.90 -47.50
N ILE B 88 -7.59 -18.73 -46.21
CA ILE B 88 -8.60 -18.89 -45.18
C ILE B 88 -8.70 -17.66 -44.28
N ASP B 89 -9.90 -17.09 -44.20
CA ASP B 89 -10.11 -15.82 -43.50
C ASP B 89 -11.60 -15.60 -43.26
N PHE B 90 -11.95 -14.87 -42.20
CA PHE B 90 -13.35 -14.64 -41.90
C PHE B 90 -14.05 -13.74 -42.91
N LEU B 91 -13.35 -12.70 -43.34
CA LEU B 91 -13.91 -11.69 -44.22
C LEU B 91 -13.12 -11.66 -45.51
N GLY B 92 -12.66 -12.83 -45.94
CA GLY B 92 -11.89 -12.91 -47.16
C GLY B 92 -12.83 -13.18 -48.32
N ARG B 93 -12.40 -12.79 -49.51
CA ARG B 93 -13.16 -13.08 -50.71
C ARG B 93 -12.17 -13.49 -51.78
N SER B 94 -12.66 -14.26 -52.75
CA SER B 94 -11.79 -14.79 -53.80
C SER B 94 -11.38 -13.69 -54.78
N TYR B 98 -5.60 -16.94 -55.34
CA TYR B 98 -6.31 -16.80 -54.08
C TYR B 98 -7.79 -17.15 -54.20
N PHE B 99 -8.20 -18.23 -53.54
CA PHE B 99 -9.60 -18.64 -53.53
C PHE B 99 -10.00 -19.05 -52.11
N HIS B 100 -11.05 -18.42 -51.60
CA HIS B 100 -11.51 -18.64 -50.24
C HIS B 100 -11.95 -20.09 -50.00
N VAL B 101 -11.46 -20.69 -48.91
CA VAL B 101 -11.74 -22.09 -48.62
C VAL B 101 -12.44 -22.24 -47.26
N GLY B 102 -13.11 -21.17 -46.83
CA GLY B 102 -13.93 -21.24 -45.63
C GLY B 102 -13.34 -20.57 -44.40
N TYR B 103 -14.16 -20.47 -43.35
CA TYR B 103 -13.78 -19.85 -42.10
C TYR B 103 -12.60 -20.54 -41.41
N PRO B 104 -11.81 -19.77 -40.62
CA PRO B 104 -10.67 -20.35 -39.91
C PRO B 104 -11.02 -20.88 -38.52
N VAL B 105 -10.33 -21.96 -38.14
CA VAL B 105 -10.52 -22.58 -36.83
C VAL B 105 -9.19 -22.62 -36.09
N PHE B 106 -9.19 -23.18 -34.89
CA PHE B 106 -7.96 -23.34 -34.14
C PHE B 106 -7.71 -24.80 -33.78
N ILE B 107 -6.47 -25.25 -33.95
CA ILE B 107 -6.11 -26.62 -33.64
C ILE B 107 -5.06 -26.69 -32.53
N HIS B 108 -5.36 -27.44 -31.49
CA HIS B 108 -4.45 -27.58 -30.35
C HIS B 108 -3.18 -28.32 -30.77
N PRO B 109 -2.01 -27.78 -30.38
CA PRO B 109 -0.73 -28.37 -30.79
C PRO B 109 -0.57 -29.81 -30.33
N ILE B 110 -0.91 -30.07 -29.08
CA ILE B 110 -0.74 -31.41 -28.52
C ILE B 110 -1.97 -32.29 -28.78
N SER B 111 -3.14 -31.77 -28.45
CA SER B 111 -4.40 -32.52 -28.59
C SER B 111 -4.76 -32.81 -30.05
N THR B 112 -4.49 -31.82 -30.91
CA THR B 112 -4.97 -31.77 -32.29
C THR B 112 -6.50 -31.68 -32.28
N GLU B 113 -7.03 -31.21 -31.15
CA GLU B 113 -8.46 -31.00 -30.98
C GLU B 113 -8.85 -29.66 -31.60
N ILE B 114 -9.95 -29.64 -32.33
CA ILE B 114 -10.36 -28.46 -33.08
C ILE B 114 -11.30 -27.57 -32.28
N LYS B 115 -10.97 -26.28 -32.21
CA LYS B 115 -11.79 -25.29 -31.54
C LYS B 115 -12.34 -24.29 -32.55
N ARG B 116 -13.66 -24.13 -32.59
CA ARG B 116 -14.29 -23.25 -33.56
C ARG B 116 -14.74 -21.93 -32.91
N TYR B 117 -14.60 -20.83 -33.67
CA TYR B 117 -15.02 -19.51 -33.19
C TYR B 117 -16.51 -19.28 -33.42
N GLU B 118 -17.35 -19.89 -32.57
CA GLU B 118 -18.80 -19.90 -32.76
C GLU B 118 -19.45 -18.53 -32.86
N THR B 119 -19.25 -17.70 -31.84
CA THR B 119 -19.90 -16.40 -31.76
C THR B 119 -19.43 -15.48 -32.89
N LEU B 120 -18.12 -15.48 -33.12
CA LEU B 120 -17.54 -14.70 -34.20
C LEU B 120 -18.15 -15.14 -35.54
N GLU B 121 -18.24 -16.44 -35.75
CA GLU B 121 -18.84 -17.00 -36.95
C GLU B 121 -20.27 -16.51 -37.12
N LYS B 122 -21.05 -16.56 -36.05
CA LYS B 122 -22.45 -16.12 -36.10
C LYS B 122 -22.58 -14.65 -36.49
N TYR B 123 -21.85 -13.78 -35.79
CA TYR B 123 -21.93 -12.35 -36.05
C TYR B 123 -21.47 -12.01 -37.47
N ILE B 124 -20.39 -12.65 -37.90
CA ILE B 124 -19.87 -12.44 -39.25
C ILE B 124 -20.91 -12.88 -40.28
N ASP B 125 -21.54 -14.03 -40.01
CA ASP B 125 -22.56 -14.57 -40.89
C ASP B 125 -23.72 -13.59 -41.06
N LEU B 126 -24.23 -13.08 -39.95
CA LEU B 126 -25.33 -12.12 -40.00
C LEU B 126 -24.91 -10.87 -40.76
N GLY B 127 -23.69 -10.42 -40.53
CA GLY B 127 -23.19 -9.23 -41.21
C GLY B 127 -23.07 -9.42 -42.72
N ARG B 128 -22.53 -10.55 -43.13
CA ARG B 128 -22.37 -10.88 -44.54
C ARG B 128 -23.71 -11.02 -45.24
N SER B 129 -24.67 -11.63 -44.54
CA SER B 129 -26.01 -11.78 -45.08
C SER B 129 -26.71 -10.44 -45.23
N ASN B 130 -26.58 -9.58 -44.23
CA ASN B 130 -27.30 -8.30 -44.23
C ASN B 130 -26.74 -7.21 -45.15
N ARG B 131 -25.45 -6.91 -45.03
CA ARG B 131 -24.89 -5.77 -45.74
C ARG B 131 -23.70 -6.08 -46.65
N GLY B 132 -23.20 -7.31 -46.62
CA GLY B 132 -22.08 -7.70 -47.46
C GLY B 132 -20.82 -6.84 -47.31
N GLU B 133 -20.27 -6.42 -48.43
CA GLU B 133 -18.97 -5.73 -48.49
C GLU B 133 -18.91 -4.46 -47.65
N ARG B 134 -20.00 -3.70 -47.63
CA ARG B 134 -20.05 -2.47 -46.84
C ARG B 134 -19.84 -2.78 -45.37
N PHE B 135 -20.56 -3.80 -44.89
CA PHE B 135 -20.41 -4.28 -43.53
C PHE B 135 -19.00 -4.75 -43.24
N VAL B 136 -18.42 -5.47 -44.20
CA VAL B 136 -17.07 -6.02 -44.05
C VAL B 136 -16.05 -4.90 -43.85
N ASN B 137 -16.02 -3.97 -44.80
CA ASN B 137 -15.07 -2.86 -44.74
C ASN B 137 -15.28 -1.98 -43.52
N GLU B 138 -16.55 -1.71 -43.18
CA GLU B 138 -16.87 -0.90 -42.01
C GLU B 138 -16.38 -1.58 -40.74
N PHE B 139 -16.59 -2.89 -40.67
CA PHE B 139 -16.19 -3.69 -39.52
C PHE B 139 -14.67 -3.66 -39.35
N LEU B 140 -13.96 -3.83 -40.46
CA LEU B 140 -12.50 -3.75 -40.42
C LEU B 140 -12.01 -2.39 -39.94
N GLU B 141 -12.62 -1.32 -40.47
CA GLU B 141 -12.21 0.03 -40.10
C GLU B 141 -12.43 0.30 -38.62
N ARG B 142 -13.56 -0.20 -38.11
CA ARG B 142 -13.89 -0.01 -36.71
C ARG B 142 -12.94 -0.81 -35.80
N VAL B 143 -12.75 -2.08 -36.14
CA VAL B 143 -11.88 -2.96 -35.35
C VAL B 143 -10.45 -2.43 -35.30
N SER B 144 -9.92 -2.05 -36.46
CA SER B 144 -8.56 -1.50 -36.52
C SER B 144 -8.47 -0.18 -35.74
N LYS B 145 -9.54 0.62 -35.80
CA LYS B 145 -9.58 1.87 -35.04
C LYS B 145 -9.52 1.60 -33.54
N LEU B 146 -10.24 0.57 -33.11
CA LEU B 146 -10.28 0.18 -31.70
C LEU B 146 -8.90 -0.30 -31.23
N GLU B 147 -8.28 -1.16 -32.03
CA GLU B 147 -6.96 -1.68 -31.72
C GLU B 147 -5.95 -0.54 -31.59
N GLY B 148 -6.05 0.42 -32.52
CA GLY B 148 -5.19 1.59 -32.48
C GLY B 148 -5.40 2.39 -31.20
N ASP B 149 -6.66 2.58 -30.83
CA ASP B 149 -7.01 3.29 -29.60
C ASP B 149 -6.39 2.63 -28.36
N VAL B 150 -6.69 1.36 -28.17
CA VAL B 150 -6.15 0.60 -27.04
C VAL B 150 -4.63 0.65 -27.00
N LEU B 151 -4.00 0.44 -28.15
CA LEU B 151 -2.55 0.51 -28.27
C LEU B 151 -2.04 1.87 -27.78
N LYS B 152 -2.70 2.94 -28.23
CA LYS B 152 -2.34 4.29 -27.81
C LYS B 152 -2.44 4.46 -26.29
N GLU B 153 -3.56 4.04 -25.72
CA GLU B 153 -3.77 4.16 -24.28
C GLU B 153 -2.69 3.41 -23.49
N VAL B 154 -2.44 2.16 -23.90
CA VAL B 154 -1.43 1.33 -23.25
C VAL B 154 -0.03 1.96 -23.33
N PHE B 155 0.32 2.45 -24.52
CA PHE B 155 1.59 3.13 -24.73
C PHE B 155 1.75 4.34 -23.81
N GLU B 156 0.68 5.13 -23.71
CA GLU B 156 0.69 6.31 -22.84
C GLU B 156 0.87 5.93 -21.37
N ASP B 157 0.11 4.93 -20.90
CA ASP B 157 0.24 4.45 -19.53
C ASP B 157 1.66 3.95 -19.25
N ALA B 158 2.24 3.26 -20.23
CA ALA B 158 3.60 2.75 -20.12
C ALA B 158 4.59 3.90 -19.96
N SER B 159 4.46 4.89 -20.83
CA SER B 159 5.35 6.06 -20.79
C SER B 159 5.17 6.83 -19.49
N ASN B 160 3.98 6.76 -18.91
CA ASN B 160 3.69 7.43 -17.63
C ASN B 160 4.30 6.71 -16.43
N LYS B 161 4.22 5.37 -16.44
CA LYS B 161 4.70 4.59 -15.30
C LYS B 161 6.21 4.44 -15.26
N PHE B 162 6.82 4.26 -16.42
CA PHE B 162 8.26 4.04 -16.51
C PHE B 162 8.93 5.06 -17.43
N LYS B 163 9.00 6.30 -16.97
CA LYS B 163 9.54 7.40 -17.76
C LYS B 163 11.01 7.19 -18.10
N GLY B 164 11.80 6.81 -17.09
CA GLY B 164 13.23 6.65 -17.28
C GLY B 164 13.64 5.45 -18.13
N GLU B 165 13.01 4.31 -17.87
CA GLU B 165 13.47 3.05 -18.45
C GLU B 165 12.55 2.52 -19.55
N GLU B 166 13.10 2.43 -20.75
CA GLU B 166 12.36 1.94 -21.91
C GLU B 166 12.05 0.46 -21.83
N SER B 167 12.94 -0.31 -21.21
CA SER B 167 12.77 -1.75 -21.09
C SER B 167 11.49 -2.10 -20.32
N LYS B 168 11.30 -1.41 -19.21
CA LYS B 168 10.10 -1.62 -18.39
C LYS B 168 8.85 -1.16 -19.14
N GLN B 169 9.01 -0.12 -19.94
CA GLN B 169 7.92 0.37 -20.79
C GLN B 169 7.46 -0.74 -21.72
N TRP B 170 8.41 -1.28 -22.47
CA TRP B 170 8.12 -2.35 -23.43
C TRP B 170 7.56 -3.60 -22.76
N ALA B 171 8.12 -3.95 -21.59
CA ALA B 171 7.61 -5.09 -20.82
C ALA B 171 6.15 -4.88 -20.47
N TYR B 172 5.83 -3.68 -19.99
CA TYR B 172 4.46 -3.35 -19.59
C TYR B 172 3.50 -3.43 -20.78
N ILE B 173 3.92 -2.87 -21.91
CA ILE B 173 3.07 -2.89 -23.11
C ILE B 173 2.85 -4.32 -23.61
N TRP B 174 3.94 -5.06 -23.79
CA TRP B 174 3.88 -6.46 -24.22
C TRP B 174 3.00 -7.30 -23.30
N GLN B 175 3.07 -7.01 -22.00
CA GLN B 175 2.28 -7.75 -21.02
C GLN B 175 0.79 -7.42 -21.10
N PHE B 176 0.45 -6.12 -21.05
CA PHE B 176 -0.94 -5.73 -20.85
C PHE B 176 -1.72 -5.40 -22.12
N TYR B 177 -1.06 -5.40 -23.28
CA TYR B 177 -1.75 -5.06 -24.52
C TYR B 177 -2.91 -6.03 -24.83
N PRO B 178 -2.66 -7.35 -24.84
CA PRO B 178 -3.81 -8.22 -25.15
C PRO B 178 -4.93 -8.17 -24.12
N VAL B 179 -4.59 -7.83 -22.88
CA VAL B 179 -5.59 -7.73 -21.81
C VAL B 179 -6.50 -6.54 -22.02
N LYS B 180 -5.90 -5.36 -22.16
CA LYS B 180 -6.64 -4.12 -22.40
C LYS B 180 -7.40 -4.17 -23.72
N LEU B 181 -6.81 -4.85 -24.71
CA LEU B 181 -7.46 -5.07 -25.99
C LEU B 181 -8.70 -5.95 -25.79
N LYS B 182 -8.58 -6.97 -24.95
CA LYS B 182 -9.70 -7.85 -24.67
C LYS B 182 -10.82 -7.10 -23.97
N GLU B 183 -10.45 -6.24 -23.02
CA GLU B 183 -11.44 -5.42 -22.30
C GLU B 183 -12.12 -4.44 -23.26
N GLY B 184 -11.34 -3.86 -24.17
CA GLY B 184 -11.86 -2.91 -25.13
C GLY B 184 -12.80 -3.53 -26.14
N VAL B 185 -12.48 -4.75 -26.57
CA VAL B 185 -13.33 -5.48 -27.50
C VAL B 185 -14.59 -5.97 -26.78
N LYS B 186 -14.46 -6.34 -25.51
CA LYS B 186 -15.62 -6.71 -24.72
C LYS B 186 -16.56 -5.52 -24.57
N GLU B 187 -15.99 -4.35 -24.34
CA GLU B 187 -16.77 -3.13 -24.21
C GLU B 187 -17.45 -2.76 -25.54
N PHE B 188 -16.70 -2.89 -26.63
CA PHE B 188 -17.21 -2.62 -27.97
C PHE B 188 -18.38 -3.55 -28.35
N ALA B 189 -18.22 -4.84 -28.03
CA ALA B 189 -19.26 -5.82 -28.32
C ALA B 189 -20.50 -5.62 -27.44
N LYS B 190 -20.26 -5.32 -26.17
CA LYS B 190 -21.35 -5.12 -25.22
C LYS B 190 -22.13 -3.84 -25.50
N SER B 191 -21.43 -2.80 -25.96
CA SER B 191 -22.04 -1.48 -26.16
C SER B 191 -22.53 -1.25 -27.58
N GLU B 192 -21.61 -1.21 -28.54
CA GLU B 192 -21.96 -0.88 -29.92
C GLU B 192 -22.77 -1.96 -30.61
N LEU B 193 -22.45 -3.23 -30.34
CA LEU B 193 -23.10 -4.34 -31.01
C LEU B 193 -24.27 -4.92 -30.20
N LYS B 194 -24.52 -4.34 -29.04
CA LYS B 194 -25.64 -4.72 -28.17
C LYS B 194 -25.73 -6.23 -27.94
N LEU B 195 -24.61 -6.84 -27.59
CA LEU B 195 -24.57 -8.27 -27.29
C LEU B 195 -24.67 -8.53 -25.79
N LYS B 196 -25.21 -9.69 -25.44
CA LYS B 196 -25.32 -10.08 -24.03
C LYS B 196 -23.94 -10.22 -23.39
N GLU B 197 -23.91 -10.25 -22.06
CA GLU B 197 -22.64 -10.33 -21.32
C GLU B 197 -21.82 -11.55 -21.69
N GLU B 198 -22.45 -12.73 -21.69
CA GLU B 198 -21.77 -13.97 -22.02
C GLU B 198 -21.27 -13.96 -23.46
N GLU B 199 -22.14 -13.52 -24.38
CA GLU B 199 -21.80 -13.44 -25.79
C GLU B 199 -20.68 -12.44 -26.04
N ALA B 200 -20.65 -11.37 -25.27
CA ALA B 200 -19.61 -10.36 -25.40
C ALA B 200 -18.28 -10.87 -24.89
N GLU B 201 -18.30 -11.52 -23.73
CA GLU B 201 -17.09 -12.12 -23.16
C GLU B 201 -16.52 -13.13 -24.13
N LYS B 202 -17.40 -13.95 -24.72
CA LYS B 202 -17.00 -14.92 -25.72
C LYS B 202 -16.41 -14.23 -26.94
N PHE B 203 -17.01 -13.11 -27.32
CA PHE B 203 -16.57 -12.35 -28.49
C PHE B 203 -15.14 -11.86 -28.30
N ALA B 204 -14.85 -11.33 -27.11
CA ALA B 204 -13.51 -10.85 -26.79
C ALA B 204 -12.51 -11.99 -26.70
N GLU B 205 -12.90 -13.08 -26.02
CA GLU B 205 -12.03 -14.22 -25.84
C GLU B 205 -11.65 -14.85 -27.18
N GLU B 206 -12.58 -14.81 -28.12
CA GLU B 206 -12.33 -15.36 -29.45
C GLU B 206 -11.57 -14.38 -30.33
N PHE B 207 -11.78 -13.10 -30.10
CA PHE B 207 -11.10 -12.07 -30.87
C PHE B 207 -9.59 -12.06 -30.55
N VAL B 208 -9.26 -12.16 -29.27
CA VAL B 208 -7.86 -12.09 -28.84
C VAL B 208 -7.05 -13.33 -29.24
N ASN B 209 -7.70 -14.47 -29.29
CA ASN B 209 -7.01 -15.73 -29.55
C ASN B 209 -7.08 -16.20 -31.00
N LEU B 210 -7.01 -15.27 -31.93
CA LEU B 210 -6.99 -15.62 -33.36
C LEU B 210 -5.66 -16.25 -33.73
N PRO B 211 -5.67 -17.13 -34.74
CA PRO B 211 -4.44 -17.79 -35.19
C PRO B 211 -3.48 -16.83 -35.89
N ALA B 212 -2.26 -17.28 -36.14
CA ALA B 212 -1.28 -16.46 -36.84
C ALA B 212 -1.27 -16.84 -38.31
N ASP B 213 -1.30 -18.14 -38.56
CA ASP B 213 -1.41 -18.67 -39.90
C ASP B 213 -2.68 -19.51 -39.95
N THR B 214 -3.68 -19.02 -40.67
CA THR B 214 -4.98 -19.68 -40.73
C THR B 214 -4.85 -21.08 -41.33
N ARG B 215 -3.83 -21.25 -42.16
CA ARG B 215 -3.55 -22.52 -42.79
C ARG B 215 -3.04 -23.55 -41.78
N PHE B 216 -2.16 -23.09 -40.89
CA PHE B 216 -1.61 -23.97 -39.86
C PHE B 216 -1.84 -23.35 -38.48
N PRO B 217 -3.07 -23.50 -37.95
CA PRO B 217 -3.47 -22.85 -36.70
C PRO B 217 -2.91 -23.52 -35.45
N ASP B 218 -1.62 -23.83 -35.45
CA ASP B 218 -0.97 -24.42 -34.28
C ASP B 218 -0.87 -23.39 -33.17
N HIS B 219 -0.57 -22.15 -33.55
CA HIS B 219 -0.27 -21.10 -32.59
C HIS B 219 -1.16 -19.89 -32.79
N ALA B 220 -1.33 -19.10 -31.74
CA ALA B 220 -2.05 -17.84 -31.83
C ALA B 220 -1.17 -16.79 -32.50
N ILE B 221 -1.76 -15.64 -32.83
CA ILE B 221 -1.04 -14.58 -33.52
C ILE B 221 0.07 -13.99 -32.64
N TRP B 222 -0.19 -13.95 -31.35
CA TRP B 222 0.71 -13.33 -30.39
C TRP B 222 2.09 -14.01 -30.35
N THR B 223 2.11 -15.34 -30.41
CA THR B 223 3.37 -16.07 -30.36
C THR B 223 4.20 -15.80 -31.61
N HIS B 224 3.51 -15.63 -32.74
CA HIS B 224 4.16 -15.30 -33.99
C HIS B 224 4.78 -13.91 -33.93
N LEU B 225 4.05 -12.98 -33.35
CA LEU B 225 4.56 -11.62 -33.16
C LEU B 225 5.80 -11.65 -32.27
N ASP B 226 5.71 -12.42 -31.19
CA ASP B 226 6.80 -12.57 -30.23
C ASP B 226 8.05 -13.14 -30.87
N LEU B 227 7.88 -14.18 -31.67
CA LEU B 227 9.00 -14.80 -32.36
C LEU B 227 9.60 -13.91 -33.44
N THR B 228 8.76 -13.16 -34.15
CA THR B 228 9.27 -12.24 -35.17
C THR B 228 10.16 -11.18 -34.52
N SER B 229 9.62 -10.60 -33.44
CA SER B 229 10.34 -9.59 -32.68
C SER B 229 11.63 -10.17 -32.11
N ALA B 230 11.58 -11.43 -31.69
CA ALA B 230 12.75 -12.10 -31.16
C ALA B 230 13.83 -12.31 -32.21
N LEU B 231 13.42 -12.71 -33.42
CA LEU B 231 14.37 -13.06 -34.47
C LEU B 231 14.80 -11.86 -35.30
N SER B 232 14.34 -10.67 -34.93
CA SER B 232 14.73 -9.47 -35.67
C SER B 232 16.13 -8.93 -35.31
N VAL B 233 16.85 -9.60 -34.41
CA VAL B 233 18.16 -9.12 -33.97
C VAL B 233 19.31 -9.76 -34.74
N LYS B 234 20.47 -9.10 -34.77
CA LYS B 234 21.64 -9.59 -35.49
C LYS B 234 22.19 -10.89 -34.94
N ASP B 235 22.33 -11.88 -35.82
CA ASP B 235 22.78 -13.23 -35.46
C ASP B 235 22.02 -13.77 -34.24
N PRO B 236 20.72 -14.03 -34.40
CA PRO B 236 19.93 -14.57 -33.29
C PRO B 236 20.38 -15.97 -32.90
N THR B 237 20.52 -16.21 -31.60
CA THR B 237 20.95 -17.50 -31.09
C THR B 237 20.01 -18.04 -30.02
N LEU B 238 20.08 -19.36 -29.83
CA LEU B 238 19.28 -20.06 -28.83
C LEU B 238 20.11 -20.20 -27.56
N LEU B 239 19.55 -19.72 -26.46
CA LEU B 239 20.23 -19.72 -25.16
C LEU B 239 19.50 -20.60 -24.15
N ARG B 240 20.23 -21.51 -23.53
CA ARG B 240 19.69 -22.43 -22.55
C ARG B 240 20.36 -22.22 -21.19
N ILE B 241 19.54 -22.00 -20.18
CA ILE B 241 20.01 -21.74 -18.82
C ILE B 241 19.51 -22.80 -17.84
N LYS B 242 20.39 -23.34 -17.01
CA LYS B 242 19.97 -24.29 -15.98
C LYS B 242 20.62 -23.96 -14.63
N ILE B 243 19.81 -23.90 -13.59
CA ILE B 243 20.33 -23.60 -12.26
C ILE B 243 20.22 -24.81 -11.36
N VAL B 244 21.37 -25.22 -10.83
CA VAL B 244 21.47 -26.41 -9.98
C VAL B 244 22.17 -26.06 -8.66
N PRO B 245 22.02 -26.90 -7.64
CA PRO B 245 21.23 -28.13 -7.55
C PRO B 245 19.81 -27.86 -7.05
N VAL B 246 18.84 -28.56 -7.63
CA VAL B 246 17.45 -28.41 -7.21
C VAL B 246 17.15 -29.27 -5.99
N GLN B 247 17.29 -30.59 -6.16
CA GLN B 247 16.90 -31.54 -5.13
C GLN B 247 17.76 -31.47 -3.86
N PRO B 248 19.10 -31.41 -4.00
CA PRO B 248 19.91 -31.31 -2.77
C PRO B 248 19.58 -30.08 -1.92
N PHE B 249 19.20 -28.98 -2.57
CA PHE B 249 18.85 -27.77 -1.85
C PHE B 249 17.43 -27.85 -1.30
N ILE B 250 16.51 -28.39 -2.10
CA ILE B 250 15.10 -28.43 -1.75
C ILE B 250 14.74 -29.58 -0.81
N ALA B 251 15.13 -30.80 -1.19
CA ALA B 251 14.70 -31.99 -0.46
C ALA B 251 15.39 -32.14 0.89
N ASN B 252 16.43 -31.35 1.13
CA ASN B 252 17.16 -31.41 2.41
C ASN B 252 16.58 -30.46 3.44
N SER B 253 15.25 -30.37 3.48
CA SER B 253 14.57 -29.45 4.39
C SER B 253 14.03 -30.17 5.61
N ARG B 254 14.08 -29.52 6.77
CA ARG B 254 13.57 -30.11 7.99
C ARG B 254 12.20 -29.55 8.35
N LYS B 255 11.89 -28.38 7.83
CA LYS B 255 10.62 -27.72 8.10
C LYS B 255 9.91 -27.40 6.80
N GLN B 256 8.58 -27.27 6.87
CA GLN B 256 7.79 -26.95 5.69
C GLN B 256 8.12 -25.54 5.22
N LEU B 257 8.34 -24.65 6.19
CA LEU B 257 8.71 -23.27 5.89
C LEU B 257 10.06 -23.21 5.15
N ASP B 258 10.99 -24.05 5.57
CA ASP B 258 12.31 -24.13 4.93
C ASP B 258 12.20 -24.67 3.51
N LEU B 259 11.28 -25.61 3.33
CA LEU B 259 10.99 -26.20 2.02
C LEU B 259 10.48 -25.13 1.06
N TRP B 260 9.44 -24.43 1.50
CA TRP B 260 8.87 -23.33 0.75
C TRP B 260 9.93 -22.29 0.41
N ALA B 261 10.73 -21.92 1.41
CA ALA B 261 11.77 -20.92 1.26
C ALA B 261 12.76 -21.33 0.18
N SER B 262 13.18 -22.60 0.20
CA SER B 262 14.13 -23.10 -0.78
C SER B 262 13.56 -23.07 -2.20
N SER B 263 12.35 -23.58 -2.37
CA SER B 263 11.73 -23.60 -3.70
C SER B 263 11.55 -22.17 -4.25
N HIS B 264 11.01 -21.31 -3.40
CA HIS B 264 10.75 -19.92 -3.77
C HIS B 264 12.06 -19.19 -4.11
N LEU B 265 13.10 -19.45 -3.34
CA LEU B 265 14.41 -18.85 -3.58
C LEU B 265 15.00 -19.32 -4.92
N LEU B 266 14.87 -20.61 -5.23
CA LEU B 266 15.31 -21.11 -6.52
C LEU B 266 14.58 -20.41 -7.66
N SER B 267 13.25 -20.32 -7.54
CA SER B 267 12.47 -19.60 -8.55
C SER B 267 12.95 -18.15 -8.68
N MET B 268 13.30 -17.54 -7.56
CA MET B 268 13.78 -16.17 -7.53
C MET B 268 15.13 -16.05 -8.24
N LEU B 269 15.95 -17.09 -8.14
CA LEU B 269 17.22 -17.13 -8.85
C LEU B 269 16.97 -17.17 -10.34
N MET B 270 16.01 -17.99 -10.76
CA MET B 270 15.66 -18.04 -12.18
C MET B 270 15.11 -16.71 -12.66
N TYR B 271 14.32 -16.04 -11.82
CA TYR B 271 13.79 -14.73 -12.16
C TYR B 271 14.92 -13.72 -12.34
N LYS B 272 15.91 -13.78 -11.45
CA LYS B 272 17.07 -12.90 -11.54
C LYS B 272 17.83 -13.17 -12.83
N ALA B 273 17.87 -14.44 -13.23
CA ALA B 273 18.50 -14.79 -14.49
C ALA B 273 17.76 -14.16 -15.68
N LEU B 274 16.44 -14.35 -15.71
CA LEU B 274 15.62 -13.86 -16.82
C LEU B 274 15.56 -12.34 -16.86
N GLU B 275 15.79 -11.70 -15.73
CA GLU B 275 15.74 -10.24 -15.61
C GLU B 275 16.72 -9.60 -16.59
N VAL B 276 17.87 -10.24 -16.75
CA VAL B 276 18.88 -9.78 -17.70
C VAL B 276 18.32 -9.78 -19.11
N ILE B 277 17.68 -10.87 -19.49
CA ILE B 277 17.11 -11.02 -20.82
C ILE B 277 16.02 -10.00 -21.08
N VAL B 278 15.15 -9.79 -20.10
CA VAL B 278 14.07 -8.82 -20.24
C VAL B 278 14.63 -7.40 -20.34
N ASP B 279 15.67 -7.11 -19.57
CA ASP B 279 16.31 -5.80 -19.58
C ASP B 279 16.97 -5.49 -20.92
N LYS B 280 17.82 -6.39 -21.37
CA LYS B 280 18.57 -6.19 -22.61
C LYS B 280 17.66 -6.32 -23.84
N PHE B 281 16.69 -7.23 -23.80
CA PHE B 281 15.85 -7.48 -24.97
C PHE B 281 14.36 -7.31 -24.74
N GLY B 282 13.80 -8.03 -23.78
CA GLY B 282 12.37 -8.02 -23.57
C GLY B 282 11.80 -9.39 -23.28
N PRO B 283 10.58 -9.42 -22.72
CA PRO B 283 9.94 -10.65 -22.23
C PRO B 283 9.62 -11.65 -23.33
N GLU B 284 9.37 -11.18 -24.55
CA GLU B 284 8.99 -12.06 -25.64
C GLU B 284 10.19 -12.86 -26.17
N HIS B 285 11.37 -12.54 -25.66
CA HIS B 285 12.58 -13.26 -26.05
C HIS B 285 12.74 -14.55 -25.25
N VAL B 286 11.97 -14.68 -24.18
CA VAL B 286 12.01 -15.88 -23.36
C VAL B 286 10.98 -16.90 -23.82
N ILE B 287 11.47 -17.95 -24.47
CA ILE B 287 10.61 -19.00 -25.01
C ILE B 287 10.01 -19.85 -23.90
N TYR B 288 10.86 -20.26 -22.96
CA TYR B 288 10.42 -21.04 -21.81
C TYR B 288 11.20 -20.61 -20.57
N PRO B 289 10.49 -20.37 -19.46
CA PRO B 289 9.03 -20.40 -19.37
C PRO B 289 8.39 -19.14 -19.91
N SER B 290 7.11 -19.22 -20.27
CA SER B 290 6.37 -18.05 -20.72
C SER B 290 6.27 -17.06 -19.57
N LEU B 291 6.58 -15.79 -19.84
CA LEU B 291 6.62 -14.78 -18.79
C LEU B 291 5.30 -14.04 -18.65
N ARG B 292 4.36 -14.34 -19.53
CA ARG B 292 3.06 -13.68 -19.47
C ARG B 292 2.32 -14.09 -18.21
N ASP B 293 1.81 -13.08 -17.50
CA ASP B 293 1.04 -13.25 -16.27
C ASP B 293 1.82 -13.94 -15.15
N GLN B 294 3.16 -13.90 -15.24
CA GLN B 294 4.01 -14.45 -14.20
C GLN B 294 4.13 -13.50 -13.02
N PRO B 295 3.74 -13.95 -11.83
CA PRO B 295 3.74 -13.15 -10.60
C PRO B 295 5.07 -12.45 -10.31
N PHE B 296 6.19 -13.11 -10.59
CA PHE B 296 7.49 -12.49 -10.38
C PHE B 296 7.70 -11.36 -11.38
N PHE B 297 7.34 -11.63 -12.64
CA PHE B 297 7.48 -10.65 -13.70
C PHE B 297 6.58 -9.44 -13.46
N LEU B 298 5.36 -9.70 -13.00
CA LEU B 298 4.40 -8.63 -12.74
C LEU B 298 4.80 -7.80 -11.52
N LYS B 299 5.18 -8.47 -10.44
CA LYS B 299 5.48 -7.79 -9.17
C LYS B 299 6.84 -7.10 -9.18
N PHE B 300 7.89 -7.85 -9.52
CA PHE B 300 9.25 -7.38 -9.34
C PHE B 300 9.82 -6.66 -10.56
N TYR B 301 9.01 -6.49 -11.60
CA TYR B 301 9.49 -5.78 -12.80
C TYR B 301 8.52 -4.69 -13.23
N LEU B 302 7.25 -5.05 -13.33
CA LEU B 302 6.22 -4.09 -13.72
C LEU B 302 5.66 -3.34 -12.52
N GLY B 303 6.03 -3.79 -11.32
CA GLY B 303 5.65 -3.10 -10.10
C GLY B 303 4.19 -3.26 -9.72
N GLU B 304 3.49 -4.17 -10.39
CA GLU B 304 2.09 -4.42 -10.11
C GLU B 304 1.88 -4.94 -8.69
N ASN B 305 0.81 -4.50 -8.04
CA ASN B 305 0.48 -4.98 -6.71
C ASN B 305 -0.17 -6.35 -6.79
N ILE B 306 0.41 -7.32 -6.10
CA ILE B 306 -0.01 -8.71 -6.22
C ILE B 306 -0.35 -9.30 -4.85
N GLY B 307 -1.30 -10.23 -4.81
CA GLY B 307 -1.73 -10.81 -3.56
C GLY B 307 -0.86 -11.99 -3.17
N ASP B 308 -1.47 -13.01 -2.55
CA ASP B 308 -0.71 -14.14 -2.05
C ASP B 308 -0.30 -15.14 -3.12
N GLU B 309 -0.68 -14.87 -4.37
CA GLU B 309 -0.32 -15.75 -5.46
C GLU B 309 1.17 -15.65 -5.74
N ILE B 310 1.80 -14.62 -5.20
CA ILE B 310 3.25 -14.47 -5.29
C ILE B 310 3.97 -15.49 -4.43
N LEU B 311 3.26 -16.06 -3.45
CA LEU B 311 3.85 -17.02 -2.53
C LEU B 311 4.18 -18.34 -3.22
N VAL B 312 3.45 -18.65 -4.29
CA VAL B 312 3.71 -19.86 -5.06
C VAL B 312 4.86 -19.66 -6.04
N ALA B 313 5.73 -20.66 -6.15
CA ALA B 313 6.88 -20.59 -7.04
C ALA B 313 6.53 -21.18 -8.40
N ASN B 314 6.49 -20.34 -9.42
CA ASN B 314 6.02 -20.77 -10.74
C ASN B 314 7.11 -20.79 -11.80
N LEU B 315 8.32 -20.41 -11.42
CA LEU B 315 9.44 -20.40 -12.36
C LEU B 315 10.33 -21.61 -12.16
N PRO B 316 10.55 -22.39 -13.23
CA PRO B 316 11.40 -23.59 -13.19
C PRO B 316 12.88 -23.23 -13.12
N ASN B 317 13.75 -24.24 -13.04
CA ASN B 317 15.18 -23.99 -12.95
C ASN B 317 15.85 -24.08 -14.30
N LYS B 318 15.03 -24.16 -15.35
CA LYS B 318 15.52 -24.25 -16.72
C LYS B 318 14.83 -23.21 -17.58
N ALA B 319 15.59 -22.57 -18.47
CA ALA B 319 15.04 -21.51 -19.32
C ALA B 319 15.61 -21.54 -20.74
N LEU B 320 14.82 -21.01 -21.67
CA LEU B 320 15.17 -20.96 -23.09
C LEU B 320 14.85 -19.57 -23.68
N ALA B 321 15.84 -18.93 -24.29
CA ALA B 321 15.65 -17.58 -24.81
C ALA B 321 16.36 -17.33 -26.14
N ILE B 322 16.01 -16.24 -26.81
CA ILE B 322 16.68 -15.84 -28.05
C ILE B 322 17.53 -14.59 -27.80
N VAL B 323 18.82 -14.67 -28.08
CA VAL B 323 19.75 -13.58 -27.77
C VAL B 323 20.71 -13.32 -28.93
N SER B 324 21.09 -12.06 -29.14
CA SER B 324 22.04 -11.72 -30.20
C SER B 324 23.39 -12.39 -29.97
N GLY B 325 23.99 -12.89 -31.05
CA GLY B 325 25.21 -13.68 -30.96
C GLY B 325 26.40 -12.93 -30.39
N LYS B 326 26.46 -11.63 -30.67
CA LYS B 326 27.58 -10.81 -30.21
C LYS B 326 27.58 -10.65 -28.69
N GLU B 327 26.39 -10.50 -28.11
CA GLU B 327 26.26 -10.21 -26.69
C GLU B 327 26.06 -11.46 -25.83
N ALA B 328 26.22 -12.64 -26.42
CA ALA B 328 25.97 -13.90 -25.71
C ALA B 328 26.82 -14.07 -24.46
N GLU B 329 28.14 -14.00 -24.65
CA GLU B 329 29.09 -14.18 -23.55
C GLU B 329 28.85 -13.17 -22.43
N LYS B 330 28.67 -11.92 -22.84
CA LYS B 330 28.42 -10.82 -21.91
C LYS B 330 27.19 -11.10 -21.05
N ILE B 331 26.13 -11.61 -21.68
CA ILE B 331 24.90 -11.95 -20.96
C ILE B 331 25.06 -13.17 -20.04
N GLU B 332 25.86 -14.15 -20.47
CA GLU B 332 26.17 -15.26 -19.59
C GLU B 332 26.81 -14.74 -18.31
N GLU B 333 27.88 -13.96 -18.51
CA GLU B 333 28.62 -13.38 -17.41
C GLU B 333 27.73 -12.52 -16.52
N GLU B 334 26.81 -11.79 -17.16
CA GLU B 334 25.91 -10.89 -16.44
C GLU B 334 24.90 -11.65 -15.59
N ILE B 335 24.37 -12.74 -16.13
CA ILE B 335 23.44 -13.59 -15.39
C ILE B 335 24.13 -14.16 -14.17
N LYS B 336 25.29 -14.79 -14.39
CA LYS B 336 26.06 -15.35 -13.28
C LYS B 336 26.37 -14.29 -12.23
N LYS B 337 26.76 -13.10 -12.69
CA LYS B 337 27.05 -11.96 -11.83
C LYS B 337 25.86 -11.57 -10.97
N ARG B 338 24.70 -11.41 -11.59
CA ARG B 338 23.49 -10.99 -10.90
C ARG B 338 23.07 -12.02 -9.86
N ILE B 339 23.25 -13.29 -10.18
CA ILE B 339 22.89 -14.35 -9.25
C ILE B 339 23.83 -14.36 -8.04
N ARG B 340 25.14 -14.31 -8.31
CA ARG B 340 26.13 -14.22 -7.24
C ARG B 340 25.88 -13.04 -6.33
N ASP B 341 25.70 -11.86 -6.94
CA ASP B 341 25.48 -10.62 -6.21
C ASP B 341 24.22 -10.70 -5.35
N PHE B 342 23.13 -11.18 -5.96
CA PHE B 342 21.87 -11.31 -5.25
C PHE B 342 22.02 -12.21 -4.03
N LEU B 343 22.70 -13.34 -4.22
CA LEU B 343 22.91 -14.29 -3.13
C LEU B 343 23.73 -13.67 -2.01
N LEU B 344 24.77 -12.91 -2.38
CA LEU B 344 25.64 -12.29 -1.39
C LEU B 344 24.92 -11.22 -0.58
N GLN B 345 24.14 -10.38 -1.26
CA GLN B 345 23.33 -9.37 -0.58
C GLN B 345 22.35 -10.05 0.38
N LEU B 346 21.76 -11.14 -0.08
CA LEU B 346 20.83 -11.90 0.73
C LEU B 346 21.51 -12.42 1.98
N TYR B 347 22.73 -12.92 1.83
CA TYR B 347 23.50 -13.42 2.96
C TYR B 347 23.81 -12.31 3.95
N ARG B 348 24.16 -11.14 3.43
CA ARG B 348 24.51 -10.01 4.28
C ARG B 348 23.33 -9.55 5.12
N GLU B 349 22.20 -9.30 4.45
CA GLU B 349 20.98 -8.93 5.13
C GLU B 349 20.58 -10.00 6.14
N ALA B 350 20.77 -11.27 5.77
CA ALA B 350 20.48 -12.38 6.65
C ALA B 350 21.30 -12.30 7.93
N VAL B 351 22.60 -12.03 7.78
CA VAL B 351 23.50 -11.89 8.91
C VAL B 351 23.03 -10.77 9.83
N ASP B 352 22.72 -9.62 9.23
CA ASP B 352 22.21 -8.49 10.02
C ASP B 352 20.95 -8.86 10.79
N TRP B 353 20.00 -9.50 10.11
CA TRP B 353 18.75 -9.92 10.72
C TRP B 353 18.99 -10.86 11.89
N ALA B 354 19.89 -11.82 11.69
CA ALA B 354 20.23 -12.81 12.71
C ALA B 354 20.85 -12.16 13.93
N VAL B 355 21.72 -11.18 13.71
CA VAL B 355 22.40 -10.49 14.80
C VAL B 355 21.44 -9.58 15.57
N GLU B 356 20.47 -9.01 14.84
CA GLU B 356 19.52 -8.08 15.44
C GLU B 356 18.45 -8.79 16.26
N ASN B 357 17.91 -9.88 15.71
CA ASN B 357 16.78 -10.56 16.33
C ASN B 357 17.18 -11.64 17.32
N GLY B 358 18.48 -11.83 17.49
CA GLY B 358 18.98 -12.76 18.48
C GLY B 358 19.08 -14.19 17.99
N VAL B 359 19.03 -14.36 16.67
CA VAL B 359 19.22 -15.68 16.08
C VAL B 359 20.63 -16.16 16.37
N VAL B 360 21.57 -15.22 16.40
CA VAL B 360 22.93 -15.50 16.83
C VAL B 360 23.33 -14.54 17.94
N LYS B 361 23.81 -15.09 19.05
CA LYS B 361 24.23 -14.28 20.19
C LYS B 361 25.69 -13.90 20.04
N VAL B 362 25.95 -12.77 19.38
CA VAL B 362 27.29 -12.47 18.91
C VAL B 362 27.69 -11.01 19.10
N ASP B 363 28.99 -10.78 19.29
CA ASP B 363 29.53 -9.43 19.37
C ASP B 363 30.03 -8.98 17.99
N ARG B 364 30.36 -7.71 17.86
CA ARG B 364 30.72 -7.13 16.56
C ARG B 364 31.96 -7.74 15.91
N SER B 365 32.94 -8.14 16.71
CA SER B 365 34.14 -8.78 16.16
C SER B 365 33.79 -10.10 15.46
N GLU B 366 32.98 -10.90 16.14
CA GLU B 366 32.55 -12.18 15.59
C GLU B 366 31.62 -11.96 14.40
N LYS B 367 30.79 -10.93 14.48
CA LYS B 367 29.92 -10.55 13.37
C LYS B 367 30.75 -10.18 12.15
N ASP B 368 31.88 -9.50 12.39
CA ASP B 368 32.80 -9.18 11.32
C ASP B 368 33.38 -10.46 10.75
N SER B 369 33.58 -11.45 11.62
CA SER B 369 34.11 -12.73 11.14
C SER B 369 33.04 -13.52 10.37
N MET B 370 31.77 -13.17 10.57
CA MET B 370 30.67 -13.85 9.88
C MET B 370 30.68 -13.60 8.38
N LEU B 371 31.35 -12.52 7.96
CA LEU B 371 31.39 -12.16 6.55
C LEU B 371 32.73 -12.48 5.93
N LYS B 372 33.49 -13.36 6.59
CA LYS B 372 34.80 -13.78 6.09
C LYS B 372 34.69 -14.42 4.71
N GLU B 373 35.82 -14.54 4.03
CA GLU B 373 35.85 -15.02 2.65
C GLU B 373 35.35 -16.45 2.49
N ALA B 374 35.52 -17.26 3.52
CA ALA B 374 35.13 -18.68 3.45
C ALA B 374 33.62 -18.84 3.26
N TYR B 375 32.86 -18.17 4.13
CA TYR B 375 31.40 -18.25 4.09
C TYR B 375 30.86 -17.63 2.80
N LEU B 376 31.41 -16.46 2.45
CA LEU B 376 31.07 -15.80 1.21
C LEU B 376 31.34 -16.72 0.02
N LYS B 377 32.36 -17.57 0.16
CA LYS B 377 32.72 -18.53 -0.89
C LYS B 377 31.71 -19.66 -0.95
N ILE B 378 31.24 -20.10 0.21
CA ILE B 378 30.17 -21.10 0.27
C ILE B 378 28.93 -20.60 -0.46
N VAL B 379 28.49 -19.40 -0.08
CA VAL B 379 27.33 -18.77 -0.72
C VAL B 379 27.55 -18.57 -2.22
N ARG B 380 28.77 -18.17 -2.57
CA ARG B 380 29.10 -17.85 -3.96
C ARG B 380 29.07 -19.08 -4.85
N GLU B 381 29.57 -20.18 -4.32
CA GLU B 381 29.78 -21.38 -5.14
C GLU B 381 28.76 -22.48 -4.89
N TYR B 382 27.75 -22.20 -4.07
CA TYR B 382 26.73 -23.20 -3.78
C TYR B 382 25.89 -23.51 -5.03
N PHE B 383 25.43 -22.46 -5.70
CA PHE B 383 24.60 -22.63 -6.89
C PHE B 383 25.40 -22.54 -8.19
N THR B 384 25.27 -23.57 -9.02
CA THR B 384 25.90 -23.60 -10.33
C THR B 384 24.91 -23.22 -11.43
N VAL B 385 25.31 -22.31 -12.30
CA VAL B 385 24.47 -21.86 -13.40
C VAL B 385 25.10 -22.22 -14.75
N SER B 386 24.49 -23.16 -15.45
CA SER B 386 24.99 -23.61 -16.75
C SER B 386 24.28 -22.91 -17.89
N ILE B 387 25.02 -22.06 -18.59
CA ILE B 387 24.51 -21.34 -19.75
C ILE B 387 25.19 -21.80 -21.04
N THR B 388 24.40 -22.19 -22.03
CA THR B 388 24.95 -22.64 -23.31
C THR B 388 24.15 -22.07 -24.47
N TRP B 389 24.78 -21.86 -25.63
CA TRP B 389 24.08 -21.26 -26.76
C TRP B 389 24.52 -21.77 -28.13
N VAL B 390 23.60 -21.67 -29.09
CA VAL B 390 23.88 -22.04 -30.48
C VAL B 390 23.22 -21.08 -31.47
N SER B 391 23.98 -20.58 -32.44
CA SER B 391 23.45 -19.65 -33.43
C SER B 391 22.31 -20.23 -34.26
N LEU B 392 21.29 -19.43 -34.51
CA LEU B 392 20.11 -19.88 -35.26
C LEU B 392 20.24 -19.61 -36.75
N SER B 393 21.08 -18.63 -37.10
CA SER B 393 21.23 -18.22 -38.49
C SER B 393 22.66 -18.37 -38.98
N GLU B 394 23.25 -19.54 -38.71
CA GLU B 394 24.56 -19.88 -39.22
C GLU B 394 24.47 -21.15 -40.06
N LYS B 395 24.80 -21.04 -41.34
CA LYS B 395 24.60 -22.15 -42.27
C LYS B 395 25.45 -23.35 -41.89
N GLU B 396 24.89 -24.54 -42.07
CA GLU B 396 25.58 -25.78 -41.76
C GLU B 396 24.85 -26.96 -42.41
N ASP B 397 25.57 -28.06 -42.63
CA ASP B 397 24.96 -29.25 -43.19
C ASP B 397 24.01 -29.83 -42.16
N ILE B 398 22.75 -29.97 -42.56
CA ILE B 398 21.70 -30.50 -41.70
C ILE B 398 22.07 -31.88 -41.20
N TYR B 399 22.42 -32.74 -42.15
CA TYR B 399 22.73 -34.14 -41.86
C TYR B 399 23.97 -34.25 -40.98
N GLN B 400 24.94 -33.36 -41.19
CA GLN B 400 26.14 -33.33 -40.37
C GLN B 400 25.79 -32.97 -38.93
N VAL B 401 24.95 -31.96 -38.76
CA VAL B 401 24.51 -31.53 -37.43
C VAL B 401 23.79 -32.65 -36.70
N THR B 402 22.78 -33.23 -37.34
CA THR B 402 21.99 -34.28 -36.69
C THR B 402 22.82 -35.54 -36.42
N GLU B 403 23.74 -35.86 -37.33
CA GLU B 403 24.60 -37.04 -37.15
C GLU B 403 25.58 -36.84 -35.99
N ASN B 404 26.18 -35.65 -35.91
CA ASN B 404 27.04 -35.31 -34.78
C ASN B 404 26.25 -35.32 -33.48
N ALA B 405 24.99 -34.91 -33.54
CA ALA B 405 24.11 -34.98 -32.38
C ALA B 405 23.77 -36.43 -32.09
N GLY B 406 23.70 -37.24 -33.15
CA GLY B 406 23.36 -38.63 -33.04
C GLY B 406 21.85 -38.86 -33.11
N LEU B 407 21.12 -37.77 -33.36
CA LEU B 407 19.67 -37.86 -33.49
C LEU B 407 19.27 -38.14 -34.93
N SER B 408 19.68 -39.28 -35.46
CA SER B 408 19.42 -39.61 -36.86
C SER B 408 18.68 -40.93 -37.05
N ASP B 409 17.37 -40.87 -37.19
CA ASP B 409 16.58 -42.03 -37.60
C ASP B 409 16.04 -41.75 -39.00
N GLU B 410 15.37 -42.74 -39.59
CA GLU B 410 14.79 -42.60 -40.94
C GLU B 410 13.78 -41.45 -41.04
N ASP B 411 12.95 -41.31 -40.01
CA ASP B 411 11.92 -40.29 -39.99
C ASP B 411 12.56 -38.90 -40.04
N VAL B 412 13.58 -38.71 -39.22
CA VAL B 412 14.31 -37.45 -39.20
C VAL B 412 14.91 -37.23 -40.58
N LYS B 413 15.47 -38.28 -41.17
CA LYS B 413 16.11 -38.18 -42.48
C LYS B 413 15.14 -37.66 -43.53
N LYS B 414 13.91 -38.16 -43.50
CA LYS B 414 12.87 -37.66 -44.41
C LYS B 414 12.57 -36.18 -44.12
N TRP B 415 12.43 -35.86 -42.83
CA TRP B 415 12.11 -34.51 -42.39
C TRP B 415 13.16 -33.50 -42.86
N LEU B 416 14.42 -33.92 -42.88
CA LEU B 416 15.52 -33.08 -43.35
C LEU B 416 15.49 -32.97 -44.88
N LYS B 417 15.27 -34.12 -45.52
CA LYS B 417 15.26 -34.18 -46.98
C LYS B 417 14.23 -33.21 -47.56
N PHE B 418 13.07 -33.10 -46.92
CA PHE B 418 12.07 -32.15 -47.39
C PHE B 418 12.57 -30.71 -47.37
N ALA B 419 13.24 -30.34 -46.28
CA ALA B 419 13.79 -28.99 -46.15
C ALA B 419 14.84 -28.74 -47.24
N GLU B 420 15.70 -29.73 -47.43
CA GLU B 420 16.73 -29.67 -48.45
C GLU B 420 16.11 -29.44 -49.83
N LYS B 421 15.02 -30.15 -50.11
CA LYS B 421 14.34 -30.04 -51.40
C LYS B 421 13.67 -28.67 -51.57
N LYS B 422 13.06 -28.17 -50.50
CA LYS B 422 12.37 -26.89 -50.54
C LYS B 422 13.34 -25.74 -50.77
N GLU B 423 14.46 -25.75 -50.07
CA GLU B 423 15.42 -24.66 -50.17
C GLU B 423 16.51 -24.91 -51.21
N ASN B 424 16.53 -26.12 -51.75
CA ASN B 424 17.51 -26.53 -52.77
C ASN B 424 18.95 -26.51 -52.25
N SER B 425 19.12 -26.17 -50.97
CA SER B 425 20.44 -26.11 -50.36
C SER B 425 20.58 -27.16 -49.28
N ARG B 426 21.65 -27.95 -49.35
CA ARG B 426 21.90 -28.98 -48.37
C ARG B 426 22.29 -28.36 -47.04
N VAL B 427 23.07 -27.28 -47.08
CA VAL B 427 23.41 -26.56 -45.87
C VAL B 427 22.42 -25.41 -45.66
N LEU B 428 21.94 -25.27 -44.41
CA LEU B 428 20.97 -24.23 -44.10
C LEU B 428 21.19 -23.62 -42.72
N GLU B 429 20.45 -22.54 -42.45
CA GLU B 429 20.39 -21.95 -41.13
C GLU B 429 19.87 -22.97 -40.13
N ARG B 430 20.49 -23.04 -38.96
CA ARG B 430 20.19 -24.08 -37.99
C ARG B 430 18.78 -24.00 -37.41
N ILE B 431 18.11 -22.87 -37.61
CA ILE B 431 16.75 -22.70 -37.12
C ILE B 431 15.81 -23.68 -37.83
N ALA B 432 16.17 -24.07 -39.05
CA ALA B 432 15.41 -25.05 -39.81
C ALA B 432 15.38 -26.40 -39.09
N ILE B 433 16.40 -26.63 -38.26
CA ILE B 433 16.47 -27.85 -37.48
C ILE B 433 16.23 -27.52 -36.01
N TYR B 434 15.31 -26.58 -35.77
CA TYR B 434 15.07 -26.08 -34.41
C TYR B 434 14.82 -27.15 -33.34
N PRO B 435 13.94 -28.15 -33.61
CA PRO B 435 13.66 -29.08 -32.52
C PRO B 435 14.92 -29.82 -32.09
N LEU B 436 15.61 -30.41 -33.05
CA LEU B 436 16.80 -31.20 -32.76
C LEU B 436 17.81 -30.32 -32.05
N LEU B 437 17.90 -29.07 -32.52
CA LEU B 437 18.82 -28.10 -31.96
C LEU B 437 18.63 -27.99 -30.46
N VAL B 438 17.37 -27.82 -30.03
CA VAL B 438 17.07 -27.69 -28.62
C VAL B 438 17.64 -28.90 -27.89
N LYS B 439 17.33 -30.09 -28.41
CA LYS B 439 17.80 -31.34 -27.84
C LYS B 439 19.31 -31.26 -27.65
N ILE B 440 19.99 -30.90 -28.74
CA ILE B 440 21.45 -30.80 -28.73
C ILE B 440 21.88 -29.92 -27.57
N LEU B 441 21.29 -28.72 -27.53
CA LEU B 441 21.64 -27.74 -26.52
C LEU B 441 21.48 -28.36 -25.14
N ASP B 442 20.33 -29.01 -24.95
CA ASP B 442 19.99 -29.61 -23.66
C ASP B 442 21.11 -30.53 -23.23
N SER B 443 21.60 -31.36 -24.14
CA SER B 443 22.68 -32.29 -23.81
C SER B 443 23.91 -31.52 -23.33
N LEU B 444 24.36 -30.56 -24.14
CA LEU B 444 25.61 -29.84 -23.85
C LEU B 444 25.53 -29.17 -22.49
N GLY B 445 24.42 -28.49 -22.25
CA GLY B 445 24.16 -27.89 -20.95
C GLY B 445 24.13 -28.94 -19.84
N GLU B 446 23.39 -30.02 -20.09
CA GLU B 446 23.11 -31.04 -19.07
C GLU B 446 24.37 -31.63 -18.45
N ARG B 447 25.37 -31.89 -19.28
CA ARG B 447 26.62 -32.44 -18.76
C ARG B 447 27.35 -31.45 -17.85
N LYS B 448 27.31 -30.17 -18.23
CA LYS B 448 28.13 -29.14 -17.57
C LYS B 448 27.94 -29.06 -16.05
N VAL B 449 26.72 -29.29 -15.57
CA VAL B 449 26.44 -29.21 -14.13
C VAL B 449 27.36 -30.16 -13.37
N THR B 450 27.62 -31.33 -13.97
CA THR B 450 28.48 -32.32 -13.32
C THR B 450 29.87 -31.72 -13.14
N GLU B 451 30.38 -31.07 -14.18
CA GLU B 451 31.73 -30.51 -14.15
C GLU B 451 31.87 -29.41 -13.12
N GLU B 452 30.99 -28.41 -13.24
CA GLU B 452 31.01 -27.25 -12.34
C GLU B 452 30.68 -27.65 -10.92
N GLU B 458 36.96 -25.41 -2.28
CA GLU B 458 36.79 -26.52 -1.34
C GLU B 458 36.32 -26.00 0.02
N GLN B 459 35.65 -26.87 0.78
CA GLN B 459 35.11 -26.51 2.08
C GLN B 459 36.10 -26.78 3.21
N LEU B 460 36.00 -25.99 4.28
CA LEU B 460 36.90 -26.13 5.43
C LEU B 460 36.40 -27.22 6.36
N LYS B 461 37.32 -27.80 7.13
CA LYS B 461 36.96 -28.80 8.13
C LYS B 461 36.39 -28.11 9.37
N GLY B 462 35.20 -28.52 9.79
CA GLY B 462 34.51 -27.89 10.90
C GLY B 462 33.18 -28.54 11.23
N TRP B 463 32.54 -28.07 12.29
CA TRP B 463 31.23 -28.56 12.68
C TRP B 463 30.16 -28.22 11.63
N LYS B 464 29.29 -29.18 11.35
CA LYS B 464 28.29 -29.02 10.28
C LYS B 464 26.99 -28.40 10.77
N CYS B 465 26.26 -27.81 9.83
CA CYS B 465 24.96 -27.18 10.11
C CYS B 465 23.95 -28.17 10.70
N HIS B 466 23.26 -27.76 11.75
CA HIS B 466 22.31 -28.65 12.42
C HIS B 466 21.03 -28.86 11.62
N VAL B 467 20.78 -28.00 10.64
CA VAL B 467 19.58 -28.09 9.81
C VAL B 467 19.81 -29.00 8.60
N CYS B 468 20.92 -28.80 7.90
CA CYS B 468 21.22 -29.61 6.73
C CYS B 468 22.16 -30.75 7.07
N GLY B 469 23.29 -30.44 7.69
CA GLY B 469 24.23 -31.47 8.10
C GLY B 469 25.22 -31.84 7.02
N GLU B 470 25.30 -31.04 5.96
CA GLU B 470 26.23 -31.30 4.88
C GLU B 470 27.17 -30.12 4.64
N ASN B 471 26.89 -29.00 5.29
CA ASN B 471 27.68 -27.79 5.11
C ASN B 471 28.27 -27.27 6.41
N LEU B 472 29.44 -26.64 6.31
CA LEU B 472 30.11 -26.06 7.46
C LEU B 472 29.25 -24.99 8.12
N ALA B 473 29.04 -25.12 9.43
CA ALA B 473 28.26 -24.13 10.15
C ALA B 473 29.11 -22.89 10.38
N ILE B 474 28.46 -21.74 10.43
CA ILE B 474 29.15 -20.50 10.73
C ILE B 474 29.72 -20.59 12.14
N PHE B 475 31.01 -20.26 12.26
CA PHE B 475 31.82 -20.41 13.49
C PHE B 475 32.24 -21.85 13.72
N GLY B 476 31.83 -22.75 12.81
CA GLY B 476 32.11 -24.17 12.94
C GLY B 476 33.59 -24.51 12.88
N ASP B 477 34.32 -23.81 12.02
CA ASP B 477 35.76 -23.98 11.89
C ASP B 477 36.54 -23.40 13.07
N MET B 478 35.99 -22.37 13.70
CA MET B 478 36.74 -21.64 14.74
C MET B 478 36.43 -22.03 16.18
N TYR B 479 35.44 -22.89 16.40
CA TYR B 479 35.00 -23.17 17.76
C TYR B 479 34.78 -24.64 18.07
N ASP B 480 34.83 -24.97 19.36
CA ASP B 480 34.39 -26.28 19.84
C ASP B 480 32.88 -26.34 19.69
N HIS B 481 32.34 -27.56 19.67
CA HIS B 481 30.92 -27.76 19.38
C HIS B 481 30.00 -27.13 20.43
N ASP B 482 30.43 -27.15 21.68
CA ASP B 482 29.62 -26.62 22.78
C ASP B 482 29.47 -25.10 22.71
N ASN B 483 30.59 -24.41 22.49
CA ASN B 483 30.58 -22.95 22.36
C ASN B 483 29.80 -22.54 21.11
N LEU B 484 30.01 -23.29 20.04
CA LEU B 484 29.29 -23.09 18.79
C LEU B 484 27.80 -23.18 19.04
N LYS B 485 27.40 -24.15 19.85
CA LYS B 485 26.00 -24.29 20.23
C LYS B 485 25.54 -23.09 21.04
N SER B 486 26.39 -22.60 21.93
CA SER B 486 26.03 -21.46 22.78
C SER B 486 25.81 -20.19 21.97
N LEU B 487 26.54 -20.06 20.86
CA LEU B 487 26.44 -18.84 20.04
C LEU B 487 25.14 -18.75 19.26
N TRP B 488 24.45 -19.87 19.10
CA TRP B 488 23.25 -19.91 18.26
C TRP B 488 21.97 -20.08 19.08
N LEU B 489 20.88 -19.51 18.57
CA LEU B 489 19.57 -19.63 19.22
C LEU B 489 19.09 -21.07 19.19
N ASP B 490 18.52 -21.51 20.30
CA ASP B 490 17.98 -22.87 20.44
C ASP B 490 19.02 -23.94 20.15
N GLU B 491 20.29 -23.60 20.37
CA GLU B 491 21.41 -24.52 20.18
C GLU B 491 21.43 -25.12 18.77
N GLU B 492 21.13 -24.30 17.78
CA GLU B 492 21.07 -24.77 16.40
C GLU B 492 21.98 -23.97 15.47
N PRO B 493 23.24 -24.39 15.35
CA PRO B 493 24.21 -23.79 14.43
C PRO B 493 23.75 -23.88 12.98
N LEU B 494 23.97 -22.81 12.21
CA LEU B 494 23.54 -22.73 10.83
C LEU B 494 24.71 -22.51 9.87
N CYS B 495 24.65 -23.14 8.71
CA CYS B 495 25.58 -22.84 7.63
C CYS B 495 25.08 -21.57 6.95
N PRO B 496 25.92 -20.92 6.13
CA PRO B 496 25.45 -19.69 5.47
C PRO B 496 24.15 -19.87 4.70
N MET B 497 24.06 -20.94 3.92
CA MET B 497 22.88 -21.18 3.08
C MET B 497 21.61 -21.40 3.91
N CYS B 498 21.74 -22.09 5.03
CA CYS B 498 20.59 -22.36 5.89
C CYS B 498 20.17 -21.09 6.64
N LEU B 499 21.12 -20.20 6.91
CA LEU B 499 20.81 -18.91 7.53
C LEU B 499 20.04 -18.06 6.54
N ILE B 500 20.50 -18.05 5.30
CA ILE B 500 19.79 -17.39 4.20
C ILE B 500 18.37 -17.94 4.08
N LYS B 501 18.29 -19.27 4.18
CA LYS B 501 17.03 -19.99 4.04
C LYS B 501 16.06 -19.67 5.17
N ARG B 502 16.60 -19.41 6.36
CA ARG B 502 15.77 -19.06 7.51
C ARG B 502 15.35 -17.59 7.44
N TYR B 503 16.19 -16.75 6.85
CA TYR B 503 15.89 -15.32 6.73
C TYR B 503 14.92 -15.01 5.58
N TYR B 504 14.90 -15.88 4.58
CA TYR B 504 14.11 -15.66 3.37
C TYR B 504 12.62 -15.34 3.57
N PRO B 505 11.95 -16.01 4.53
CA PRO B 505 10.53 -15.64 4.73
C PRO B 505 10.32 -14.21 5.22
N VAL B 506 11.24 -13.71 6.05
CA VAL B 506 11.17 -12.35 6.54
C VAL B 506 11.34 -11.37 5.37
N TRP B 507 12.28 -11.71 4.49
CA TRP B 507 12.59 -10.93 3.30
C TRP B 507 11.39 -10.84 2.35
N ILE B 508 10.74 -11.98 2.13
CA ILE B 508 9.53 -12.03 1.30
C ILE B 508 8.39 -11.26 1.95
N ARG B 509 8.29 -11.36 3.28
CA ARG B 509 7.28 -10.65 4.03
C ARG B 509 7.46 -9.15 3.89
N SER B 510 8.71 -8.70 3.85
CA SER B 510 9.01 -7.28 3.71
C SER B 510 8.78 -6.79 2.28
N LYS B 511 9.12 -7.62 1.31
CA LYS B 511 9.04 -7.20 -0.09
C LYS B 511 7.65 -7.34 -0.73
N THR B 512 6.81 -8.23 -0.19
CA THR B 512 5.51 -8.48 -0.79
C THR B 512 4.35 -8.29 0.20
N GLY B 513 4.67 -8.27 1.49
CA GLY B 513 3.66 -8.19 2.53
C GLY B 513 2.89 -9.49 2.64
N GLN B 514 3.52 -10.59 2.22
CA GLN B 514 2.86 -11.88 2.19
C GLN B 514 3.67 -12.98 2.87
N LYS B 515 2.97 -13.85 3.60
CA LYS B 515 3.57 -15.02 4.20
C LYS B 515 2.63 -16.22 4.03
N ILE B 516 3.17 -17.43 4.00
CA ILE B 516 2.34 -18.61 3.77
C ILE B 516 1.36 -18.80 4.93
N ARG B 517 0.17 -19.28 4.59
CA ARG B 517 -0.92 -19.47 5.55
C ARG B 517 -0.61 -20.57 6.55
N PHE B 518 0.08 -21.60 6.09
CA PHE B 518 0.44 -22.73 6.96
C PHE B 518 1.94 -22.86 7.08
N GLU B 519 2.45 -22.57 8.28
CA GLU B 519 3.88 -22.58 8.53
C GLU B 519 4.38 -23.98 8.85
N SER B 520 3.64 -24.69 9.70
CA SER B 520 4.00 -26.04 10.09
C SER B 520 3.28 -27.08 9.23
N VAL B 521 3.77 -28.31 9.25
CA VAL B 521 3.14 -29.40 8.52
C VAL B 521 1.90 -29.84 9.29
N VAL B 522 1.92 -29.61 10.60
CA VAL B 522 0.79 -29.92 11.46
C VAL B 522 -0.37 -29.00 11.13
N ASP B 523 -0.06 -27.77 10.73
CA ASP B 523 -1.07 -26.83 10.29
C ASP B 523 -1.88 -27.41 9.15
N VAL B 524 -1.19 -28.05 8.21
CA VAL B 524 -1.85 -28.68 7.08
C VAL B 524 -2.58 -29.95 7.50
N ALA B 525 -1.96 -30.70 8.41
CA ALA B 525 -2.55 -31.96 8.85
C ALA B 525 -3.87 -31.75 9.59
N LEU B 526 -3.97 -30.66 10.35
CA LEU B 526 -5.14 -30.41 11.18
C LEU B 526 -6.32 -29.83 10.39
N LEU B 527 -6.16 -29.73 9.09
CA LEU B 527 -7.24 -29.23 8.23
C LEU B 527 -8.24 -30.35 7.93
N TYR B 528 -7.85 -31.58 8.25
CA TYR B 528 -8.67 -32.75 7.99
C TYR B 528 -10.03 -32.66 8.69
N LYS B 529 -11.09 -32.63 7.88
CA LYS B 529 -12.45 -32.52 8.37
C LYS B 529 -12.62 -31.29 9.26
N ASN B 530 -11.88 -30.23 8.93
CA ASN B 530 -11.94 -28.96 9.65
C ASN B 530 -11.70 -29.12 11.15
N TRP B 531 -10.88 -30.11 11.49
CA TRP B 531 -10.64 -30.46 12.90
C TRP B 531 -10.08 -29.28 13.70
N ARG B 532 -9.12 -28.57 13.12
CA ARG B 532 -8.49 -27.45 13.81
C ARG B 532 -9.48 -26.33 14.07
N LYS B 533 -10.32 -26.04 13.08
CA LYS B 533 -11.30 -24.97 13.19
C LYS B 533 -12.38 -25.30 14.21
N ILE B 534 -12.94 -26.50 14.08
CA ILE B 534 -13.98 -26.98 14.99
C ILE B 534 -13.47 -27.03 16.43
N PHE B 535 -12.27 -27.59 16.60
CA PHE B 535 -11.65 -27.71 17.92
C PHE B 535 -11.32 -26.35 18.51
N ASP B 536 -10.84 -25.43 17.68
CA ASP B 536 -10.53 -24.09 18.18
C ASP B 536 -11.82 -23.42 18.65
N GLU B 537 -12.88 -23.60 17.87
CA GLU B 537 -14.18 -23.01 18.19
C GLU B 537 -14.74 -23.55 19.51
N LYS B 538 -14.65 -24.87 19.69
CA LYS B 538 -15.20 -25.51 20.88
C LYS B 538 -14.30 -25.38 22.11
N TYR B 539 -13.07 -25.87 21.99
CA TYR B 539 -12.17 -26.00 23.13
C TYR B 539 -10.92 -25.11 23.05
N GLY B 540 -10.88 -24.20 22.07
CA GLY B 540 -9.68 -23.43 21.80
C GLY B 540 -9.15 -22.56 22.93
N LYS B 541 -9.99 -21.64 23.40
CA LYS B 541 -9.59 -20.68 24.43
C LYS B 541 -9.19 -21.41 25.71
N ASP B 542 -9.89 -22.49 26.00
CA ASP B 542 -9.61 -23.31 27.17
C ASP B 542 -8.28 -24.05 27.06
N LEU B 543 -7.98 -24.58 25.87
CA LEU B 543 -6.70 -25.23 25.65
C LEU B 543 -5.57 -24.22 25.79
N VAL B 544 -5.78 -23.02 25.27
CA VAL B 544 -4.79 -21.94 25.41
C VAL B 544 -4.58 -21.58 26.87
N SER B 545 -5.68 -21.48 27.61
CA SER B 545 -5.63 -21.11 29.03
C SER B 545 -4.91 -22.16 29.88
N LYS B 546 -5.25 -23.42 29.68
CA LYS B 546 -4.61 -24.52 30.41
C LYS B 546 -3.14 -24.63 30.03
N ALA B 547 -2.84 -24.39 28.76
CA ALA B 547 -1.46 -24.34 28.30
C ALA B 547 -0.70 -23.24 29.02
N ARG B 548 -1.36 -22.10 29.21
CA ARG B 548 -0.78 -20.99 29.95
C ARG B 548 -0.54 -21.39 31.41
N GLU B 549 -1.47 -22.17 31.96
CA GLU B 549 -1.35 -22.65 33.33
C GLU B 549 -0.11 -23.51 33.48
N VAL B 550 0.11 -24.39 32.51
CA VAL B 550 1.32 -25.22 32.51
C VAL B 550 2.58 -24.36 32.35
N SER B 551 2.56 -23.45 31.38
CA SER B 551 3.71 -22.57 31.14
C SER B 551 3.34 -21.38 30.26
N GLU B 552 4.15 -20.33 30.32
CA GLU B 552 3.92 -19.14 29.50
C GLU B 552 4.74 -19.19 28.21
N ASP B 553 5.57 -20.21 28.09
CA ASP B 553 6.40 -20.40 26.90
C ASP B 553 5.59 -20.98 25.74
N PHE B 554 4.64 -21.85 26.08
CA PHE B 554 3.84 -22.55 25.09
C PHE B 554 2.87 -21.62 24.36
N VAL B 555 2.45 -20.55 25.03
CA VAL B 555 1.49 -19.61 24.48
C VAL B 555 2.13 -18.30 24.03
N LYS B 556 2.00 -17.99 22.75
CA LYS B 556 2.46 -16.72 22.20
C LYS B 556 1.36 -16.09 21.35
N ASP B 557 1.07 -14.81 21.60
CA ASP B 557 0.03 -14.08 20.89
C ASP B 557 -1.33 -14.75 21.07
N ASN B 558 -1.57 -15.25 22.29
CA ASN B 558 -2.79 -15.96 22.66
C ASN B 558 -2.99 -17.24 21.85
N MET B 559 -1.91 -17.69 21.22
CA MET B 559 -1.93 -18.93 20.46
C MET B 559 -0.77 -19.83 20.89
N LEU B 560 -0.89 -21.12 20.62
CA LEU B 560 0.18 -22.07 20.91
C LEU B 560 1.38 -21.78 20.00
N VAL B 561 2.58 -21.79 20.58
CA VAL B 561 3.79 -21.51 19.81
C VAL B 561 4.03 -22.57 18.73
N ASP B 562 3.55 -23.79 19.00
CA ASP B 562 3.64 -24.88 18.04
C ASP B 562 2.30 -25.59 17.94
N SER B 563 1.95 -26.01 16.73
CA SER B 563 0.67 -26.65 16.48
C SER B 563 0.60 -28.05 17.08
N ASP B 564 1.75 -28.68 17.23
CA ASP B 564 1.82 -30.04 17.78
C ASP B 564 1.22 -30.13 19.18
N LEU B 565 1.13 -28.98 19.84
CA LEU B 565 0.52 -28.89 21.17
C LEU B 565 -0.97 -29.22 21.16
N TYR B 566 -1.55 -29.42 19.97
CA TYR B 566 -2.93 -29.86 19.87
C TYR B 566 -3.04 -31.34 20.17
N TYR B 567 -1.91 -32.05 20.05
CA TYR B 567 -1.88 -33.48 20.34
C TYR B 567 -1.62 -33.73 21.83
N SER B 568 -2.33 -34.69 22.40
CA SER B 568 -2.13 -35.04 23.81
C SER B 568 -0.79 -35.76 23.98
N SER B 569 -0.34 -36.39 22.90
CA SER B 569 0.92 -37.12 22.88
C SER B 569 2.08 -36.18 23.17
N THR B 570 2.01 -34.98 22.61
CA THR B 570 3.07 -33.99 22.79
C THR B 570 3.20 -33.59 24.26
N TRP B 571 2.06 -33.37 24.90
CA TRP B 571 1.99 -33.08 26.34
C TRP B 571 2.45 -34.27 27.16
N GLU B 572 2.24 -35.46 26.61
CA GLU B 572 2.57 -36.72 27.28
C GLU B 572 4.05 -36.71 27.61
N SER B 573 4.87 -36.19 26.70
CA SER B 573 6.32 -36.10 26.91
C SER B 573 6.72 -34.66 27.23
N ASP B 586 4.94 -29.46 38.51
CA ASP B 586 3.97 -28.94 37.56
C ASP B 586 3.33 -30.05 36.73
N GLU B 587 3.54 -31.29 37.17
CA GLU B 587 3.01 -32.46 36.46
C GLU B 587 1.49 -32.50 36.49
N GLU B 588 0.90 -31.76 37.42
CA GLU B 588 -0.54 -31.80 37.65
C GLU B 588 -1.30 -31.07 36.55
N LYS B 589 -0.90 -29.84 36.26
CA LYS B 589 -1.52 -29.09 35.18
C LYS B 589 -1.26 -29.74 33.82
N VAL B 590 -0.10 -30.38 33.68
CA VAL B 590 0.22 -31.10 32.45
C VAL B 590 -0.75 -32.27 32.27
N LYS B 591 -0.93 -33.04 33.34
CA LYS B 591 -1.87 -34.15 33.33
C LYS B 591 -3.27 -33.67 33.02
N GLU B 592 -3.61 -32.50 33.57
CA GLU B 592 -4.92 -31.91 33.36
C GLU B 592 -5.13 -31.58 31.89
N VAL B 593 -4.12 -30.97 31.28
CA VAL B 593 -4.19 -30.66 29.85
C VAL B 593 -4.36 -31.92 29.03
N VAL B 594 -3.61 -32.96 29.37
CA VAL B 594 -3.67 -34.22 28.62
C VAL B 594 -5.08 -34.81 28.71
N ASP B 595 -5.63 -34.84 29.91
CA ASP B 595 -6.95 -35.45 30.12
C ASP B 595 -8.04 -34.64 29.42
N PHE B 596 -7.92 -33.33 29.49
CA PHE B 596 -8.83 -32.43 28.79
C PHE B 596 -8.81 -32.72 27.29
N LEU B 597 -7.61 -32.84 26.74
CA LEU B 597 -7.46 -33.11 25.33
C LEU B 597 -8.09 -34.45 24.95
N ASN B 598 -7.88 -35.47 25.77
CA ASN B 598 -8.46 -36.77 25.50
C ASN B 598 -9.99 -36.72 25.55
N ALA B 599 -10.53 -35.94 26.48
CA ALA B 599 -11.97 -35.76 26.58
C ALA B 599 -12.50 -35.10 25.31
N ALA B 600 -11.78 -34.07 24.87
CA ALA B 600 -12.11 -33.37 23.64
C ALA B 600 -12.11 -34.34 22.47
N TYR B 601 -11.13 -35.25 22.46
CA TYR B 601 -11.02 -36.26 21.41
C TYR B 601 -12.20 -37.20 21.45
N LYS B 602 -12.68 -37.49 22.65
CA LYS B 602 -13.87 -38.31 22.81
C LYS B 602 -15.08 -37.61 22.19
N GLU B 603 -15.17 -36.30 22.42
CA GLU B 603 -16.31 -35.52 21.93
C GLU B 603 -16.31 -35.28 20.42
N ILE B 604 -15.19 -34.84 19.86
CA ILE B 604 -15.13 -34.42 18.46
C ILE B 604 -14.28 -35.33 17.56
N GLY B 605 -13.75 -36.40 18.12
CA GLY B 605 -12.95 -37.33 17.34
C GLY B 605 -11.47 -37.14 17.55
N ASN B 606 -10.68 -38.15 17.22
CA ASN B 606 -9.23 -38.10 17.38
C ASN B 606 -8.60 -37.13 16.39
N PRO B 607 -7.54 -36.44 16.82
CA PRO B 607 -6.88 -35.47 15.94
C PRO B 607 -6.05 -36.14 14.85
N PRO B 608 -5.99 -35.52 13.66
CA PRO B 608 -5.24 -36.06 12.52
C PRO B 608 -3.72 -35.90 12.70
N LYS B 609 -3.00 -37.00 12.63
CA LYS B 609 -1.55 -36.98 12.81
C LYS B 609 -0.83 -37.22 11.49
N TYR B 610 -1.60 -37.35 10.41
CA TYR B 610 -1.05 -37.66 9.10
C TYR B 610 -1.28 -36.53 8.11
N TYR B 611 -0.36 -36.37 7.17
CA TYR B 611 -0.52 -35.40 6.10
C TYR B 611 -0.06 -36.00 4.78
N ALA B 612 -0.33 -35.31 3.68
CA ALA B 612 -0.03 -35.85 2.36
C ALA B 612 0.91 -34.96 1.56
N ILE B 613 1.90 -35.59 0.93
CA ILE B 613 2.80 -34.89 0.03
C ILE B 613 2.46 -35.27 -1.41
N LEU B 614 2.11 -34.27 -2.21
CA LEU B 614 1.75 -34.47 -3.61
C LEU B 614 2.83 -33.96 -4.53
N VAL B 615 3.41 -34.87 -5.30
CA VAL B 615 4.46 -34.52 -6.26
C VAL B 615 4.07 -34.99 -7.65
N MET B 616 3.81 -34.04 -8.55
CA MET B 616 3.36 -34.38 -9.90
C MET B 616 4.37 -34.00 -10.98
N ASP B 617 4.36 -34.73 -12.09
CA ASP B 617 5.24 -34.45 -13.22
C ASP B 617 4.62 -34.91 -14.53
N GLY B 618 4.87 -34.16 -15.59
CA GLY B 618 4.32 -34.48 -16.90
C GLY B 618 5.02 -35.66 -17.55
N ASP B 619 4.27 -36.39 -18.37
CA ASP B 619 4.77 -37.59 -19.02
C ASP B 619 5.55 -37.29 -20.30
N ASP B 620 6.81 -37.72 -20.33
CA ASP B 620 7.68 -37.56 -21.50
C ASP B 620 7.62 -36.16 -22.12
N MET B 621 7.85 -35.15 -21.28
CA MET B 621 7.71 -33.76 -21.70
C MET B 621 8.73 -33.35 -22.76
N GLY B 622 9.94 -33.89 -22.67
CA GLY B 622 10.97 -33.62 -23.65
C GLY B 622 10.54 -34.14 -25.01
N LYS B 623 9.95 -35.32 -25.00
CA LYS B 623 9.44 -35.96 -26.21
C LYS B 623 8.26 -35.18 -26.79
N VAL B 624 7.48 -34.56 -25.92
CA VAL B 624 6.37 -33.69 -26.34
C VAL B 624 6.87 -32.43 -27.00
N ILE B 625 7.84 -31.79 -26.36
CA ILE B 625 8.42 -30.54 -26.85
C ILE B 625 9.11 -30.77 -28.19
N SER B 626 9.82 -31.89 -28.31
CA SER B 626 10.46 -32.25 -29.57
C SER B 626 9.40 -32.59 -30.62
N GLY B 627 8.26 -33.07 -30.14
CA GLY B 627 7.12 -33.34 -31.02
C GLY B 627 7.05 -34.75 -31.57
N GLU B 628 7.98 -35.61 -31.16
CA GLU B 628 8.05 -36.97 -31.69
C GLU B 628 6.85 -37.80 -31.28
N VAL B 629 6.37 -37.61 -30.06
CA VAL B 629 5.20 -38.32 -29.56
C VAL B 629 3.88 -37.75 -30.10
N LEU B 630 3.86 -36.45 -30.37
CA LEU B 630 2.64 -35.73 -30.73
C LEU B 630 1.90 -36.31 -31.95
N GLY B 631 2.63 -37.01 -32.80
CA GLY B 631 2.00 -37.75 -33.89
C GLY B 631 2.07 -37.11 -35.27
N GLU B 632 1.03 -37.31 -36.06
CA GLU B 632 1.04 -36.91 -37.46
C GLU B 632 1.00 -35.39 -37.67
N ILE B 633 1.77 -34.94 -38.66
CA ILE B 633 1.86 -33.53 -39.01
C ILE B 633 0.60 -33.05 -39.73
N SER B 634 -0.03 -33.94 -40.46
CA SER B 634 -1.21 -33.62 -41.27
C SER B 634 -2.37 -33.06 -40.43
N THR B 635 -2.49 -33.54 -39.19
CA THR B 635 -3.59 -33.13 -38.32
C THR B 635 -3.50 -31.66 -37.90
N ARG B 636 -2.34 -31.06 -38.10
CA ARG B 636 -2.09 -29.69 -37.67
C ARG B 636 -2.61 -28.68 -38.68
N ILE B 637 -2.92 -29.16 -39.88
CA ILE B 637 -3.40 -28.30 -40.95
C ILE B 637 -4.91 -28.12 -40.87
N HIS B 638 -5.39 -26.96 -41.33
CA HIS B 638 -6.82 -26.73 -41.49
C HIS B 638 -7.41 -27.77 -42.44
N PRO B 639 -8.51 -28.42 -42.03
CA PRO B 639 -9.13 -29.54 -42.75
C PRO B 639 -9.40 -29.25 -44.22
N ASN B 640 -9.76 -28.01 -44.52
CA ASN B 640 -10.08 -27.62 -45.89
C ASN B 640 -8.86 -27.56 -46.82
N ILE B 641 -7.69 -27.25 -46.27
CA ILE B 641 -6.48 -27.11 -47.10
C ILE B 641 -5.58 -28.35 -47.07
N ARG B 642 -6.06 -29.45 -46.48
CA ARG B 642 -5.25 -30.65 -46.31
C ARG B 642 -4.72 -31.19 -47.64
N ASP B 643 -5.55 -31.13 -48.68
CA ASP B 643 -5.17 -31.62 -49.99
C ASP B 643 -4.28 -30.63 -50.74
N TYR B 644 -4.51 -29.34 -50.53
CA TYR B 644 -3.83 -28.30 -51.28
C TYR B 644 -2.43 -27.97 -50.75
N VAL B 645 -2.00 -28.63 -49.69
CA VAL B 645 -0.68 -28.38 -49.13
C VAL B 645 0.16 -29.65 -49.18
N GLU B 646 1.42 -29.50 -49.59
CA GLU B 646 2.31 -30.65 -49.73
C GLU B 646 3.21 -30.74 -48.51
N ILE B 647 3.27 -31.94 -47.93
CA ILE B 647 3.97 -32.16 -46.67
C ILE B 647 4.75 -33.48 -46.70
N PRO B 648 5.95 -33.49 -46.09
CA PRO B 648 6.75 -34.72 -46.06
C PRO B 648 6.12 -35.82 -45.22
N GLU B 649 6.45 -37.06 -45.55
CA GLU B 649 5.96 -38.21 -44.82
C GLU B 649 6.83 -38.50 -43.61
N ALA B 650 6.62 -37.75 -42.54
CA ALA B 650 7.44 -37.88 -41.34
C ALA B 650 6.70 -37.37 -40.11
N LYS B 651 7.26 -37.62 -38.93
CA LYS B 651 6.68 -37.18 -37.67
C LYS B 651 6.69 -35.66 -37.59
N TYR B 652 5.79 -35.08 -36.80
CA TYR B 652 5.76 -33.64 -36.65
C TYR B 652 6.75 -33.15 -35.63
N TYR B 653 7.85 -32.57 -36.10
CA TYR B 653 8.84 -32.01 -35.20
C TYR B 653 8.51 -30.53 -34.99
N SER B 654 8.52 -30.12 -33.72
CA SER B 654 7.95 -28.83 -33.32
C SER B 654 8.69 -27.62 -33.89
N THR B 655 7.91 -26.70 -34.47
CA THR B 655 8.43 -25.41 -34.87
C THR B 655 8.49 -24.54 -33.62
N PRO B 656 9.33 -23.49 -33.62
CA PRO B 656 9.47 -22.63 -32.43
C PRO B 656 8.15 -22.01 -31.95
N GLN B 657 7.22 -21.76 -32.87
CA GLN B 657 5.93 -21.17 -32.48
C GLN B 657 5.13 -22.16 -31.65
N VAL B 658 5.28 -23.44 -31.97
CA VAL B 658 4.62 -24.51 -31.23
C VAL B 658 5.21 -24.61 -29.84
N HIS B 659 6.53 -24.46 -29.75
CA HIS B 659 7.24 -24.46 -28.48
C HIS B 659 6.74 -23.32 -27.59
N VAL B 660 6.62 -22.13 -28.18
CA VAL B 660 6.13 -20.97 -27.44
C VAL B 660 4.68 -21.19 -26.99
N ALA B 661 3.89 -21.83 -27.85
CA ALA B 661 2.50 -22.13 -27.53
C ALA B 661 2.41 -23.04 -26.32
N ILE B 662 3.17 -24.13 -26.36
CA ILE B 662 3.20 -25.09 -25.27
C ILE B 662 3.67 -24.45 -23.97
N SER B 663 4.67 -23.58 -24.09
CA SER B 663 5.15 -22.85 -22.92
C SER B 663 4.04 -22.00 -22.32
N GLN B 664 3.29 -21.30 -23.17
CA GLN B 664 2.18 -20.48 -22.71
C GLN B 664 1.11 -21.33 -22.03
N ALA B 665 0.88 -22.52 -22.59
CA ALA B 665 -0.09 -23.47 -22.03
C ALA B 665 0.30 -23.94 -20.63
N LEU B 666 1.57 -24.30 -20.48
CA LEU B 666 2.10 -24.74 -19.19
C LEU B 666 2.08 -23.60 -18.19
N ALA B 667 2.29 -22.37 -18.68
CA ALA B 667 2.25 -21.20 -17.81
C ALA B 667 0.82 -20.96 -17.31
N ASN B 668 -0.15 -21.08 -18.21
CA ASN B 668 -1.54 -20.93 -17.83
C ASN B 668 -1.92 -21.96 -16.78
N PHE B 669 -1.55 -23.21 -17.04
CA PHE B 669 -1.81 -24.31 -16.13
C PHE B 669 -1.25 -24.06 -14.74
N SER B 670 0.07 -23.82 -14.68
CA SER B 670 0.75 -23.68 -13.41
C SER B 670 0.35 -22.42 -12.63
N ILE B 671 0.30 -21.29 -13.31
CA ILE B 671 0.00 -20.03 -12.65
C ILE B 671 -1.46 -19.96 -12.18
N ARG B 672 -2.39 -20.43 -13.00
CA ARG B 672 -3.80 -20.21 -12.71
C ARG B 672 -4.52 -21.46 -12.20
N GLU B 673 -4.42 -22.54 -12.97
CA GLU B 673 -5.29 -23.68 -12.76
C GLU B 673 -4.97 -24.44 -11.48
N VAL B 674 -3.69 -24.74 -11.25
CA VAL B 674 -3.27 -25.47 -10.07
C VAL B 674 -3.62 -24.74 -8.78
N ARG B 675 -3.33 -23.44 -8.75
CA ARG B 675 -3.63 -22.62 -7.58
C ARG B 675 -5.14 -22.56 -7.39
N SER B 676 -5.88 -22.61 -8.49
CA SER B 676 -7.34 -22.59 -8.42
C SER B 676 -7.86 -23.88 -7.81
N VAL B 677 -7.20 -24.99 -8.13
CA VAL B 677 -7.58 -26.29 -7.58
C VAL B 677 -7.26 -26.39 -6.08
N VAL B 678 -6.03 -26.06 -5.71
CA VAL B 678 -5.62 -26.20 -4.32
C VAL B 678 -6.30 -25.20 -3.38
N LYS B 679 -6.41 -23.95 -3.82
CA LYS B 679 -6.99 -22.88 -3.00
C LYS B 679 -6.33 -22.79 -1.64
N ASP B 680 -7.13 -22.72 -0.59
CA ASP B 680 -6.62 -22.67 0.77
C ASP B 680 -6.87 -23.97 1.51
N GLU B 681 -7.08 -25.03 0.75
CA GLU B 681 -7.27 -26.36 1.33
C GLU B 681 -5.94 -26.96 1.76
N GLY B 682 -4.84 -26.37 1.28
CA GLY B 682 -3.50 -26.86 1.56
C GLY B 682 -2.44 -25.83 1.21
N LEU B 683 -1.19 -26.28 1.11
CA LEU B 683 -0.10 -25.39 0.71
C LEU B 683 0.49 -25.78 -0.65
N LEU B 684 0.33 -24.91 -1.64
CA LEU B 684 0.96 -25.12 -2.94
C LEU B 684 2.36 -24.52 -2.95
N ILE B 685 3.37 -25.33 -2.71
CA ILE B 685 4.74 -24.81 -2.62
C ILE B 685 5.29 -24.44 -3.99
N TYR B 686 5.12 -25.33 -4.95
CA TYR B 686 5.74 -25.15 -6.26
C TYR B 686 4.82 -25.61 -7.39
N ALA B 687 4.84 -24.86 -8.48
CA ALA B 687 4.05 -25.21 -9.65
C ALA B 687 4.61 -24.46 -10.86
N GLY B 688 5.58 -25.08 -11.52
CA GLY B 688 6.21 -24.48 -12.68
C GLY B 688 6.18 -25.42 -13.86
N GLY B 689 5.32 -25.12 -14.83
CA GLY B 689 5.07 -26.02 -15.93
C GLY B 689 4.40 -27.30 -15.47
N ASP B 690 4.93 -28.43 -15.93
CA ASP B 690 4.34 -29.73 -15.64
C ASP B 690 4.48 -30.16 -14.18
N ASP B 691 5.64 -29.94 -13.59
CA ASP B 691 5.90 -30.44 -12.23
C ASP B 691 5.22 -29.59 -11.15
N VAL B 692 4.65 -30.28 -10.15
CA VAL B 692 3.90 -29.65 -9.07
C VAL B 692 4.31 -30.20 -7.69
N LEU B 693 4.42 -29.33 -6.69
CA LEU B 693 4.68 -29.76 -5.31
C LEU B 693 3.70 -29.11 -4.33
N ALA B 694 2.95 -29.95 -3.62
CA ALA B 694 1.97 -29.44 -2.68
C ALA B 694 1.85 -30.29 -1.41
N ILE B 695 1.49 -29.65 -0.31
CA ILE B 695 1.22 -30.35 0.94
C ILE B 695 -0.27 -30.24 1.23
N LEU B 696 -0.93 -31.39 1.37
CA LEU B 696 -2.38 -31.43 1.51
C LEU B 696 -2.81 -32.24 2.72
N PRO B 697 -4.00 -31.93 3.25
CA PRO B 697 -4.58 -32.78 4.30
C PRO B 697 -5.00 -34.11 3.70
N VAL B 698 -5.06 -35.14 4.53
CA VAL B 698 -5.23 -36.50 4.04
C VAL B 698 -6.56 -36.71 3.28
N ASP B 699 -7.59 -35.94 3.64
CA ASP B 699 -8.88 -36.03 2.98
C ASP B 699 -8.87 -35.40 1.58
N LYS B 700 -8.17 -34.29 1.44
CA LYS B 700 -8.16 -33.50 0.21
C LYS B 700 -7.20 -34.00 -0.89
N ALA B 701 -6.26 -34.86 -0.52
CA ALA B 701 -5.16 -35.24 -1.42
C ALA B 701 -5.59 -35.84 -2.76
N LEU B 702 -6.45 -36.86 -2.69
CA LEU B 702 -6.88 -37.57 -3.90
C LEU B 702 -7.68 -36.66 -4.83
N GLU B 703 -8.59 -35.87 -4.26
CA GLU B 703 -9.43 -34.98 -5.04
C GLU B 703 -8.57 -33.94 -5.74
N VAL B 704 -7.65 -33.35 -4.99
CA VAL B 704 -6.77 -32.33 -5.52
C VAL B 704 -5.90 -32.89 -6.66
N ALA B 705 -5.28 -34.03 -6.43
CA ALA B 705 -4.44 -34.66 -7.44
C ALA B 705 -5.22 -34.95 -8.72
N TYR B 706 -6.40 -35.55 -8.54
CA TYR B 706 -7.24 -35.89 -9.68
C TYR B 706 -7.69 -34.65 -10.46
N LYS B 707 -8.04 -33.58 -9.75
CA LYS B 707 -8.52 -32.37 -10.40
C LYS B 707 -7.40 -31.59 -11.09
N ILE B 708 -6.20 -31.63 -10.53
CA ILE B 708 -5.04 -31.02 -11.17
C ILE B 708 -4.73 -31.79 -12.45
N ARG B 709 -4.85 -33.12 -12.38
CA ARG B 709 -4.66 -33.96 -13.56
C ARG B 709 -5.71 -33.66 -14.63
N LYS B 710 -6.96 -33.48 -14.19
CA LYS B 710 -8.07 -33.20 -15.09
C LYS B 710 -7.87 -31.86 -15.79
N GLU B 711 -7.42 -30.87 -15.02
CA GLU B 711 -7.21 -29.53 -15.53
C GLU B 711 -5.99 -29.51 -16.45
N PHE B 712 -5.05 -30.40 -16.19
CA PHE B 712 -3.89 -30.60 -17.06
C PHE B 712 -4.29 -31.38 -18.30
N GLY B 713 -5.48 -31.98 -18.25
CA GLY B 713 -6.00 -32.72 -19.37
C GLY B 713 -6.70 -31.85 -20.39
N LYS B 714 -7.37 -30.80 -19.91
CA LYS B 714 -8.13 -29.90 -20.77
C LYS B 714 -7.25 -29.27 -21.84
N SER B 715 -7.84 -28.97 -23.00
CA SER B 715 -7.11 -28.38 -24.11
C SER B 715 -7.36 -26.90 -24.19
N PHE B 716 -8.52 -26.48 -23.72
CA PHE B 716 -8.89 -25.06 -23.72
C PHE B 716 -9.65 -24.70 -22.45
N GLU B 717 -9.29 -23.57 -21.86
CA GLU B 717 -10.07 -22.97 -20.79
C GLU B 717 -10.30 -21.50 -21.16
N ASN B 718 -11.55 -21.16 -21.42
CA ASN B 718 -11.90 -19.87 -22.02
C ASN B 718 -11.14 -19.66 -23.32
N GLY B 719 -10.59 -18.47 -23.51
CA GLY B 719 -9.84 -18.19 -24.72
C GLY B 719 -8.46 -18.84 -24.73
N SER B 720 -7.85 -18.92 -23.55
CA SER B 720 -6.47 -19.39 -23.43
C SER B 720 -6.33 -20.89 -23.64
N LEU B 721 -5.10 -21.32 -23.90
CA LEU B 721 -4.79 -22.73 -24.09
C LEU B 721 -4.39 -23.43 -22.80
N LEU B 722 -4.61 -24.74 -22.75
CA LEU B 722 -4.13 -25.57 -21.65
C LEU B 722 -3.36 -26.74 -22.26
N PRO B 723 -2.54 -27.43 -21.44
CA PRO B 723 -1.81 -28.58 -21.99
C PRO B 723 -2.75 -29.71 -22.35
N GLY B 724 -2.67 -30.23 -23.58
CA GLY B 724 -3.54 -31.31 -23.97
C GLY B 724 -2.88 -32.65 -23.73
N TRP B 725 -2.26 -32.79 -22.57
CA TRP B 725 -1.40 -33.93 -22.31
C TRP B 725 -1.76 -34.61 -21.00
N LYS B 726 -0.85 -35.43 -20.49
CA LYS B 726 -1.09 -36.26 -19.32
C LYS B 726 0.09 -36.20 -18.36
N LEU B 727 -0.17 -36.33 -17.07
CA LEU B 727 0.91 -36.36 -16.09
C LEU B 727 0.73 -37.47 -15.08
N SER B 728 1.85 -37.94 -14.52
CA SER B 728 1.82 -38.92 -13.46
C SER B 728 2.11 -38.22 -12.13
N ALA B 729 1.71 -38.85 -11.03
CA ALA B 729 1.90 -38.22 -9.73
C ALA B 729 2.20 -39.24 -8.65
N GLY B 730 2.72 -38.74 -7.52
CA GLY B 730 2.96 -39.55 -6.35
C GLY B 730 2.42 -38.86 -5.13
N ILE B 731 1.54 -39.56 -4.40
CA ILE B 731 0.99 -39.05 -3.15
C ILE B 731 1.51 -39.90 -1.99
N LEU B 732 2.18 -39.26 -1.05
CA LEU B 732 2.70 -40.01 0.09
C LEU B 732 2.11 -39.50 1.40
N ILE B 733 1.41 -40.38 2.09
CA ILE B 733 0.79 -40.06 3.37
C ILE B 733 1.73 -40.44 4.50
N VAL B 734 2.10 -39.44 5.30
CA VAL B 734 3.15 -39.55 6.28
C VAL B 734 2.66 -39.11 7.66
N HIS B 735 3.19 -39.71 8.72
CA HIS B 735 2.95 -39.23 10.07
C HIS B 735 3.71 -37.92 10.27
N TYR B 736 3.14 -37.00 11.05
CA TYR B 736 3.69 -35.66 11.19
C TYR B 736 5.09 -35.63 11.82
N LYS B 737 5.36 -36.59 12.69
CA LYS B 737 6.65 -36.65 13.40
C LYS B 737 7.78 -37.07 12.47
N HIS B 738 7.45 -37.88 11.47
CA HIS B 738 8.41 -38.38 10.50
C HIS B 738 9.21 -37.27 9.83
N PRO B 739 10.54 -37.47 9.68
CA PRO B 739 11.44 -36.48 9.07
C PRO B 739 11.03 -36.09 7.66
N LEU B 740 10.99 -34.78 7.41
CA LEU B 740 10.44 -34.24 6.17
C LEU B 740 11.30 -34.61 4.95
N TYR B 741 12.62 -34.60 5.12
CA TYR B 741 13.52 -34.88 4.01
C TYR B 741 13.33 -36.31 3.50
N ASP B 742 13.15 -37.25 4.43
CA ASP B 742 12.90 -38.64 4.08
C ASP B 742 11.55 -38.78 3.38
N ALA B 743 10.57 -38.03 3.87
CA ALA B 743 9.22 -38.05 3.30
C ALA B 743 9.24 -37.57 1.85
N LEU B 744 9.94 -36.47 1.61
CA LEU B 744 10.09 -35.93 0.26
C LEU B 744 10.84 -36.92 -0.62
N GLU B 745 11.85 -37.57 -0.05
CA GLU B 745 12.62 -38.58 -0.77
C GLU B 745 11.72 -39.72 -1.25
N LYS B 746 10.89 -40.23 -0.34
CA LYS B 746 9.99 -41.33 -0.67
C LYS B 746 8.87 -40.90 -1.60
N ALA B 747 8.49 -39.62 -1.55
CA ALA B 747 7.49 -39.10 -2.47
C ALA B 747 8.05 -39.05 -3.89
N ARG B 748 9.24 -38.50 -4.01
CA ARG B 748 9.91 -38.43 -5.30
C ARG B 748 10.18 -39.83 -5.81
N ASP B 749 10.40 -40.76 -4.88
CA ASP B 749 10.56 -42.18 -5.19
C ASP B 749 9.28 -42.75 -5.80
N LEU B 750 8.15 -42.46 -5.17
CA LEU B 750 6.86 -42.92 -5.65
C LEU B 750 6.56 -42.39 -7.05
N LEU B 751 6.92 -41.13 -7.30
CA LEU B 751 6.65 -40.54 -8.60
C LEU B 751 7.60 -41.05 -9.69
N ASN B 752 8.89 -41.07 -9.40
CA ASN B 752 9.90 -41.31 -10.41
C ASN B 752 10.18 -42.79 -10.70
N ASN B 753 10.13 -43.62 -9.66
CA ASN B 753 10.49 -45.02 -9.81
C ASN B 753 9.28 -45.96 -9.92
N LYS B 754 8.12 -45.50 -9.46
CA LYS B 754 6.93 -46.32 -9.52
C LYS B 754 6.01 -45.85 -10.65
N ALA B 755 5.56 -44.60 -10.58
CA ALA B 755 4.59 -44.06 -11.54
C ALA B 755 5.13 -43.99 -12.95
N LYS B 756 6.40 -43.64 -13.11
CA LYS B 756 6.96 -43.43 -14.44
C LYS B 756 7.49 -44.71 -15.08
N ASN B 757 7.48 -45.80 -14.33
CA ASN B 757 7.95 -47.08 -14.84
C ASN B 757 6.83 -47.94 -15.41
N VAL B 758 5.61 -47.46 -15.25
CA VAL B 758 4.46 -48.12 -15.84
C VAL B 758 4.34 -47.70 -17.30
N PRO B 759 4.17 -48.68 -18.21
CA PRO B 759 4.06 -48.38 -19.63
C PRO B 759 2.91 -47.42 -19.93
N GLY B 760 3.22 -46.37 -20.69
CA GLY B 760 2.23 -45.35 -21.02
C GLY B 760 2.08 -44.32 -19.92
N LYS B 761 2.68 -44.61 -18.77
CA LYS B 761 2.64 -43.72 -17.61
C LYS B 761 1.20 -43.31 -17.26
N ASP B 762 1.03 -42.02 -16.97
CA ASP B 762 -0.25 -41.46 -16.56
C ASP B 762 -0.83 -42.23 -15.38
N THR B 763 -0.01 -42.43 -14.35
CA THR B 763 -0.48 -43.13 -13.16
C THR B 763 -0.27 -42.32 -11.89
N LEU B 764 -1.08 -42.65 -10.89
CA LEU B 764 -0.92 -42.11 -9.56
C LEU B 764 -0.39 -43.20 -8.65
N ALA B 765 0.73 -42.90 -7.98
CA ALA B 765 1.32 -43.85 -7.05
C ALA B 765 1.08 -43.37 -5.62
N ILE B 766 0.26 -44.11 -4.90
CA ILE B 766 -0.09 -43.74 -3.53
C ILE B 766 0.62 -44.62 -2.51
N GLY B 767 1.34 -43.99 -1.60
CA GLY B 767 2.05 -44.72 -0.57
C GLY B 767 1.62 -44.23 0.81
N LEU B 768 1.38 -45.17 1.71
CA LEU B 768 1.09 -44.84 3.09
C LEU B 768 2.23 -45.35 3.98
N LEU B 769 2.85 -44.42 4.71
CA LEU B 769 3.93 -44.79 5.61
C LEU B 769 3.53 -44.51 7.06
N LYS B 770 2.99 -45.53 7.71
CA LYS B 770 2.49 -45.36 9.08
C LYS B 770 3.63 -45.24 10.07
N ARG B 771 3.32 -44.76 11.27
CA ARG B 771 4.32 -44.65 12.34
C ARG B 771 4.87 -46.02 12.69
N SER B 772 4.05 -47.05 12.47
CA SER B 772 4.42 -48.44 12.69
C SER B 772 5.67 -48.84 11.92
N GLY B 773 5.87 -48.22 10.76
CA GLY B 773 7.02 -48.50 9.93
C GLY B 773 6.61 -49.22 8.66
N SER B 774 5.39 -49.75 8.67
CA SER B 774 4.87 -50.48 7.52
C SER B 774 4.54 -49.53 6.37
N TYR B 775 4.97 -49.91 5.17
CA TYR B 775 4.88 -49.03 3.99
C TYR B 775 4.05 -49.67 2.89
N TYR B 776 2.85 -49.14 2.68
CA TYR B 776 1.93 -49.72 1.69
C TYR B 776 1.93 -48.92 0.40
N ILE B 777 2.19 -49.58 -0.72
CA ILE B 777 2.23 -48.88 -2.01
C ILE B 777 1.17 -49.42 -2.98
N SER B 778 0.42 -48.50 -3.59
CA SER B 778 -0.59 -48.84 -4.59
C SER B 778 -0.46 -48.00 -5.85
N LEU B 779 -0.32 -48.66 -6.99
CA LEU B 779 -0.23 -47.98 -8.28
C LEU B 779 -1.60 -48.02 -8.96
N VAL B 780 -2.14 -46.84 -9.27
CA VAL B 780 -3.53 -46.71 -9.65
C VAL B 780 -3.74 -45.68 -10.77
N GLY B 781 -4.57 -46.01 -11.74
CA GLY B 781 -4.88 -45.09 -12.83
C GLY B 781 -5.81 -43.99 -12.36
N TRP B 782 -5.72 -42.83 -13.01
CA TRP B 782 -6.44 -41.64 -12.56
C TRP B 782 -7.94 -41.87 -12.48
N GLU B 783 -8.46 -42.64 -13.42
CA GLU B 783 -9.89 -42.88 -13.55
C GLU B 783 -10.46 -43.59 -12.31
N LEU B 784 -9.61 -44.38 -11.66
CA LEU B 784 -10.02 -45.14 -10.49
C LEU B 784 -10.49 -44.21 -9.39
N ILE B 785 -9.93 -43.01 -9.33
CA ILE B 785 -10.33 -42.04 -8.32
C ILE B 785 -11.78 -41.65 -8.52
N ARG B 786 -12.14 -41.37 -9.78
CA ARG B 786 -13.50 -40.96 -10.11
C ARG B 786 -14.48 -42.10 -9.88
N VAL B 787 -14.14 -43.27 -10.43
CA VAL B 787 -15.01 -44.43 -10.31
C VAL B 787 -15.25 -44.77 -8.84
N PHE B 788 -14.17 -44.84 -8.06
CA PHE B 788 -14.29 -45.17 -6.64
C PHE B 788 -15.04 -44.12 -5.84
N TYR B 789 -14.84 -42.85 -6.17
CA TYR B 789 -15.57 -41.79 -5.47
C TYR B 789 -17.07 -41.93 -5.78
N ASN B 790 -17.37 -42.34 -7.01
CA ASN B 790 -18.75 -42.58 -7.42
C ASN B 790 -19.28 -43.93 -6.93
N SER B 791 -18.38 -44.87 -6.70
CA SER B 791 -18.76 -46.24 -6.35
C SER B 791 -19.57 -46.31 -5.05
N GLU B 792 -20.53 -47.24 -5.02
CA GLU B 792 -21.30 -47.52 -3.81
C GLU B 792 -20.42 -48.22 -2.78
N LEU B 793 -19.38 -48.90 -3.27
CA LEU B 793 -18.42 -49.57 -2.40
C LEU B 793 -17.80 -48.61 -1.39
N ARG B 794 -17.51 -47.39 -1.84
CA ARG B 794 -16.96 -46.36 -0.97
C ARG B 794 -17.96 -45.96 0.12
N LYS B 795 -19.20 -45.74 -0.30
CA LYS B 795 -20.26 -45.33 0.62
C LYS B 795 -20.49 -46.38 1.69
N LYS B 796 -20.50 -47.64 1.29
CA LYS B 796 -20.66 -48.75 2.23
C LYS B 796 -19.44 -48.89 3.14
N LEU B 797 -18.26 -48.72 2.57
CA LEU B 797 -17.00 -48.86 3.33
C LEU B 797 -16.86 -47.81 4.42
N LEU B 798 -17.19 -46.56 4.08
CA LEU B 798 -17.05 -45.47 5.04
C LEU B 798 -18.12 -45.56 6.13
N GLU B 799 -19.34 -45.91 5.76
CA GLU B 799 -20.44 -46.03 6.71
C GLU B 799 -20.65 -47.48 7.13
N ARG B 807 -11.78 -55.47 7.80
CA ARG B 807 -12.32 -56.83 7.81
C ARG B 807 -12.21 -57.45 6.42
N PHE B 808 -12.90 -56.85 5.46
CA PHE B 808 -12.91 -57.30 4.07
C PHE B 808 -11.51 -57.28 3.46
N ILE B 809 -10.88 -56.11 3.52
CA ILE B 809 -9.58 -55.87 2.87
C ILE B 809 -8.48 -56.80 3.38
N TYR B 810 -8.43 -56.98 4.70
CA TYR B 810 -7.42 -57.83 5.31
C TYR B 810 -7.53 -59.25 4.76
N HIS B 811 -8.76 -59.75 4.70
CA HIS B 811 -9.01 -61.10 4.24
C HIS B 811 -8.69 -61.24 2.76
N VAL B 812 -9.04 -60.24 1.96
CA VAL B 812 -8.72 -60.33 0.54
C VAL B 812 -7.21 -60.36 0.35
N LEU B 813 -6.51 -59.42 0.98
CA LEU B 813 -5.05 -59.32 0.84
C LEU B 813 -4.34 -60.58 1.35
N ARG B 814 -4.87 -61.17 2.41
CA ARG B 814 -4.33 -62.37 2.99
C ARG B 814 -4.50 -63.52 2.01
N GLU B 815 -5.66 -63.54 1.36
CA GLU B 815 -5.98 -64.60 0.41
C GLU B 815 -5.23 -64.48 -0.92
N VAL B 816 -4.90 -63.25 -1.34
CA VAL B 816 -4.38 -63.01 -2.69
C VAL B 816 -3.07 -63.75 -3.00
N ASP B 817 -2.06 -63.59 -2.14
CA ASP B 817 -0.75 -64.20 -2.35
C ASP B 817 -0.92 -65.70 -2.54
N THR B 818 -1.71 -66.30 -1.66
CA THR B 818 -1.96 -67.74 -1.71
C THR B 818 -2.99 -68.07 -2.78
N TRP B 819 -3.86 -67.13 -3.12
CA TRP B 819 -4.91 -67.43 -4.08
C TRP B 819 -4.29 -67.70 -5.45
N PRO B 820 -4.88 -68.62 -6.20
CA PRO B 820 -4.38 -68.97 -7.53
C PRO B 820 -5.12 -68.24 -8.64
N ILE B 824 -8.65 -65.47 -11.18
CA ILE B 824 -8.90 -65.16 -9.78
C ILE B 824 -10.29 -64.57 -9.58
N ASP B 825 -11.01 -64.37 -10.69
CA ASP B 825 -12.38 -63.87 -10.65
C ASP B 825 -13.32 -64.71 -9.78
N GLU B 826 -13.11 -66.03 -9.78
CA GLU B 826 -13.89 -66.91 -8.92
C GLU B 826 -13.59 -66.64 -7.44
N MET B 827 -12.32 -66.46 -7.12
CA MET B 827 -11.90 -66.16 -5.76
C MET B 827 -12.45 -64.81 -5.29
N LEU B 828 -12.44 -63.85 -6.22
CA LEU B 828 -12.98 -62.52 -5.93
C LEU B 828 -14.47 -62.63 -5.63
N LYS B 829 -15.21 -63.25 -6.54
CA LYS B 829 -16.64 -63.46 -6.37
C LYS B 829 -16.92 -64.12 -5.02
N PHE B 830 -16.08 -65.10 -4.68
CA PHE B 830 -16.18 -65.80 -3.40
C PHE B 830 -16.05 -64.86 -2.21
N GLU B 831 -15.05 -63.98 -2.25
CA GLU B 831 -14.81 -63.05 -1.15
C GLU B 831 -15.90 -61.99 -1.06
N VAL B 832 -16.34 -61.49 -2.22
CA VAL B 832 -17.41 -60.51 -2.27
C VAL B 832 -18.70 -61.07 -1.68
N ILE B 833 -19.09 -62.26 -2.14
CA ILE B 833 -20.27 -62.94 -1.58
C ILE B 833 -20.09 -63.13 -0.08
N ARG B 834 -18.88 -63.51 0.32
CA ARG B 834 -18.57 -63.77 1.71
C ARG B 834 -18.75 -62.56 2.63
N HIS B 835 -18.31 -61.39 2.20
CA HIS B 835 -18.29 -60.24 3.09
C HIS B 835 -19.38 -59.17 2.87
N ILE B 836 -20.18 -59.31 1.83
CA ILE B 836 -21.25 -58.34 1.59
C ILE B 836 -22.59 -59.04 1.39
N LYS B 841 -32.70 -60.33 1.92
CA LYS B 841 -33.52 -59.56 1.00
C LYS B 841 -33.02 -59.69 -0.43
N GLU B 842 -33.74 -59.08 -1.37
CA GLU B 842 -33.31 -58.95 -2.76
C GLU B 842 -32.14 -57.99 -2.83
N GLU B 843 -32.16 -57.01 -1.93
CA GLU B 843 -31.19 -55.92 -1.90
C GLU B 843 -29.76 -56.44 -1.68
N THR B 844 -29.61 -57.49 -0.90
CA THR B 844 -28.28 -58.02 -0.60
C THR B 844 -27.66 -58.63 -1.87
N LYS B 845 -28.48 -59.34 -2.63
CA LYS B 845 -28.06 -59.91 -3.92
C LYS B 845 -27.71 -58.78 -4.88
N GLU B 846 -28.55 -57.75 -4.85
CA GLU B 846 -28.35 -56.55 -5.65
C GLU B 846 -26.96 -56.00 -5.36
N LEU B 847 -26.63 -55.93 -4.07
CA LEU B 847 -25.37 -55.39 -3.60
C LEU B 847 -24.19 -56.26 -3.99
N ARG B 848 -24.37 -57.58 -3.93
CA ARG B 848 -23.29 -58.47 -4.32
C ARG B 848 -22.94 -58.31 -5.79
N GLU B 849 -23.97 -58.31 -6.65
CA GLU B 849 -23.70 -58.16 -8.09
C GLU B 849 -23.14 -56.78 -8.40
N LYS B 850 -23.68 -55.76 -7.76
CA LYS B 850 -23.29 -54.38 -8.03
C LYS B 850 -21.87 -54.06 -7.55
N ILE B 851 -21.54 -54.46 -6.32
CA ILE B 851 -20.22 -54.22 -5.77
C ILE B 851 -19.18 -55.11 -6.43
N TYR B 852 -19.56 -56.34 -6.79
CA TYR B 852 -18.64 -57.18 -7.55
C TYR B 852 -18.34 -56.52 -8.90
N GLY B 853 -19.36 -55.94 -9.51
CA GLY B 853 -19.17 -55.20 -10.75
C GLY B 853 -18.27 -54.01 -10.56
N GLU B 854 -18.47 -53.28 -9.47
CA GLU B 854 -17.68 -52.09 -9.17
C GLU B 854 -16.21 -52.43 -8.95
N ILE B 855 -15.96 -53.49 -8.22
CA ILE B 855 -14.59 -53.96 -7.97
C ILE B 855 -13.95 -54.43 -9.28
N LYS B 856 -14.72 -55.14 -10.09
CA LYS B 856 -14.22 -55.62 -11.37
C LYS B 856 -13.84 -54.45 -12.27
N ASP B 857 -14.63 -53.39 -12.22
CA ASP B 857 -14.36 -52.17 -12.98
C ASP B 857 -13.10 -51.48 -12.46
N LEU B 858 -12.99 -51.39 -11.14
CA LEU B 858 -11.85 -50.74 -10.50
C LEU B 858 -10.56 -51.46 -10.85
N LEU B 859 -10.63 -52.79 -10.97
CA LEU B 859 -9.45 -53.58 -11.27
C LEU B 859 -8.84 -53.19 -12.61
N GLU B 860 -9.67 -52.71 -13.52
CA GLU B 860 -9.20 -52.27 -14.83
C GLU B 860 -8.22 -51.10 -14.69
N HIS B 861 -8.52 -50.20 -13.77
CA HIS B 861 -7.74 -48.99 -13.60
C HIS B 861 -6.55 -49.19 -12.67
N VAL B 862 -6.38 -50.40 -12.15
CA VAL B 862 -5.24 -50.70 -11.28
C VAL B 862 -4.03 -51.12 -12.10
N ARG B 863 -2.87 -50.58 -11.75
CA ARG B 863 -1.63 -50.86 -12.46
C ARG B 863 -1.03 -52.19 -12.02
N GLY B 864 -1.36 -53.25 -12.74
CA GLY B 864 -0.81 -54.57 -12.47
C GLY B 864 -0.52 -55.34 -13.73
N ASN B 865 0.52 -56.18 -13.70
CA ASN B 865 0.89 -56.97 -14.86
C ASN B 865 0.04 -58.22 -15.00
N ASN B 866 -0.56 -58.65 -13.89
CA ASN B 866 -1.55 -59.73 -13.90
C ASN B 866 -2.65 -59.44 -12.88
N GLU B 867 -3.77 -60.16 -12.98
CA GLU B 867 -4.95 -59.85 -12.18
C GLU B 867 -4.68 -59.92 -10.67
N VAL B 868 -3.73 -60.77 -10.28
CA VAL B 868 -3.36 -60.90 -8.87
C VAL B 868 -2.82 -59.57 -8.36
N GLU B 869 -1.95 -58.96 -9.17
CA GLU B 869 -1.37 -57.68 -8.84
C GLU B 869 -2.48 -56.64 -8.76
N LYS B 870 -3.39 -56.68 -9.72
CA LYS B 870 -4.49 -55.72 -9.79
C LYS B 870 -5.35 -55.75 -8.52
N VAL B 871 -5.64 -56.96 -8.03
CA VAL B 871 -6.42 -57.11 -6.79
C VAL B 871 -5.61 -56.64 -5.58
N ARG B 872 -4.34 -57.01 -5.53
CA ARG B 872 -3.48 -56.61 -4.41
C ARG B 872 -3.38 -55.09 -4.32
N GLY B 873 -3.22 -54.46 -5.48
CA GLY B 873 -3.09 -53.02 -5.57
C GLY B 873 -4.37 -52.32 -5.19
N LEU B 874 -5.49 -52.80 -5.73
CA LEU B 874 -6.79 -52.19 -5.45
C LEU B 874 -7.10 -52.26 -3.96
N PHE B 875 -6.85 -53.42 -3.35
CA PHE B 875 -7.18 -53.58 -1.95
C PHE B 875 -6.12 -52.98 -1.02
N THR B 876 -4.92 -52.75 -1.54
CA THR B 876 -3.94 -51.98 -0.79
C THR B 876 -4.42 -50.54 -0.71
N PHE B 877 -4.89 -50.04 -1.85
CA PHE B 877 -5.50 -48.71 -1.94
C PHE B 877 -6.68 -48.58 -0.95
N LEU B 878 -7.50 -49.61 -0.95
CA LEU B 878 -8.67 -49.66 -0.07
C LEU B 878 -8.27 -49.70 1.39
N LYS B 879 -7.15 -50.37 1.69
CA LYS B 879 -6.62 -50.39 3.06
C LYS B 879 -6.12 -49.01 3.46
N ILE B 880 -5.46 -48.34 2.52
CA ILE B 880 -4.92 -47.01 2.75
C ILE B 880 -6.02 -46.03 3.12
N ILE B 881 -7.09 -45.99 2.33
CA ILE B 881 -8.16 -45.04 2.65
C ILE B 881 -8.93 -45.41 3.92
N THR B 882 -9.22 -46.69 4.09
CA THR B 882 -10.02 -47.15 5.22
C THR B 882 -9.17 -47.41 6.46
N ASP B 883 -8.41 -46.40 6.88
CA ASP B 883 -7.59 -46.50 8.07
C ASP B 883 -8.06 -45.54 9.16
N ALA B 884 -8.39 -46.10 10.32
CA ALA B 884 -8.91 -45.30 11.43
C ALA B 884 -7.82 -44.42 12.02
N GLU B 885 -6.57 -44.81 11.83
CA GLU B 885 -5.43 -44.05 12.34
C GLU B 885 -5.13 -42.88 11.41
N VAL B 886 -5.19 -43.14 10.11
CA VAL B 886 -4.87 -42.13 9.11
C VAL B 886 -6.08 -41.24 8.82
N PHE B 887 -7.28 -41.82 8.87
CA PHE B 887 -8.51 -41.08 8.63
C PHE B 887 -9.45 -41.16 9.83
N PRO B 888 -9.21 -40.34 10.87
CA PRO B 888 -10.08 -40.28 12.05
C PRO B 888 -11.50 -39.86 11.71
#